data_1KUM
# 
_entry.id   1KUM 
# 
_audit_conform.dict_name       mmcif_pdbx.dic 
_audit_conform.dict_version    5.399 
_audit_conform.dict_location   http://mmcif.pdb.org/dictionaries/ascii/mmcif_pdbx.dic 
# 
loop_
_database_2.database_id 
_database_2.database_code 
_database_2.pdbx_database_accession 
_database_2.pdbx_DOI 
PDB   1KUM         pdb_00001kum 10.2210/pdb1kum/pdb 
WWPDB D_1000174497 ?            ?                   
# 
loop_
_pdbx_audit_revision_history.ordinal 
_pdbx_audit_revision_history.data_content_type 
_pdbx_audit_revision_history.major_revision 
_pdbx_audit_revision_history.minor_revision 
_pdbx_audit_revision_history.revision_date 
1 'Structure model' 1 0 1996-07-11 
2 'Structure model' 1 1 2008-03-24 
3 'Structure model' 1 2 2011-07-13 
4 'Structure model' 1 3 2022-02-23 
5 'Structure model' 1 4 2024-11-20 
# 
_pdbx_audit_revision_details.ordinal             1 
_pdbx_audit_revision_details.revision_ordinal    1 
_pdbx_audit_revision_details.data_content_type   'Structure model' 
_pdbx_audit_revision_details.provider            repository 
_pdbx_audit_revision_details.type                'Initial release' 
_pdbx_audit_revision_details.description         ? 
_pdbx_audit_revision_details.details             ? 
# 
loop_
_pdbx_audit_revision_group.ordinal 
_pdbx_audit_revision_group.revision_ordinal 
_pdbx_audit_revision_group.data_content_type 
_pdbx_audit_revision_group.group 
1 2 'Structure model' 'Version format compliance' 
2 3 'Structure model' 'Version format compliance' 
3 4 'Structure model' 'Database references'       
4 4 'Structure model' 'Derived calculations'      
5 4 'Structure model' Other                       
6 5 'Structure model' 'Data collection'           
7 5 'Structure model' 'Structure summary'         
# 
loop_
_pdbx_audit_revision_category.ordinal 
_pdbx_audit_revision_category.revision_ordinal 
_pdbx_audit_revision_category.data_content_type 
_pdbx_audit_revision_category.category 
1 4 'Structure model' database_2                
2 4 'Structure model' pdbx_database_status      
3 4 'Structure model' pdbx_struct_assembly      
4 4 'Structure model' pdbx_struct_oper_list     
5 5 'Structure model' chem_comp_atom            
6 5 'Structure model' chem_comp_bond            
7 5 'Structure model' pdbx_entry_details        
8 5 'Structure model' pdbx_modification_feature 
# 
loop_
_pdbx_audit_revision_item.ordinal 
_pdbx_audit_revision_item.revision_ordinal 
_pdbx_audit_revision_item.data_content_type 
_pdbx_audit_revision_item.item 
1 4 'Structure model' '_database_2.pdbx_DOI'                
2 4 'Structure model' '_database_2.pdbx_database_accession' 
3 4 'Structure model' '_pdbx_database_status.process_site'  
# 
_pdbx_database_status.status_code                     REL 
_pdbx_database_status.entry_id                        1KUM 
_pdbx_database_status.recvd_initial_deposition_date   1996-01-12 
_pdbx_database_status.deposit_site                    ? 
_pdbx_database_status.process_site                    BNL 
_pdbx_database_status.SG_entry                        . 
_pdbx_database_status.pdb_format_compatible           Y 
_pdbx_database_status.status_code_mr                  ? 
_pdbx_database_status.status_code_sf                  ? 
_pdbx_database_status.status_code_cs                  ? 
_pdbx_database_status.status_code_nmr_data            ? 
_pdbx_database_status.methods_development_category    ? 
# 
_pdbx_database_related.db_name        PDB 
_pdbx_database_related.db_id          1KUL 
_pdbx_database_related.details        . 
_pdbx_database_related.content_type   ensemble 
# 
loop_
_audit_author.name 
_audit_author.pdbx_ordinal 
'Sorimachi, K.'         1 
'Jacks, A.J.'           2 
'Le Gal-Coeffet, M.-F.' 3 
'Williamson, G.'        4 
'Archer, D.B.'          5 
'Williamson, M.P.'      6 
# 
loop_
_citation.id 
_citation.title 
_citation.journal_abbrev 
_citation.journal_volume 
_citation.page_first 
_citation.page_last 
_citation.year 
_citation.journal_id_ASTM 
_citation.country 
_citation.journal_id_ISSN 
_citation.journal_id_CSD 
_citation.book_publisher 
_citation.pdbx_database_id_PubMed 
_citation.pdbx_database_id_DOI 
primary 
;Solution structure of the granular starch binding domain of glucoamylase from Aspergillus niger by nuclear magnetic resonance spectroscopy.
;
J.Mol.Biol.    259 970 987 1996 JMOBAK UK 0022-2836 0070 ? 8683599 10.1006/jmbi.1996.0374 
1       '1H and 15N Assignments and Secondary Structure of the Starch-Binding Domain of Glucoamylase from Aspergillus Niger' 
Eur.J.Biochem. 233 568 ?   1995 EJBCAI IX 0014-2956 0262 ? ?       ?                      
# 
loop_
_citation_author.citation_id 
_citation_author.name 
_citation_author.ordinal 
_citation_author.identifier_ORCID 
primary 'Sorimachi, K.'        1  ? 
primary 'Jacks, A.J.'          2  ? 
primary 'Le Gal-Coeffet, M.F.' 3  ? 
primary 'Williamson, G.'       4  ? 
primary 'Archer, D.B.'         5  ? 
primary 'Williamson, M.P.'     6  ? 
1       'Jacks, A.J.'          7  ? 
1       'Sorimachi, K.'        8  ? 
1       'Le Gal-Coeffet, M.F.' 9  ? 
1       'Williamson, G.'       10 ? 
1       'Archer, D.B.'         11 ? 
1       'Williamson, M.P.'     12 ? 
# 
_entity.id                         1 
_entity.type                       polymer 
_entity.src_method                 man 
_entity.pdbx_description           GLUCOAMYLASE 
_entity.formula_weight             11884.820 
_entity.pdbx_number_of_molecules   1 
_entity.pdbx_ec                    3.2.1.3 
_entity.pdbx_mutation              ? 
_entity.pdbx_fragment              'BINDING DOMAIN, RESIDUES 509 - 616' 
_entity.details                    'PH 5.2, 313 K' 
# 
_entity_name_com.entity_id   1 
_entity_name_com.name        '1,4-ALPHA-D-GLUCAN GLUCOHYDROLASE' 
# 
_entity_poly.entity_id                      1 
_entity_poly.type                           'polypeptide(L)' 
_entity_poly.nstd_linkage                   no 
_entity_poly.nstd_monomer                   no 
_entity_poly.pdbx_seq_one_letter_code       
;CTTPTAVAVTFDLTATTTYGENIYLVGSISQLGDWETSDGIALSADKYTSSDPLWYVTVTLPAGESFEYKFIRIESDDSV
EWESDPNREYTVPQACGTSTATVTDTWR
;
_entity_poly.pdbx_seq_one_letter_code_can   
;CTTPTAVAVTFDLTATTTYGENIYLVGSISQLGDWETSDGIALSADKYTSSDPLWYVTVTLPAGESFEYKFIRIESDDSV
EWESDPNREYTVPQACGTSTATVTDTWR
;
_entity_poly.pdbx_strand_id                 A 
_entity_poly.pdbx_target_identifier         ? 
# 
loop_
_entity_poly_seq.entity_id 
_entity_poly_seq.num 
_entity_poly_seq.mon_id 
_entity_poly_seq.hetero 
1 1   CYS n 
1 2   THR n 
1 3   THR n 
1 4   PRO n 
1 5   THR n 
1 6   ALA n 
1 7   VAL n 
1 8   ALA n 
1 9   VAL n 
1 10  THR n 
1 11  PHE n 
1 12  ASP n 
1 13  LEU n 
1 14  THR n 
1 15  ALA n 
1 16  THR n 
1 17  THR n 
1 18  THR n 
1 19  TYR n 
1 20  GLY n 
1 21  GLU n 
1 22  ASN n 
1 23  ILE n 
1 24  TYR n 
1 25  LEU n 
1 26  VAL n 
1 27  GLY n 
1 28  SER n 
1 29  ILE n 
1 30  SER n 
1 31  GLN n 
1 32  LEU n 
1 33  GLY n 
1 34  ASP n 
1 35  TRP n 
1 36  GLU n 
1 37  THR n 
1 38  SER n 
1 39  ASP n 
1 40  GLY n 
1 41  ILE n 
1 42  ALA n 
1 43  LEU n 
1 44  SER n 
1 45  ALA n 
1 46  ASP n 
1 47  LYS n 
1 48  TYR n 
1 49  THR n 
1 50  SER n 
1 51  SER n 
1 52  ASP n 
1 53  PRO n 
1 54  LEU n 
1 55  TRP n 
1 56  TYR n 
1 57  VAL n 
1 58  THR n 
1 59  VAL n 
1 60  THR n 
1 61  LEU n 
1 62  PRO n 
1 63  ALA n 
1 64  GLY n 
1 65  GLU n 
1 66  SER n 
1 67  PHE n 
1 68  GLU n 
1 69  TYR n 
1 70  LYS n 
1 71  PHE n 
1 72  ILE n 
1 73  ARG n 
1 74  ILE n 
1 75  GLU n 
1 76  SER n 
1 77  ASP n 
1 78  ASP n 
1 79  SER n 
1 80  VAL n 
1 81  GLU n 
1 82  TRP n 
1 83  GLU n 
1 84  SER n 
1 85  ASP n 
1 86  PRO n 
1 87  ASN n 
1 88  ARG n 
1 89  GLU n 
1 90  TYR n 
1 91  THR n 
1 92  VAL n 
1 93  PRO n 
1 94  GLN n 
1 95  ALA n 
1 96  CYS n 
1 97  GLY n 
1 98  THR n 
1 99  SER n 
1 100 THR n 
1 101 ALA n 
1 102 THR n 
1 103 VAL n 
1 104 THR n 
1 105 ASP n 
1 106 THR n 
1 107 TRP n 
1 108 ARG n 
# 
_entity_src_gen.entity_id                          1 
_entity_src_gen.pdbx_src_id                        1 
_entity_src_gen.pdbx_alt_source_flag               sample 
_entity_src_gen.pdbx_seq_type                      ? 
_entity_src_gen.pdbx_beg_seq_num                   ? 
_entity_src_gen.pdbx_end_seq_num                   ? 
_entity_src_gen.gene_src_common_name               ? 
_entity_src_gen.gene_src_genus                     Aspergillus 
_entity_src_gen.pdbx_gene_src_gene                 'A. NIGER GLAA' 
_entity_src_gen.gene_src_species                   ? 
_entity_src_gen.gene_src_strain                    AB4.1 
_entity_src_gen.gene_src_tissue                    ? 
_entity_src_gen.gene_src_tissue_fraction           ? 
_entity_src_gen.gene_src_details                   ? 
_entity_src_gen.pdbx_gene_src_fragment             ? 
_entity_src_gen.pdbx_gene_src_scientific_name      'Aspergillus niger' 
_entity_src_gen.pdbx_gene_src_ncbi_taxonomy_id     5061 
_entity_src_gen.pdbx_gene_src_variant              ? 
_entity_src_gen.pdbx_gene_src_cell_line            ? 
_entity_src_gen.pdbx_gene_src_atcc                 ? 
_entity_src_gen.pdbx_gene_src_organ                ? 
_entity_src_gen.pdbx_gene_src_organelle            ? 
_entity_src_gen.pdbx_gene_src_cell                 ? 
_entity_src_gen.pdbx_gene_src_cellular_location    ? 
_entity_src_gen.host_org_common_name               ? 
_entity_src_gen.pdbx_host_org_scientific_name      'Aspergillus niger' 
_entity_src_gen.pdbx_host_org_ncbi_taxonomy_id     5061 
_entity_src_gen.host_org_genus                     Aspergillus 
_entity_src_gen.pdbx_host_org_gene                 'A. NIGER GLAA' 
_entity_src_gen.pdbx_host_org_organ                ? 
_entity_src_gen.host_org_species                   ? 
_entity_src_gen.pdbx_host_org_tissue               ? 
_entity_src_gen.pdbx_host_org_tissue_fraction      ? 
_entity_src_gen.pdbx_host_org_strain               ? 
_entity_src_gen.pdbx_host_org_variant              ? 
_entity_src_gen.pdbx_host_org_cell_line            ? 
_entity_src_gen.pdbx_host_org_atcc                 ? 
_entity_src_gen.pdbx_host_org_culture_collection   ? 
_entity_src_gen.pdbx_host_org_cell                 ? 
_entity_src_gen.pdbx_host_org_organelle            ? 
_entity_src_gen.pdbx_host_org_cellular_location    ? 
_entity_src_gen.pdbx_host_org_vector_type          ? 
_entity_src_gen.pdbx_host_org_vector               ? 
_entity_src_gen.host_org_details                   ? 
_entity_src_gen.expression_system_id               ? 
_entity_src_gen.plasmid_name                       PIGF 
_entity_src_gen.plasmid_details                    ? 
_entity_src_gen.pdbx_description                   ? 
# 
loop_
_chem_comp.id 
_chem_comp.type 
_chem_comp.mon_nstd_flag 
_chem_comp.name 
_chem_comp.pdbx_synonyms 
_chem_comp.formula 
_chem_comp.formula_weight 
ALA 'L-peptide linking' y ALANINE         ? 'C3 H7 N O2'     89.093  
ARG 'L-peptide linking' y ARGININE        ? 'C6 H15 N4 O2 1' 175.209 
ASN 'L-peptide linking' y ASPARAGINE      ? 'C4 H8 N2 O3'    132.118 
ASP 'L-peptide linking' y 'ASPARTIC ACID' ? 'C4 H7 N O4'     133.103 
CYS 'L-peptide linking' y CYSTEINE        ? 'C3 H7 N O2 S'   121.158 
GLN 'L-peptide linking' y GLUTAMINE       ? 'C5 H10 N2 O3'   146.144 
GLU 'L-peptide linking' y 'GLUTAMIC ACID' ? 'C5 H9 N O4'     147.129 
GLY 'peptide linking'   y GLYCINE         ? 'C2 H5 N O2'     75.067  
ILE 'L-peptide linking' y ISOLEUCINE      ? 'C6 H13 N O2'    131.173 
LEU 'L-peptide linking' y LEUCINE         ? 'C6 H13 N O2'    131.173 
LYS 'L-peptide linking' y LYSINE          ? 'C6 H15 N2 O2 1' 147.195 
PHE 'L-peptide linking' y PHENYLALANINE   ? 'C9 H11 N O2'    165.189 
PRO 'L-peptide linking' y PROLINE         ? 'C5 H9 N O2'     115.130 
SER 'L-peptide linking' y SERINE          ? 'C3 H7 N O3'     105.093 
THR 'L-peptide linking' y THREONINE       ? 'C4 H9 N O3'     119.119 
TRP 'L-peptide linking' y TRYPTOPHAN      ? 'C11 H12 N2 O2'  204.225 
TYR 'L-peptide linking' y TYROSINE        ? 'C9 H11 N O3'    181.189 
VAL 'L-peptide linking' y VALINE          ? 'C5 H11 N O2'    117.146 
# 
loop_
_pdbx_poly_seq_scheme.asym_id 
_pdbx_poly_seq_scheme.entity_id 
_pdbx_poly_seq_scheme.seq_id 
_pdbx_poly_seq_scheme.mon_id 
_pdbx_poly_seq_scheme.ndb_seq_num 
_pdbx_poly_seq_scheme.pdb_seq_num 
_pdbx_poly_seq_scheme.auth_seq_num 
_pdbx_poly_seq_scheme.pdb_mon_id 
_pdbx_poly_seq_scheme.auth_mon_id 
_pdbx_poly_seq_scheme.pdb_strand_id 
_pdbx_poly_seq_scheme.pdb_ins_code 
_pdbx_poly_seq_scheme.hetero 
A 1 1   CYS 1   509 509 CYS CYS A . n 
A 1 2   THR 2   510 510 THR THR A . n 
A 1 3   THR 3   511 511 THR THR A . n 
A 1 4   PRO 4   512 512 PRO PRO A . n 
A 1 5   THR 5   513 513 THR THR A . n 
A 1 6   ALA 6   514 514 ALA ALA A . n 
A 1 7   VAL 7   515 515 VAL VAL A . n 
A 1 8   ALA 8   516 516 ALA ALA A . n 
A 1 9   VAL 9   517 517 VAL VAL A . n 
A 1 10  THR 10  518 518 THR THR A . n 
A 1 11  PHE 11  519 519 PHE PHE A . n 
A 1 12  ASP 12  520 520 ASP ASP A . n 
A 1 13  LEU 13  521 521 LEU LEU A . n 
A 1 14  THR 14  522 522 THR THR A . n 
A 1 15  ALA 15  523 523 ALA ALA A . n 
A 1 16  THR 16  524 524 THR THR A . n 
A 1 17  THR 17  525 525 THR THR A . n 
A 1 18  THR 18  526 526 THR THR A . n 
A 1 19  TYR 19  527 527 TYR TYR A . n 
A 1 20  GLY 20  528 528 GLY GLY A . n 
A 1 21  GLU 21  529 529 GLU GLU A . n 
A 1 22  ASN 22  530 530 ASN ASN A . n 
A 1 23  ILE 23  531 531 ILE ILE A . n 
A 1 24  TYR 24  532 532 TYR TYR A . n 
A 1 25  LEU 25  533 533 LEU LEU A . n 
A 1 26  VAL 26  534 534 VAL VAL A . n 
A 1 27  GLY 27  535 535 GLY GLY A . n 
A 1 28  SER 28  536 536 SER SER A . n 
A 1 29  ILE 29  537 537 ILE ILE A . n 
A 1 30  SER 30  538 538 SER SER A . n 
A 1 31  GLN 31  539 539 GLN GLN A . n 
A 1 32  LEU 32  540 540 LEU LEU A . n 
A 1 33  GLY 33  541 541 GLY GLY A . n 
A 1 34  ASP 34  542 542 ASP ASP A . n 
A 1 35  TRP 35  543 543 TRP TRP A . n 
A 1 36  GLU 36  544 544 GLU GLU A . n 
A 1 37  THR 37  545 545 THR THR A . n 
A 1 38  SER 38  546 546 SER SER A . n 
A 1 39  ASP 39  547 547 ASP ASP A . n 
A 1 40  GLY 40  548 548 GLY GLY A . n 
A 1 41  ILE 41  549 549 ILE ILE A . n 
A 1 42  ALA 42  550 550 ALA ALA A . n 
A 1 43  LEU 43  551 551 LEU LEU A . n 
A 1 44  SER 44  552 552 SER SER A . n 
A 1 45  ALA 45  553 553 ALA ALA A . n 
A 1 46  ASP 46  554 554 ASP ASP A . n 
A 1 47  LYS 47  555 555 LYS LYS A . n 
A 1 48  TYR 48  556 556 TYR TYR A . n 
A 1 49  THR 49  557 557 THR THR A . n 
A 1 50  SER 50  558 558 SER SER A . n 
A 1 51  SER 51  559 559 SER SER A . n 
A 1 52  ASP 52  560 560 ASP ASP A . n 
A 1 53  PRO 53  561 561 PRO PRO A . n 
A 1 54  LEU 54  562 562 LEU LEU A . n 
A 1 55  TRP 55  563 563 TRP TRP A . n 
A 1 56  TYR 56  564 564 TYR TYR A . n 
A 1 57  VAL 57  565 565 VAL VAL A . n 
A 1 58  THR 58  566 566 THR THR A . n 
A 1 59  VAL 59  567 567 VAL VAL A . n 
A 1 60  THR 60  568 568 THR THR A . n 
A 1 61  LEU 61  569 569 LEU LEU A . n 
A 1 62  PRO 62  570 570 PRO PRO A . n 
A 1 63  ALA 63  571 571 ALA ALA A . n 
A 1 64  GLY 64  572 572 GLY GLY A . n 
A 1 65  GLU 65  573 573 GLU GLU A . n 
A 1 66  SER 66  574 574 SER SER A . n 
A 1 67  PHE 67  575 575 PHE PHE A . n 
A 1 68  GLU 68  576 576 GLU GLU A . n 
A 1 69  TYR 69  577 577 TYR TYR A . n 
A 1 70  LYS 70  578 578 LYS LYS A . n 
A 1 71  PHE 71  579 579 PHE PHE A . n 
A 1 72  ILE 72  580 580 ILE ILE A . n 
A 1 73  ARG 73  581 581 ARG ARG A . n 
A 1 74  ILE 74  582 582 ILE ILE A . n 
A 1 75  GLU 75  583 583 GLU GLU A . n 
A 1 76  SER 76  584 584 SER SER A . n 
A 1 77  ASP 77  585 585 ASP ASP A . n 
A 1 78  ASP 78  586 586 ASP ASP A . n 
A 1 79  SER 79  587 587 SER SER A . n 
A 1 80  VAL 80  588 588 VAL VAL A . n 
A 1 81  GLU 81  589 589 GLU GLU A . n 
A 1 82  TRP 82  590 590 TRP TRP A . n 
A 1 83  GLU 83  591 591 GLU GLU A . n 
A 1 84  SER 84  592 592 SER SER A . n 
A 1 85  ASP 85  593 593 ASP ASP A . n 
A 1 86  PRO 86  594 594 PRO PRO A . n 
A 1 87  ASN 87  595 595 ASN ASN A . n 
A 1 88  ARG 88  596 596 ARG ARG A . n 
A 1 89  GLU 89  597 597 GLU GLU A . n 
A 1 90  TYR 90  598 598 TYR TYR A . n 
A 1 91  THR 91  599 599 THR THR A . n 
A 1 92  VAL 92  600 600 VAL VAL A . n 
A 1 93  PRO 93  601 601 PRO PRO A . n 
A 1 94  GLN 94  602 602 GLN GLN A . n 
A 1 95  ALA 95  603 603 ALA ALA A . n 
A 1 96  CYS 96  604 604 CYS CYS A . n 
A 1 97  GLY 97  605 605 GLY GLY A . n 
A 1 98  THR 98  606 606 THR THR A . n 
A 1 99  SER 99  607 607 SER SER A . n 
A 1 100 THR 100 608 608 THR THR A . n 
A 1 101 ALA 101 609 609 ALA ALA A . n 
A 1 102 THR 102 610 610 THR THR A . n 
A 1 103 VAL 103 611 611 VAL VAL A . n 
A 1 104 THR 104 612 612 THR THR A . n 
A 1 105 ASP 105 613 613 ASP ASP A . n 
A 1 106 THR 106 614 614 THR THR A . n 
A 1 107 TRP 107 615 615 TRP TRP A . n 
A 1 108 ARG 108 616 616 ARG ARG A . n 
# 
loop_
_software.name 
_software.classification 
_software.version 
_software.citation_id 
_software.pdbx_ordinal 
X-PLOR 'model building' 3.1 ? 1 
X-PLOR refinement       3.1 ? 2 
X-PLOR phasing          3.1 ? 3 
# 
_cell.entry_id           1KUM 
_cell.length_a           1.000 
_cell.length_b           1.000 
_cell.length_c           1.000 
_cell.angle_alpha        90.00 
_cell.angle_beta         90.00 
_cell.angle_gamma        90.00 
_cell.Z_PDB              1 
_cell.pdbx_unique_axis   ? 
# 
_symmetry.entry_id                         1KUM 
_symmetry.space_group_name_H-M             'P 1' 
_symmetry.pdbx_full_space_group_name_H-M   ? 
_symmetry.cell_setting                     ? 
_symmetry.Int_Tables_number                1 
# 
_exptl.entry_id          1KUM 
_exptl.method            'SOLUTION NMR' 
_exptl.crystals_number   ? 
# 
_struct.entry_id                  1KUM 
_struct.title                     'GLUCOAMYLASE, GRANULAR STARCH-BINDING DOMAIN, NMR, MINIMIZED AVERAGE STRUCTURE' 
_struct.pdbx_model_details        ? 
_struct.pdbx_CASP_flag            ? 
_struct.pdbx_model_type_details   ? 
# 
_struct_keywords.entry_id        1KUM 
_struct_keywords.pdbx_keywords   HYDROLASE 
_struct_keywords.text            'HYDROLASE, STARCH BINDING DOMAIN' 
# 
_struct_asym.id                            A 
_struct_asym.pdbx_blank_PDB_chainid_flag   Y 
_struct_asym.pdbx_modified                 N 
_struct_asym.entity_id                     1 
_struct_asym.details                       ? 
# 
_struct_ref.id                         1 
_struct_ref.db_name                    UNP 
_struct_ref.db_code                    AMYG_ASPNG 
_struct_ref.entity_id                  1 
_struct_ref.pdbx_db_accession          P69328 
_struct_ref.pdbx_align_begin           1 
_struct_ref.pdbx_seq_one_letter_code   
;MSFRSLLALSGLVCTGLANVISKRATLDSWLSNEATVARTAILNNIGADGAWVSGADSGIVVASPSTDNPDYFYTWTRDS
GLVLKTLVDLFRNGDTSLLSTIENYISAQAIVQGISNPSGDLSSGAGLGEPKFNVDETAYTGSWGRPQRDGPALRATAMI
GFGQWLLDNGYTSTATDIVWPLVRNDLSYVAQYWNQTGYDLWEEVNGSSFFTIAVQHRALVEGSAFATAVGSSCSWCDSQ
APEILCYLQSFWTGSFILANFDSSRSGKDANTLLGSIHTFDPEAACDDSTFQPCSPRALANHKEVVDSFRSIYTLNDGLS
DSEAVAVGRYPEDTYYNGNPWFLCTLAAAEQLYDALYQWDKQGSLEVTDVSLDFFKALYSDAATGTYSSSSSTYSSIVDA
VKTFADGFVSIVETHAASNGSMSEQYDKSDGEQLSARDLTWSYAALLTANNRRNSVVPASWGETSASSVPGTCAATSAIG
TYSSVTVTSWPSIVATGGTTTTATPTGSGSVTSTSKTTATASKTSTSTSSTSCTTPTAVAVTFDLTATTTYGENIYLVGS
ISQLGDWETSDGIALSADKYTSSDPLWYVTVTLPAGESFEYKFIRIESDDSVEWESDPNREYTVPQACGTSTATVTDTWR

;
_struct_ref.pdbx_db_isoform            ? 
# 
_struct_ref_seq.align_id                      1 
_struct_ref_seq.ref_id                        1 
_struct_ref_seq.pdbx_PDB_id_code              1KUM 
_struct_ref_seq.pdbx_strand_id                A 
_struct_ref_seq.seq_align_beg                 1 
_struct_ref_seq.pdbx_seq_align_beg_ins_code   ? 
_struct_ref_seq.seq_align_end                 108 
_struct_ref_seq.pdbx_seq_align_end_ins_code   ? 
_struct_ref_seq.pdbx_db_accession             P69328 
_struct_ref_seq.db_align_beg                  533 
_struct_ref_seq.pdbx_db_align_beg_ins_code    ? 
_struct_ref_seq.db_align_end                  640 
_struct_ref_seq.pdbx_db_align_end_ins_code    ? 
_struct_ref_seq.pdbx_auth_seq_align_beg       509 
_struct_ref_seq.pdbx_auth_seq_align_end       616 
# 
_pdbx_struct_assembly.id                   1 
_pdbx_struct_assembly.details              author_defined_assembly 
_pdbx_struct_assembly.method_details       ? 
_pdbx_struct_assembly.oligomeric_details   monomeric 
_pdbx_struct_assembly.oligomeric_count     1 
# 
_pdbx_struct_assembly_gen.assembly_id       1 
_pdbx_struct_assembly_gen.oper_expression   1 
_pdbx_struct_assembly_gen.asym_id_list      A 
# 
_pdbx_struct_oper_list.id                   1 
_pdbx_struct_oper_list.type                 'identity operation' 
_pdbx_struct_oper_list.name                 1_555 
_pdbx_struct_oper_list.symmetry_operation   x,y,z 
_pdbx_struct_oper_list.matrix[1][1]         1.0000000000 
_pdbx_struct_oper_list.matrix[1][2]         0.0000000000 
_pdbx_struct_oper_list.matrix[1][3]         0.0000000000 
_pdbx_struct_oper_list.vector[1]            0.0000000000 
_pdbx_struct_oper_list.matrix[2][1]         0.0000000000 
_pdbx_struct_oper_list.matrix[2][2]         1.0000000000 
_pdbx_struct_oper_list.matrix[2][3]         0.0000000000 
_pdbx_struct_oper_list.vector[2]            0.0000000000 
_pdbx_struct_oper_list.matrix[3][1]         0.0000000000 
_pdbx_struct_oper_list.matrix[3][2]         0.0000000000 
_pdbx_struct_oper_list.matrix[3][3]         1.0000000000 
_pdbx_struct_oper_list.vector[3]            0.0000000000 
# 
_struct_biol.id   1 
# 
_struct_conf.conf_type_id            HELX_P 
_struct_conf.id                      HELX_P1 
_struct_conf.pdbx_PDB_helix_id       1 
_struct_conf.beg_label_comp_id       SER 
_struct_conf.beg_label_asym_id       A 
_struct_conf.beg_label_seq_id        30 
_struct_conf.pdbx_beg_PDB_ins_code   ? 
_struct_conf.end_label_comp_id       LEU 
_struct_conf.end_label_asym_id       A 
_struct_conf.end_label_seq_id        32 
_struct_conf.pdbx_end_PDB_ins_code   ? 
_struct_conf.beg_auth_comp_id        SER 
_struct_conf.beg_auth_asym_id        A 
_struct_conf.beg_auth_seq_id         538 
_struct_conf.end_auth_comp_id        LEU 
_struct_conf.end_auth_asym_id        A 
_struct_conf.end_auth_seq_id         540 
_struct_conf.pdbx_PDB_helix_class    5 
_struct_conf.details                 ? 
_struct_conf.pdbx_PDB_helix_length   3 
# 
_struct_conf_type.id          HELX_P 
_struct_conf_type.criteria    ? 
_struct_conf_type.reference   ? 
# 
_struct_conn.id                            disulf1 
_struct_conn.conn_type_id                  disulf 
_struct_conn.pdbx_leaving_atom_flag        ? 
_struct_conn.pdbx_PDB_id                   ? 
_struct_conn.ptnr1_label_asym_id           A 
_struct_conn.ptnr1_label_comp_id           CYS 
_struct_conn.ptnr1_label_seq_id            1 
_struct_conn.ptnr1_label_atom_id           SG 
_struct_conn.pdbx_ptnr1_label_alt_id       ? 
_struct_conn.pdbx_ptnr1_PDB_ins_code       ? 
_struct_conn.pdbx_ptnr1_standard_comp_id   ? 
_struct_conn.ptnr1_symmetry                1_555 
_struct_conn.ptnr2_label_asym_id           A 
_struct_conn.ptnr2_label_comp_id           CYS 
_struct_conn.ptnr2_label_seq_id            96 
_struct_conn.ptnr2_label_atom_id           SG 
_struct_conn.pdbx_ptnr2_label_alt_id       ? 
_struct_conn.pdbx_ptnr2_PDB_ins_code       ? 
_struct_conn.ptnr1_auth_asym_id            A 
_struct_conn.ptnr1_auth_comp_id            CYS 
_struct_conn.ptnr1_auth_seq_id             509 
_struct_conn.ptnr2_auth_asym_id            A 
_struct_conn.ptnr2_auth_comp_id            CYS 
_struct_conn.ptnr2_auth_seq_id             604 
_struct_conn.ptnr2_symmetry                1_555 
_struct_conn.pdbx_ptnr3_label_atom_id      ? 
_struct_conn.pdbx_ptnr3_label_seq_id       ? 
_struct_conn.pdbx_ptnr3_label_comp_id      ? 
_struct_conn.pdbx_ptnr3_label_asym_id      ? 
_struct_conn.pdbx_ptnr3_label_alt_id       ? 
_struct_conn.pdbx_ptnr3_PDB_ins_code       ? 
_struct_conn.details                       ? 
_struct_conn.pdbx_dist_value               2.021 
_struct_conn.pdbx_value_order              ? 
_struct_conn.pdbx_role                     ? 
# 
_struct_conn_type.id          disulf 
_struct_conn_type.criteria    ? 
_struct_conn_type.reference   ? 
# 
_pdbx_modification_feature.ordinal                            1 
_pdbx_modification_feature.label_comp_id                      CYS 
_pdbx_modification_feature.label_asym_id                      A 
_pdbx_modification_feature.label_seq_id                       1 
_pdbx_modification_feature.label_alt_id                       ? 
_pdbx_modification_feature.modified_residue_label_comp_id     CYS 
_pdbx_modification_feature.modified_residue_label_asym_id     A 
_pdbx_modification_feature.modified_residue_label_seq_id      96 
_pdbx_modification_feature.modified_residue_label_alt_id      ? 
_pdbx_modification_feature.auth_comp_id                       CYS 
_pdbx_modification_feature.auth_asym_id                       A 
_pdbx_modification_feature.auth_seq_id                        509 
_pdbx_modification_feature.PDB_ins_code                       ? 
_pdbx_modification_feature.symmetry                           1_555 
_pdbx_modification_feature.modified_residue_auth_comp_id      CYS 
_pdbx_modification_feature.modified_residue_auth_asym_id      A 
_pdbx_modification_feature.modified_residue_auth_seq_id       604 
_pdbx_modification_feature.modified_residue_PDB_ins_code      ? 
_pdbx_modification_feature.modified_residue_symmetry          1_555 
_pdbx_modification_feature.comp_id_linking_atom               SG 
_pdbx_modification_feature.modified_residue_id_linking_atom   SG 
_pdbx_modification_feature.modified_residue_id                . 
_pdbx_modification_feature.ref_pcm_id                         . 
_pdbx_modification_feature.ref_comp_id                        . 
_pdbx_modification_feature.type                               None 
_pdbx_modification_feature.category                           'Disulfide bridge' 
# 
loop_
_struct_sheet.id 
_struct_sheet.type 
_struct_sheet.number_strands 
_struct_sheet.details 
A ? 7 ? 
B ? 7 ? 
# 
loop_
_struct_sheet_order.sheet_id 
_struct_sheet_order.range_id_1 
_struct_sheet_order.range_id_2 
_struct_sheet_order.offset 
_struct_sheet_order.sense 
A 1 2 ? parallel      
A 2 3 ? anti-parallel 
A 3 4 ? anti-parallel 
A 4 5 ? anti-parallel 
A 5 6 ? anti-parallel 
A 6 7 ? anti-parallel 
B 1 2 ? parallel      
B 2 3 ? anti-parallel 
B 3 4 ? anti-parallel 
B 4 5 ? anti-parallel 
B 5 6 ? anti-parallel 
B 6 7 ? anti-parallel 
# 
loop_
_struct_sheet_range.sheet_id 
_struct_sheet_range.id 
_struct_sheet_range.beg_label_comp_id 
_struct_sheet_range.beg_label_asym_id 
_struct_sheet_range.beg_label_seq_id 
_struct_sheet_range.pdbx_beg_PDB_ins_code 
_struct_sheet_range.end_label_comp_id 
_struct_sheet_range.end_label_asym_id 
_struct_sheet_range.end_label_seq_id 
_struct_sheet_range.pdbx_end_PDB_ins_code 
_struct_sheet_range.beg_auth_comp_id 
_struct_sheet_range.beg_auth_asym_id 
_struct_sheet_range.beg_auth_seq_id 
_struct_sheet_range.end_auth_comp_id 
_struct_sheet_range.end_auth_asym_id 
_struct_sheet_range.end_auth_seq_id 
A 1 SER A 99 ? TRP A 107 ? SER A 607 TRP A 615 
A 2 THR A 5  ? ALA A 15  ? THR A 513 ALA A 523 
A 3 PRO A 53 ? ALA A 63  ? PRO A 561 ALA A 571 
A 4 ILE A 41 ? SER A 44  ? ILE A 549 SER A 552 
A 5 ASN A 22 ? SER A 28  ? ASN A 530 SER A 536 
A 6 GLU A 65 ? ILE A 74  ? GLU A 573 ILE A 582 
A 7 GLU A 81 ? GLU A 83  ? GLU A 589 GLU A 591 
B 1 SER A 99 ? TRP A 107 ? SER A 607 TRP A 615 
B 2 THR A 5  ? ALA A 15  ? THR A 513 ALA A 523 
B 3 PRO A 53 ? ALA A 63  ? PRO A 561 ALA A 571 
B 4 ILE A 41 ? SER A 44  ? ILE A 549 SER A 552 
B 5 ASN A 22 ? SER A 28  ? ASN A 530 SER A 536 
B 6 GLU A 65 ? ILE A 74  ? GLU A 573 ILE A 582 
B 7 ARG A 88 ? VAL A 92  ? ARG A 596 VAL A 600 
# 
loop_
_pdbx_struct_sheet_hbond.sheet_id 
_pdbx_struct_sheet_hbond.range_id_1 
_pdbx_struct_sheet_hbond.range_id_2 
_pdbx_struct_sheet_hbond.range_1_label_atom_id 
_pdbx_struct_sheet_hbond.range_1_label_comp_id 
_pdbx_struct_sheet_hbond.range_1_label_asym_id 
_pdbx_struct_sheet_hbond.range_1_label_seq_id 
_pdbx_struct_sheet_hbond.range_1_PDB_ins_code 
_pdbx_struct_sheet_hbond.range_1_auth_atom_id 
_pdbx_struct_sheet_hbond.range_1_auth_comp_id 
_pdbx_struct_sheet_hbond.range_1_auth_asym_id 
_pdbx_struct_sheet_hbond.range_1_auth_seq_id 
_pdbx_struct_sheet_hbond.range_2_label_atom_id 
_pdbx_struct_sheet_hbond.range_2_label_comp_id 
_pdbx_struct_sheet_hbond.range_2_label_asym_id 
_pdbx_struct_sheet_hbond.range_2_label_seq_id 
_pdbx_struct_sheet_hbond.range_2_PDB_ins_code 
_pdbx_struct_sheet_hbond.range_2_auth_atom_id 
_pdbx_struct_sheet_hbond.range_2_auth_comp_id 
_pdbx_struct_sheet_hbond.range_2_auth_asym_id 
_pdbx_struct_sheet_hbond.range_2_auth_seq_id 
A 1 2 O ALA A 101 ? O ALA A 609 N THR A 10 ? N THR A 518 
A 2 3 O VAL A 9   ? O VAL A 517 N VAL A 59 ? N VAL A 567 
A 3 4 O TYR A 56  ? O TYR A 564 N SER A 44 ? N SER A 552 
A 4 5 O ILE A 41  ? O ILE A 549 N LEU A 25 ? N LEU A 533 
A 5 6 O VAL A 26  ? O VAL A 534 N LYS A 70 ? N LYS A 578 
A 6 7 O ARG A 73  ? O ARG A 581 N GLU A 81 ? N GLU A 589 
B 1 2 O ALA A 101 ? O ALA A 609 N THR A 10 ? N THR A 518 
B 2 3 O VAL A 9   ? O VAL A 517 N VAL A 59 ? N VAL A 567 
B 3 4 O TYR A 56  ? O TYR A 564 N SER A 44 ? N SER A 552 
B 4 5 O ILE A 41  ? O ILE A 549 N LEU A 25 ? N LEU A 533 
B 5 6 O VAL A 26  ? O VAL A 534 N LYS A 70 ? N LYS A 578 
B 6 7 O PHE A 67  ? O PHE A 575 N TYR A 90 ? N TYR A 598 
# 
_pdbx_entry_details.entry_id                   1KUM 
_pdbx_entry_details.compound_details           ? 
_pdbx_entry_details.source_details             ? 
_pdbx_entry_details.nonpolymer_details         ? 
_pdbx_entry_details.sequence_details           ? 
_pdbx_entry_details.has_ligand_of_interest     ? 
_pdbx_entry_details.has_protein_modification   Y 
# 
loop_
_pdbx_validate_close_contact.id 
_pdbx_validate_close_contact.PDB_model_num 
_pdbx_validate_close_contact.auth_atom_id_1 
_pdbx_validate_close_contact.auth_asym_id_1 
_pdbx_validate_close_contact.auth_comp_id_1 
_pdbx_validate_close_contact.auth_seq_id_1 
_pdbx_validate_close_contact.PDB_ins_code_1 
_pdbx_validate_close_contact.label_alt_id_1 
_pdbx_validate_close_contact.auth_atom_id_2 
_pdbx_validate_close_contact.auth_asym_id_2 
_pdbx_validate_close_contact.auth_comp_id_2 
_pdbx_validate_close_contact.auth_seq_id_2 
_pdbx_validate_close_contact.PDB_ins_code_2 
_pdbx_validate_close_contact.label_alt_id_2 
_pdbx_validate_close_contact.dist 
1 1 O  A PHE 519 ? ? HA  A TYR 564 ? ? 1.29 
2 1 O  A LEU 551 ? ? HZ3 A TRP 563 ? ? 1.49 
3 1 HA A LEU 521 ? ? O   A ASP 613 ? ? 1.54 
4 1 N  A THR 525 ? ? OH  A TYR 556 ? ? 2.08 
5 1 O  A GLY 535 ? ? O   A ASP 542 ? ? 2.09 
6 1 O  A ASP 520 ? ? O   A ASP 613 ? ? 2.18 
# 
loop_
_pdbx_validate_torsion.id 
_pdbx_validate_torsion.PDB_model_num 
_pdbx_validate_torsion.auth_comp_id 
_pdbx_validate_torsion.auth_asym_id 
_pdbx_validate_torsion.auth_seq_id 
_pdbx_validate_torsion.PDB_ins_code 
_pdbx_validate_torsion.label_alt_id 
_pdbx_validate_torsion.phi 
_pdbx_validate_torsion.psi 
1  1 THR A 510 ? ? -79.96  -151.86 
2  1 THR A 524 ? ? -90.27  38.59   
3  1 THR A 525 ? ? -46.35  162.44  
4  1 GLN A 539 ? ? -39.11  -39.74  
5  1 LEU A 540 ? ? -105.26 40.52   
6  1 ASP A 542 ? ? 81.95   -64.49  
7  1 TRP A 543 ? ? -173.91 39.89   
8  1 THR A 557 ? ? -151.89 -67.17  
9  1 SER A 558 ? ? -148.19 -43.72  
10 1 TYR A 564 ? ? 151.89  148.65  
11 1 ALA A 571 ? ? 76.90   97.68   
12 1 GLU A 573 ? ? 174.78  147.11  
13 1 SER A 574 ? ? -84.16  47.30   
14 1 PHE A 575 ? ? -35.18  160.09  
15 1 GLU A 583 ? ? -72.47  -169.49 
16 1 GLU A 591 ? ? -37.29  136.83  
17 1 SER A 592 ? ? -66.59  -135.45 
18 1 ASN A 595 ? ? -66.32  -165.40 
19 1 GLN A 602 ? ? -112.03 60.79   
# 
loop_
_pdbx_validate_planes.id 
_pdbx_validate_planes.PDB_model_num 
_pdbx_validate_planes.auth_comp_id 
_pdbx_validate_planes.auth_asym_id 
_pdbx_validate_planes.auth_seq_id 
_pdbx_validate_planes.PDB_ins_code 
_pdbx_validate_planes.label_alt_id 
_pdbx_validate_planes.rmsd 
_pdbx_validate_planes.type 
1 1 ARG A 581 ? ? 0.215 'SIDE CHAIN' 
2 1 ARG A 596 ? ? 0.276 'SIDE CHAIN' 
3 1 ARG A 616 ? ? 0.296 'SIDE CHAIN' 
# 
_pdbx_nmr_ensemble.entry_id                             1KUM 
_pdbx_nmr_ensemble.conformers_calculated_total_number   100 
_pdbx_nmr_ensemble.conformers_submitted_total_number    1 
_pdbx_nmr_ensemble.conformer_selection_criteria         ? 
# 
_pdbx_nmr_exptl_sample_conditions.conditions_id       1 
_pdbx_nmr_exptl_sample_conditions.temperature         313 
_pdbx_nmr_exptl_sample_conditions.pressure            ? 
_pdbx_nmr_exptl_sample_conditions.pH                  5.2 
_pdbx_nmr_exptl_sample_conditions.ionic_strength      ? 
_pdbx_nmr_exptl_sample_conditions.pressure_units      ? 
_pdbx_nmr_exptl_sample_conditions.temperature_units   K 
# 
_pdbx_nmr_software.classification   refinement 
_pdbx_nmr_software.name             X-PLOR 
_pdbx_nmr_software.version          3.1 
_pdbx_nmr_software.authors          BRUNGER 
_pdbx_nmr_software.ordinal          1 
# 
loop_
_chem_comp_atom.comp_id 
_chem_comp_atom.atom_id 
_chem_comp_atom.type_symbol 
_chem_comp_atom.pdbx_aromatic_flag 
_chem_comp_atom.pdbx_stereo_config 
_chem_comp_atom.pdbx_ordinal 
ALA N    N N N 1   
ALA CA   C N S 2   
ALA C    C N N 3   
ALA O    O N N 4   
ALA CB   C N N 5   
ALA OXT  O N N 6   
ALA H    H N N 7   
ALA H2   H N N 8   
ALA HA   H N N 9   
ALA HB1  H N N 10  
ALA HB2  H N N 11  
ALA HB3  H N N 12  
ALA HXT  H N N 13  
ARG N    N N N 14  
ARG CA   C N S 15  
ARG C    C N N 16  
ARG O    O N N 17  
ARG CB   C N N 18  
ARG CG   C N N 19  
ARG CD   C N N 20  
ARG NE   N N N 21  
ARG CZ   C N N 22  
ARG NH1  N N N 23  
ARG NH2  N N N 24  
ARG OXT  O N N 25  
ARG H    H N N 26  
ARG H2   H N N 27  
ARG HA   H N N 28  
ARG HB2  H N N 29  
ARG HB3  H N N 30  
ARG HG2  H N N 31  
ARG HG3  H N N 32  
ARG HD2  H N N 33  
ARG HD3  H N N 34  
ARG HE   H N N 35  
ARG HH11 H N N 36  
ARG HH12 H N N 37  
ARG HH21 H N N 38  
ARG HH22 H N N 39  
ARG HXT  H N N 40  
ASN N    N N N 41  
ASN CA   C N S 42  
ASN C    C N N 43  
ASN O    O N N 44  
ASN CB   C N N 45  
ASN CG   C N N 46  
ASN OD1  O N N 47  
ASN ND2  N N N 48  
ASN OXT  O N N 49  
ASN H    H N N 50  
ASN H2   H N N 51  
ASN HA   H N N 52  
ASN HB2  H N N 53  
ASN HB3  H N N 54  
ASN HD21 H N N 55  
ASN HD22 H N N 56  
ASN HXT  H N N 57  
ASP N    N N N 58  
ASP CA   C N S 59  
ASP C    C N N 60  
ASP O    O N N 61  
ASP CB   C N N 62  
ASP CG   C N N 63  
ASP OD1  O N N 64  
ASP OD2  O N N 65  
ASP OXT  O N N 66  
ASP H    H N N 67  
ASP H2   H N N 68  
ASP HA   H N N 69  
ASP HB2  H N N 70  
ASP HB3  H N N 71  
ASP HD2  H N N 72  
ASP HXT  H N N 73  
CYS N    N N N 74  
CYS CA   C N R 75  
CYS C    C N N 76  
CYS O    O N N 77  
CYS CB   C N N 78  
CYS SG   S N N 79  
CYS OXT  O N N 80  
CYS H    H N N 81  
CYS H2   H N N 82  
CYS HA   H N N 83  
CYS HB2  H N N 84  
CYS HB3  H N N 85  
CYS HG   H N N 86  
CYS HXT  H N N 87  
GLN N    N N N 88  
GLN CA   C N S 89  
GLN C    C N N 90  
GLN O    O N N 91  
GLN CB   C N N 92  
GLN CG   C N N 93  
GLN CD   C N N 94  
GLN OE1  O N N 95  
GLN NE2  N N N 96  
GLN OXT  O N N 97  
GLN H    H N N 98  
GLN H2   H N N 99  
GLN HA   H N N 100 
GLN HB2  H N N 101 
GLN HB3  H N N 102 
GLN HG2  H N N 103 
GLN HG3  H N N 104 
GLN HE21 H N N 105 
GLN HE22 H N N 106 
GLN HXT  H N N 107 
GLU N    N N N 108 
GLU CA   C N S 109 
GLU C    C N N 110 
GLU O    O N N 111 
GLU CB   C N N 112 
GLU CG   C N N 113 
GLU CD   C N N 114 
GLU OE1  O N N 115 
GLU OE2  O N N 116 
GLU OXT  O N N 117 
GLU H    H N N 118 
GLU H2   H N N 119 
GLU HA   H N N 120 
GLU HB2  H N N 121 
GLU HB3  H N N 122 
GLU HG2  H N N 123 
GLU HG3  H N N 124 
GLU HE2  H N N 125 
GLU HXT  H N N 126 
GLY N    N N N 127 
GLY CA   C N N 128 
GLY C    C N N 129 
GLY O    O N N 130 
GLY OXT  O N N 131 
GLY H    H N N 132 
GLY H2   H N N 133 
GLY HA2  H N N 134 
GLY HA3  H N N 135 
GLY HXT  H N N 136 
ILE N    N N N 137 
ILE CA   C N S 138 
ILE C    C N N 139 
ILE O    O N N 140 
ILE CB   C N S 141 
ILE CG1  C N N 142 
ILE CG2  C N N 143 
ILE CD1  C N N 144 
ILE OXT  O N N 145 
ILE H    H N N 146 
ILE H2   H N N 147 
ILE HA   H N N 148 
ILE HB   H N N 149 
ILE HG12 H N N 150 
ILE HG13 H N N 151 
ILE HG21 H N N 152 
ILE HG22 H N N 153 
ILE HG23 H N N 154 
ILE HD11 H N N 155 
ILE HD12 H N N 156 
ILE HD13 H N N 157 
ILE HXT  H N N 158 
LEU N    N N N 159 
LEU CA   C N S 160 
LEU C    C N N 161 
LEU O    O N N 162 
LEU CB   C N N 163 
LEU CG   C N N 164 
LEU CD1  C N N 165 
LEU CD2  C N N 166 
LEU OXT  O N N 167 
LEU H    H N N 168 
LEU H2   H N N 169 
LEU HA   H N N 170 
LEU HB2  H N N 171 
LEU HB3  H N N 172 
LEU HG   H N N 173 
LEU HD11 H N N 174 
LEU HD12 H N N 175 
LEU HD13 H N N 176 
LEU HD21 H N N 177 
LEU HD22 H N N 178 
LEU HD23 H N N 179 
LEU HXT  H N N 180 
LYS N    N N N 181 
LYS CA   C N S 182 
LYS C    C N N 183 
LYS O    O N N 184 
LYS CB   C N N 185 
LYS CG   C N N 186 
LYS CD   C N N 187 
LYS CE   C N N 188 
LYS NZ   N N N 189 
LYS OXT  O N N 190 
LYS H    H N N 191 
LYS H2   H N N 192 
LYS HA   H N N 193 
LYS HB2  H N N 194 
LYS HB3  H N N 195 
LYS HG2  H N N 196 
LYS HG3  H N N 197 
LYS HD2  H N N 198 
LYS HD3  H N N 199 
LYS HE2  H N N 200 
LYS HE3  H N N 201 
LYS HZ1  H N N 202 
LYS HZ2  H N N 203 
LYS HZ3  H N N 204 
LYS HXT  H N N 205 
PHE N    N N N 206 
PHE CA   C N S 207 
PHE C    C N N 208 
PHE O    O N N 209 
PHE CB   C N N 210 
PHE CG   C Y N 211 
PHE CD1  C Y N 212 
PHE CD2  C Y N 213 
PHE CE1  C Y N 214 
PHE CE2  C Y N 215 
PHE CZ   C Y N 216 
PHE OXT  O N N 217 
PHE H    H N N 218 
PHE H2   H N N 219 
PHE HA   H N N 220 
PHE HB2  H N N 221 
PHE HB3  H N N 222 
PHE HD1  H N N 223 
PHE HD2  H N N 224 
PHE HE1  H N N 225 
PHE HE2  H N N 226 
PHE HZ   H N N 227 
PHE HXT  H N N 228 
PRO N    N N N 229 
PRO CA   C N S 230 
PRO C    C N N 231 
PRO O    O N N 232 
PRO CB   C N N 233 
PRO CG   C N N 234 
PRO CD   C N N 235 
PRO OXT  O N N 236 
PRO H    H N N 237 
PRO HA   H N N 238 
PRO HB2  H N N 239 
PRO HB3  H N N 240 
PRO HG2  H N N 241 
PRO HG3  H N N 242 
PRO HD2  H N N 243 
PRO HD3  H N N 244 
PRO HXT  H N N 245 
SER N    N N N 246 
SER CA   C N S 247 
SER C    C N N 248 
SER O    O N N 249 
SER CB   C N N 250 
SER OG   O N N 251 
SER OXT  O N N 252 
SER H    H N N 253 
SER H2   H N N 254 
SER HA   H N N 255 
SER HB2  H N N 256 
SER HB3  H N N 257 
SER HG   H N N 258 
SER HXT  H N N 259 
THR N    N N N 260 
THR CA   C N S 261 
THR C    C N N 262 
THR O    O N N 263 
THR CB   C N R 264 
THR OG1  O N N 265 
THR CG2  C N N 266 
THR OXT  O N N 267 
THR H    H N N 268 
THR H2   H N N 269 
THR HA   H N N 270 
THR HB   H N N 271 
THR HG1  H N N 272 
THR HG21 H N N 273 
THR HG22 H N N 274 
THR HG23 H N N 275 
THR HXT  H N N 276 
TRP N    N N N 277 
TRP CA   C N S 278 
TRP C    C N N 279 
TRP O    O N N 280 
TRP CB   C N N 281 
TRP CG   C Y N 282 
TRP CD1  C Y N 283 
TRP CD2  C Y N 284 
TRP NE1  N Y N 285 
TRP CE2  C Y N 286 
TRP CE3  C Y N 287 
TRP CZ2  C Y N 288 
TRP CZ3  C Y N 289 
TRP CH2  C Y N 290 
TRP OXT  O N N 291 
TRP H    H N N 292 
TRP H2   H N N 293 
TRP HA   H N N 294 
TRP HB2  H N N 295 
TRP HB3  H N N 296 
TRP HD1  H N N 297 
TRP HE1  H N N 298 
TRP HE3  H N N 299 
TRP HZ2  H N N 300 
TRP HZ3  H N N 301 
TRP HH2  H N N 302 
TRP HXT  H N N 303 
TYR N    N N N 304 
TYR CA   C N S 305 
TYR C    C N N 306 
TYR O    O N N 307 
TYR CB   C N N 308 
TYR CG   C Y N 309 
TYR CD1  C Y N 310 
TYR CD2  C Y N 311 
TYR CE1  C Y N 312 
TYR CE2  C Y N 313 
TYR CZ   C Y N 314 
TYR OH   O N N 315 
TYR OXT  O N N 316 
TYR H    H N N 317 
TYR H2   H N N 318 
TYR HA   H N N 319 
TYR HB2  H N N 320 
TYR HB3  H N N 321 
TYR HD1  H N N 322 
TYR HD2  H N N 323 
TYR HE1  H N N 324 
TYR HE2  H N N 325 
TYR HH   H N N 326 
TYR HXT  H N N 327 
VAL N    N N N 328 
VAL CA   C N S 329 
VAL C    C N N 330 
VAL O    O N N 331 
VAL CB   C N N 332 
VAL CG1  C N N 333 
VAL CG2  C N N 334 
VAL OXT  O N N 335 
VAL H    H N N 336 
VAL H2   H N N 337 
VAL HA   H N N 338 
VAL HB   H N N 339 
VAL HG11 H N N 340 
VAL HG12 H N N 341 
VAL HG13 H N N 342 
VAL HG21 H N N 343 
VAL HG22 H N N 344 
VAL HG23 H N N 345 
VAL HXT  H N N 346 
# 
loop_
_chem_comp_bond.comp_id 
_chem_comp_bond.atom_id_1 
_chem_comp_bond.atom_id_2 
_chem_comp_bond.value_order 
_chem_comp_bond.pdbx_aromatic_flag 
_chem_comp_bond.pdbx_stereo_config 
_chem_comp_bond.pdbx_ordinal 
ALA N   CA   sing N N 1   
ALA N   H    sing N N 2   
ALA N   H2   sing N N 3   
ALA CA  C    sing N N 4   
ALA CA  CB   sing N N 5   
ALA CA  HA   sing N N 6   
ALA C   O    doub N N 7   
ALA C   OXT  sing N N 8   
ALA CB  HB1  sing N N 9   
ALA CB  HB2  sing N N 10  
ALA CB  HB3  sing N N 11  
ALA OXT HXT  sing N N 12  
ARG N   CA   sing N N 13  
ARG N   H    sing N N 14  
ARG N   H2   sing N N 15  
ARG CA  C    sing N N 16  
ARG CA  CB   sing N N 17  
ARG CA  HA   sing N N 18  
ARG C   O    doub N N 19  
ARG C   OXT  sing N N 20  
ARG CB  CG   sing N N 21  
ARG CB  HB2  sing N N 22  
ARG CB  HB3  sing N N 23  
ARG CG  CD   sing N N 24  
ARG CG  HG2  sing N N 25  
ARG CG  HG3  sing N N 26  
ARG CD  NE   sing N N 27  
ARG CD  HD2  sing N N 28  
ARG CD  HD3  sing N N 29  
ARG NE  CZ   sing N N 30  
ARG NE  HE   sing N N 31  
ARG CZ  NH1  sing N N 32  
ARG CZ  NH2  doub N N 33  
ARG NH1 HH11 sing N N 34  
ARG NH1 HH12 sing N N 35  
ARG NH2 HH21 sing N N 36  
ARG NH2 HH22 sing N N 37  
ARG OXT HXT  sing N N 38  
ASN N   CA   sing N N 39  
ASN N   H    sing N N 40  
ASN N   H2   sing N N 41  
ASN CA  C    sing N N 42  
ASN CA  CB   sing N N 43  
ASN CA  HA   sing N N 44  
ASN C   O    doub N N 45  
ASN C   OXT  sing N N 46  
ASN CB  CG   sing N N 47  
ASN CB  HB2  sing N N 48  
ASN CB  HB3  sing N N 49  
ASN CG  OD1  doub N N 50  
ASN CG  ND2  sing N N 51  
ASN ND2 HD21 sing N N 52  
ASN ND2 HD22 sing N N 53  
ASN OXT HXT  sing N N 54  
ASP N   CA   sing N N 55  
ASP N   H    sing N N 56  
ASP N   H2   sing N N 57  
ASP CA  C    sing N N 58  
ASP CA  CB   sing N N 59  
ASP CA  HA   sing N N 60  
ASP C   O    doub N N 61  
ASP C   OXT  sing N N 62  
ASP CB  CG   sing N N 63  
ASP CB  HB2  sing N N 64  
ASP CB  HB3  sing N N 65  
ASP CG  OD1  doub N N 66  
ASP CG  OD2  sing N N 67  
ASP OD2 HD2  sing N N 68  
ASP OXT HXT  sing N N 69  
CYS N   CA   sing N N 70  
CYS N   H    sing N N 71  
CYS N   H2   sing N N 72  
CYS CA  C    sing N N 73  
CYS CA  CB   sing N N 74  
CYS CA  HA   sing N N 75  
CYS C   O    doub N N 76  
CYS C   OXT  sing N N 77  
CYS CB  SG   sing N N 78  
CYS CB  HB2  sing N N 79  
CYS CB  HB3  sing N N 80  
CYS SG  HG   sing N N 81  
CYS OXT HXT  sing N N 82  
GLN N   CA   sing N N 83  
GLN N   H    sing N N 84  
GLN N   H2   sing N N 85  
GLN CA  C    sing N N 86  
GLN CA  CB   sing N N 87  
GLN CA  HA   sing N N 88  
GLN C   O    doub N N 89  
GLN C   OXT  sing N N 90  
GLN CB  CG   sing N N 91  
GLN CB  HB2  sing N N 92  
GLN CB  HB3  sing N N 93  
GLN CG  CD   sing N N 94  
GLN CG  HG2  sing N N 95  
GLN CG  HG3  sing N N 96  
GLN CD  OE1  doub N N 97  
GLN CD  NE2  sing N N 98  
GLN NE2 HE21 sing N N 99  
GLN NE2 HE22 sing N N 100 
GLN OXT HXT  sing N N 101 
GLU N   CA   sing N N 102 
GLU N   H    sing N N 103 
GLU N   H2   sing N N 104 
GLU CA  C    sing N N 105 
GLU CA  CB   sing N N 106 
GLU CA  HA   sing N N 107 
GLU C   O    doub N N 108 
GLU C   OXT  sing N N 109 
GLU CB  CG   sing N N 110 
GLU CB  HB2  sing N N 111 
GLU CB  HB3  sing N N 112 
GLU CG  CD   sing N N 113 
GLU CG  HG2  sing N N 114 
GLU CG  HG3  sing N N 115 
GLU CD  OE1  doub N N 116 
GLU CD  OE2  sing N N 117 
GLU OE2 HE2  sing N N 118 
GLU OXT HXT  sing N N 119 
GLY N   CA   sing N N 120 
GLY N   H    sing N N 121 
GLY N   H2   sing N N 122 
GLY CA  C    sing N N 123 
GLY CA  HA2  sing N N 124 
GLY CA  HA3  sing N N 125 
GLY C   O    doub N N 126 
GLY C   OXT  sing N N 127 
GLY OXT HXT  sing N N 128 
ILE N   CA   sing N N 129 
ILE N   H    sing N N 130 
ILE N   H2   sing N N 131 
ILE CA  C    sing N N 132 
ILE CA  CB   sing N N 133 
ILE CA  HA   sing N N 134 
ILE C   O    doub N N 135 
ILE C   OXT  sing N N 136 
ILE CB  CG1  sing N N 137 
ILE CB  CG2  sing N N 138 
ILE CB  HB   sing N N 139 
ILE CG1 CD1  sing N N 140 
ILE CG1 HG12 sing N N 141 
ILE CG1 HG13 sing N N 142 
ILE CG2 HG21 sing N N 143 
ILE CG2 HG22 sing N N 144 
ILE CG2 HG23 sing N N 145 
ILE CD1 HD11 sing N N 146 
ILE CD1 HD12 sing N N 147 
ILE CD1 HD13 sing N N 148 
ILE OXT HXT  sing N N 149 
LEU N   CA   sing N N 150 
LEU N   H    sing N N 151 
LEU N   H2   sing N N 152 
LEU CA  C    sing N N 153 
LEU CA  CB   sing N N 154 
LEU CA  HA   sing N N 155 
LEU C   O    doub N N 156 
LEU C   OXT  sing N N 157 
LEU CB  CG   sing N N 158 
LEU CB  HB2  sing N N 159 
LEU CB  HB3  sing N N 160 
LEU CG  CD1  sing N N 161 
LEU CG  CD2  sing N N 162 
LEU CG  HG   sing N N 163 
LEU CD1 HD11 sing N N 164 
LEU CD1 HD12 sing N N 165 
LEU CD1 HD13 sing N N 166 
LEU CD2 HD21 sing N N 167 
LEU CD2 HD22 sing N N 168 
LEU CD2 HD23 sing N N 169 
LEU OXT HXT  sing N N 170 
LYS N   CA   sing N N 171 
LYS N   H    sing N N 172 
LYS N   H2   sing N N 173 
LYS CA  C    sing N N 174 
LYS CA  CB   sing N N 175 
LYS CA  HA   sing N N 176 
LYS C   O    doub N N 177 
LYS C   OXT  sing N N 178 
LYS CB  CG   sing N N 179 
LYS CB  HB2  sing N N 180 
LYS CB  HB3  sing N N 181 
LYS CG  CD   sing N N 182 
LYS CG  HG2  sing N N 183 
LYS CG  HG3  sing N N 184 
LYS CD  CE   sing N N 185 
LYS CD  HD2  sing N N 186 
LYS CD  HD3  sing N N 187 
LYS CE  NZ   sing N N 188 
LYS CE  HE2  sing N N 189 
LYS CE  HE3  sing N N 190 
LYS NZ  HZ1  sing N N 191 
LYS NZ  HZ2  sing N N 192 
LYS NZ  HZ3  sing N N 193 
LYS OXT HXT  sing N N 194 
PHE N   CA   sing N N 195 
PHE N   H    sing N N 196 
PHE N   H2   sing N N 197 
PHE CA  C    sing N N 198 
PHE CA  CB   sing N N 199 
PHE CA  HA   sing N N 200 
PHE C   O    doub N N 201 
PHE C   OXT  sing N N 202 
PHE CB  CG   sing N N 203 
PHE CB  HB2  sing N N 204 
PHE CB  HB3  sing N N 205 
PHE CG  CD1  doub Y N 206 
PHE CG  CD2  sing Y N 207 
PHE CD1 CE1  sing Y N 208 
PHE CD1 HD1  sing N N 209 
PHE CD2 CE2  doub Y N 210 
PHE CD2 HD2  sing N N 211 
PHE CE1 CZ   doub Y N 212 
PHE CE1 HE1  sing N N 213 
PHE CE2 CZ   sing Y N 214 
PHE CE2 HE2  sing N N 215 
PHE CZ  HZ   sing N N 216 
PHE OXT HXT  sing N N 217 
PRO N   CA   sing N N 218 
PRO N   CD   sing N N 219 
PRO N   H    sing N N 220 
PRO CA  C    sing N N 221 
PRO CA  CB   sing N N 222 
PRO CA  HA   sing N N 223 
PRO C   O    doub N N 224 
PRO C   OXT  sing N N 225 
PRO CB  CG   sing N N 226 
PRO CB  HB2  sing N N 227 
PRO CB  HB3  sing N N 228 
PRO CG  CD   sing N N 229 
PRO CG  HG2  sing N N 230 
PRO CG  HG3  sing N N 231 
PRO CD  HD2  sing N N 232 
PRO CD  HD3  sing N N 233 
PRO OXT HXT  sing N N 234 
SER N   CA   sing N N 235 
SER N   H    sing N N 236 
SER N   H2   sing N N 237 
SER CA  C    sing N N 238 
SER CA  CB   sing N N 239 
SER CA  HA   sing N N 240 
SER C   O    doub N N 241 
SER C   OXT  sing N N 242 
SER CB  OG   sing N N 243 
SER CB  HB2  sing N N 244 
SER CB  HB3  sing N N 245 
SER OG  HG   sing N N 246 
SER OXT HXT  sing N N 247 
THR N   CA   sing N N 248 
THR N   H    sing N N 249 
THR N   H2   sing N N 250 
THR CA  C    sing N N 251 
THR CA  CB   sing N N 252 
THR CA  HA   sing N N 253 
THR C   O    doub N N 254 
THR C   OXT  sing N N 255 
THR CB  OG1  sing N N 256 
THR CB  CG2  sing N N 257 
THR CB  HB   sing N N 258 
THR OG1 HG1  sing N N 259 
THR CG2 HG21 sing N N 260 
THR CG2 HG22 sing N N 261 
THR CG2 HG23 sing N N 262 
THR OXT HXT  sing N N 263 
TRP N   CA   sing N N 264 
TRP N   H    sing N N 265 
TRP N   H2   sing N N 266 
TRP CA  C    sing N N 267 
TRP CA  CB   sing N N 268 
TRP CA  HA   sing N N 269 
TRP C   O    doub N N 270 
TRP C   OXT  sing N N 271 
TRP CB  CG   sing N N 272 
TRP CB  HB2  sing N N 273 
TRP CB  HB3  sing N N 274 
TRP CG  CD1  doub Y N 275 
TRP CG  CD2  sing Y N 276 
TRP CD1 NE1  sing Y N 277 
TRP CD1 HD1  sing N N 278 
TRP CD2 CE2  doub Y N 279 
TRP CD2 CE3  sing Y N 280 
TRP NE1 CE2  sing Y N 281 
TRP NE1 HE1  sing N N 282 
TRP CE2 CZ2  sing Y N 283 
TRP CE3 CZ3  doub Y N 284 
TRP CE3 HE3  sing N N 285 
TRP CZ2 CH2  doub Y N 286 
TRP CZ2 HZ2  sing N N 287 
TRP CZ3 CH2  sing Y N 288 
TRP CZ3 HZ3  sing N N 289 
TRP CH2 HH2  sing N N 290 
TRP OXT HXT  sing N N 291 
TYR N   CA   sing N N 292 
TYR N   H    sing N N 293 
TYR N   H2   sing N N 294 
TYR CA  C    sing N N 295 
TYR CA  CB   sing N N 296 
TYR CA  HA   sing N N 297 
TYR C   O    doub N N 298 
TYR C   OXT  sing N N 299 
TYR CB  CG   sing N N 300 
TYR CB  HB2  sing N N 301 
TYR CB  HB3  sing N N 302 
TYR CG  CD1  doub Y N 303 
TYR CG  CD2  sing Y N 304 
TYR CD1 CE1  sing Y N 305 
TYR CD1 HD1  sing N N 306 
TYR CD2 CE2  doub Y N 307 
TYR CD2 HD2  sing N N 308 
TYR CE1 CZ   doub Y N 309 
TYR CE1 HE1  sing N N 310 
TYR CE2 CZ   sing Y N 311 
TYR CE2 HE2  sing N N 312 
TYR CZ  OH   sing N N 313 
TYR OH  HH   sing N N 314 
TYR OXT HXT  sing N N 315 
VAL N   CA   sing N N 316 
VAL N   H    sing N N 317 
VAL N   H2   sing N N 318 
VAL CA  C    sing N N 319 
VAL CA  CB   sing N N 320 
VAL CA  HA   sing N N 321 
VAL C   O    doub N N 322 
VAL C   OXT  sing N N 323 
VAL CB  CG1  sing N N 324 
VAL CB  CG2  sing N N 325 
VAL CB  HB   sing N N 326 
VAL CG1 HG11 sing N N 327 
VAL CG1 HG12 sing N N 328 
VAL CG1 HG13 sing N N 329 
VAL CG2 HG21 sing N N 330 
VAL CG2 HG22 sing N N 331 
VAL CG2 HG23 sing N N 332 
VAL OXT HXT  sing N N 333 
# 
_atom_sites.entry_id                    1KUM 
_atom_sites.fract_transf_matrix[1][1]   1.000000 
_atom_sites.fract_transf_matrix[1][2]   0.000000 
_atom_sites.fract_transf_matrix[1][3]   0.000000 
_atom_sites.fract_transf_matrix[2][1]   0.000000 
_atom_sites.fract_transf_matrix[2][2]   1.000000 
_atom_sites.fract_transf_matrix[2][3]   0.000000 
_atom_sites.fract_transf_matrix[3][1]   0.000000 
_atom_sites.fract_transf_matrix[3][2]   0.000000 
_atom_sites.fract_transf_matrix[3][3]   1.000000 
_atom_sites.fract_transf_vector[1]      0.00000 
_atom_sites.fract_transf_vector[2]      0.00000 
_atom_sites.fract_transf_vector[3]      0.00000 
# 
loop_
_atom_type.symbol 
C 
H 
N 
O 
S 
# 
loop_
_atom_site.group_PDB 
_atom_site.id 
_atom_site.type_symbol 
_atom_site.label_atom_id 
_atom_site.label_alt_id 
_atom_site.label_comp_id 
_atom_site.label_asym_id 
_atom_site.label_entity_id 
_atom_site.label_seq_id 
_atom_site.pdbx_PDB_ins_code 
_atom_site.Cartn_x 
_atom_site.Cartn_y 
_atom_site.Cartn_z 
_atom_site.occupancy 
_atom_site.B_iso_or_equiv 
_atom_site.pdbx_formal_charge 
_atom_site.auth_seq_id 
_atom_site.auth_comp_id 
_atom_site.auth_asym_id 
_atom_site.auth_atom_id 
_atom_site.pdbx_PDB_model_num 
ATOM 1    N N    . CYS A 1 1   ? 10.272  -14.531 16.097  1.00 6.43 ? 509 CYS A N    1 
ATOM 2    C CA   . CYS A 1 1   ? 9.544   -13.235 15.995  1.00 5.62 ? 509 CYS A CA   1 
ATOM 3    C C    . CYS A 1 1   ? 10.537  -12.125 15.646  1.00 5.15 ? 509 CYS A C    1 
ATOM 4    O O    . CYS A 1 1   ? 11.447  -11.835 16.398  1.00 5.47 ? 509 CYS A O    1 
ATOM 5    C CB   . CYS A 1 1   ? 8.876   -12.920 17.334  1.00 5.06 ? 509 CYS A CB   1 
ATOM 6    S SG   . CYS A 1 1   ? 7.833   -11.451 17.160  1.00 4.53 ? 509 CYS A SG   1 
ATOM 7    H H1   . CYS A 1 1   ? 10.906  -14.638 15.280  1.00 6.77 ? 509 CYS A H1   1 
ATOM 8    H H2   . CYS A 1 1   ? 10.831  -14.545 16.974  1.00 6.63 ? 509 CYS A H2   1 
ATOM 9    H H3   . CYS A 1 1   ? 9.587   -15.314 16.107  1.00 6.74 ? 509 CYS A H3   1 
ATOM 10   H HA   . CYS A 1 1   ? 8.792   -13.304 15.222  1.00 6.01 ? 509 CYS A HA   1 
ATOM 11   H HB2  . CYS A 1 1   ? 8.268   -13.758 17.639  1.00 5.48 ? 509 CYS A HB2  1 
ATOM 12   H HB3  . CYS A 1 1   ? 9.635   -12.736 18.080  1.00 4.98 ? 509 CYS A HB3  1 
ATOM 13   N N    . THR A 1 2   ? 10.369  -11.501 14.512  1.00 4.51 ? 510 THR A N    1 
ATOM 14   C CA   . THR A 1 2   ? 11.304  -10.410 14.117  1.00 4.16 ? 510 THR A CA   1 
ATOM 15   C C    . THR A 1 2   ? 10.918  -9.123  14.840  1.00 3.34 ? 510 THR A C    1 
ATOM 16   O O    . THR A 1 2   ? 10.358  -9.148  15.920  1.00 3.24 ? 510 THR A O    1 
ATOM 17   C CB   . THR A 1 2   ? 11.215  -10.184 12.606  1.00 4.14 ? 510 THR A CB   1 
ATOM 18   O OG1  . THR A 1 2   ? 10.647  -11.333 11.992  1.00 4.81 ? 510 THR A OG1  1 
ATOM 19   C CG2  . THR A 1 2   ? 12.614  -9.942  12.040  1.00 4.74 ? 510 THR A CG2  1 
ATOM 20   H H    . THR A 1 2   ? 9.628   -11.750 13.921  1.00 4.38 ? 510 THR A H    1 
ATOM 21   H HA   . THR A 1 2   ? 12.313  -10.683 14.381  1.00 4.79 ? 510 THR A HA   1 
ATOM 22   H HB   . THR A 1 2   ? 10.594  -9.320  12.406  1.00 3.46 ? 510 THR A HB   1 
ATOM 23   H HG1  . THR A 1 2   ? 10.001  -11.037 11.346  1.00 4.99 ? 510 THR A HG1  1 
ATOM 24   H HG21 . THR A 1 2   ? 13.332  -10.530 12.591  1.00 4.98 ? 510 THR A HG21 1 
ATOM 25   H HG22 . THR A 1 2   ? 12.636  -10.230 11.000  1.00 5.12 ? 510 THR A HG22 1 
ATOM 26   H HG23 . THR A 1 2   ? 12.863  -8.894  12.129  1.00 4.92 ? 510 THR A HG23 1 
ATOM 27   N N    . THR A 1 3   ? 11.206  -7.994  14.253  1.00 3.12 ? 511 THR A N    1 
ATOM 28   C CA   . THR A 1 3   ? 10.848  -6.710  14.908  1.00 2.70 ? 511 THR A CA   1 
ATOM 29   C C    . THR A 1 3   ? 9.377   -6.754  15.331  1.00 2.35 ? 511 THR A C    1 
ATOM 30   O O    . THR A 1 3   ? 8.495   -6.807  14.499  1.00 2.53 ? 511 THR A O    1 
ATOM 31   C CB   . THR A 1 3   ? 11.060  -5.556  13.921  1.00 2.81 ? 511 THR A CB   1 
ATOM 32   O OG1  . THR A 1 3   ? 10.481  -4.371  14.449  1.00 3.00 ? 511 THR A OG1  1 
ATOM 33   C CG2  . THR A 1 3   ? 10.403  -5.894  12.579  1.00 2.87 ? 511 THR A CG2  1 
ATOM 34   H H    . THR A 1 3   ? 11.653  -7.994  13.382  1.00 3.52 ? 511 THR A H    1 
ATOM 35   H HA   . THR A 1 3   ? 11.473  -6.560  15.774  1.00 3.12 ? 511 THR A HA   1 
ATOM 36   H HB   . THR A 1 3   ? 12.117  -5.403  13.768  1.00 3.29 ? 511 THR A HB   1 
ATOM 37   H HG1  . THR A 1 3   ? 11.115  -3.659  14.342  1.00 3.19 ? 511 THR A HG1  1 
ATOM 38   H HG21 . THR A 1 3   ? 9.381   -6.198  12.743  1.00 3.13 ? 511 THR A HG21 1 
ATOM 39   H HG22 . THR A 1 3   ? 10.420  -5.021  11.940  1.00 3.07 ? 511 THR A HG22 1 
ATOM 40   H HG23 . THR A 1 3   ? 10.947  -6.697  12.105  1.00 3.18 ? 511 THR A HG23 1 
ATOM 41   N N    . PRO A 1 4   ? 9.158   -6.730  16.618  1.00 2.48 ? 512 PRO A N    1 
ATOM 42   C CA   . PRO A 1 4   ? 7.800   -6.761  17.184  1.00 2.89 ? 512 PRO A CA   1 
ATOM 43   C C    . PRO A 1 4   ? 7.144   -5.394  17.008  1.00 2.38 ? 512 PRO A C    1 
ATOM 44   O O    . PRO A 1 4   ? 5.948   -5.238  17.142  1.00 2.94 ? 512 PRO A O    1 
ATOM 45   C CB   . PRO A 1 4   ? 8.035   -7.088  18.663  1.00 3.69 ? 512 PRO A CB   1 
ATOM 46   C CG   . PRO A 1 4   ? 9.495   -6.678  18.972  1.00 3.57 ? 512 PRO A CG   1 
ATOM 47   C CD   . PRO A 1 4   ? 10.237  -6.656  17.623  1.00 2.91 ? 512 PRO A CD   1 
ATOM 48   H HA   . PRO A 1 4   ? 7.209   -7.534  16.721  1.00 3.41 ? 512 PRO A HA   1 
ATOM 49   H HB2  . PRO A 1 4   ? 7.347   -6.526  19.281  1.00 3.99 ? 512 PRO A HB2  1 
ATOM 50   H HB3  . PRO A 1 4   ? 7.911   -8.146  18.834  1.00 4.35 ? 512 PRO A HB3  1 
ATOM 51   H HG2  . PRO A 1 4   ? 9.515   -5.696  19.426  1.00 3.63 ? 512 PRO A HG2  1 
ATOM 52   H HG3  . PRO A 1 4   ? 9.953   -7.401  19.628  1.00 4.24 ? 512 PRO A HG3  1 
ATOM 53   H HD2  . PRO A 1 4   ? 10.796  -5.737  17.516  1.00 2.72 ? 512 PRO A HD2  1 
ATOM 54   H HD3  . PRO A 1 4   ? 10.887  -7.512  17.533  1.00 3.41 ? 512 PRO A HD3  1 
ATOM 55   N N    . THR A 1 5   ? 7.930   -4.403  16.694  1.00 1.80 ? 513 THR A N    1 
ATOM 56   C CA   . THR A 1 5   ? 7.374   -3.040  16.491  1.00 2.07 ? 513 THR A CA   1 
ATOM 57   C C    . THR A 1 5   ? 7.001   -2.861  15.016  1.00 1.64 ? 513 THR A C    1 
ATOM 58   O O    . THR A 1 5   ? 6.352   -1.904  14.647  1.00 1.83 ? 513 THR A O    1 
ATOM 59   C CB   . THR A 1 5   ? 8.427   -1.999  16.882  1.00 2.63 ? 513 THR A CB   1 
ATOM 60   O OG1  . THR A 1 5   ? 9.259   -1.723  15.765  1.00 2.61 ? 513 THR A OG1  1 
ATOM 61   C CG2  . THR A 1 5   ? 9.278   -2.540  18.031  1.00 2.98 ? 513 THR A CG2  1 
ATOM 62   H H    . THR A 1 5   ? 8.892   -4.558  16.584  1.00 1.71 ? 513 THR A H    1 
ATOM 63   H HA   . THR A 1 5   ? 6.494   -2.914  17.104  1.00 2.65 ? 513 THR A HA   1 
ATOM 64   H HB   . THR A 1 5   ? 7.937   -1.091  17.200  1.00 3.23 ? 513 THR A HB   1 
ATOM 65   H HG1  . THR A 1 5   ? 10.024  -2.299  15.815  1.00 3.00 ? 513 THR A HG1  1 
ATOM 66   H HG21 . THR A 1 5   ? 8.677   -3.186  18.652  1.00 3.23 ? 513 THR A HG21 1 
ATOM 67   H HG22 . THR A 1 5   ? 10.111  -3.099  17.629  1.00 3.24 ? 513 THR A HG22 1 
ATOM 68   H HG23 . THR A 1 5   ? 9.650   -1.716  18.623  1.00 3.23 ? 513 THR A HG23 1 
ATOM 69   N N    . ALA A 1 6   ? 7.409   -3.771  14.169  1.00 1.31 ? 514 ALA A N    1 
ATOM 70   C CA   . ALA A 1 6   ? 7.077   -3.636  12.721  1.00 0.99 ? 514 ALA A CA   1 
ATOM 71   C C    . ALA A 1 6   ? 5.950   -4.594  12.348  1.00 0.88 ? 514 ALA A C    1 
ATOM 72   O O    . ALA A 1 6   ? 5.943   -5.745  12.734  1.00 1.07 ? 514 ALA A O    1 
ATOM 73   C CB   . ALA A 1 6   ? 8.310   -3.968  11.871  1.00 1.17 ? 514 ALA A CB   1 
ATOM 74   H H    . ALA A 1 6   ? 7.937   -4.538  14.484  1.00 1.47 ? 514 ALA A H    1 
ATOM 75   H HA   . ALA A 1 6   ? 6.765   -2.624  12.519  1.00 1.01 ? 514 ALA A HA   1 
ATOM 76   H HB1  . ALA A 1 6   ? 9.201   -3.630  12.379  1.00 1.59 ? 514 ALA A HB1  1 
ATOM 77   H HB2  . ALA A 1 6   ? 8.364   -5.036  11.716  1.00 1.67 ? 514 ALA A HB2  1 
ATOM 78   H HB3  . ALA A 1 6   ? 8.230   -3.471  10.914  1.00 1.56 ? 514 ALA A HB3  1 
ATOM 79   N N    . VAL A 1 7   ? 5.005   -4.128  11.580  1.00 0.76 ? 515 VAL A N    1 
ATOM 80   C CA   . VAL A 1 7   ? 3.892   -5.013  11.162  1.00 0.69 ? 515 VAL A CA   1 
ATOM 81   C C    . VAL A 1 7   ? 3.725   -4.926  9.643   1.00 0.69 ? 515 VAL A C    1 
ATOM 82   O O    . VAL A 1 7   ? 3.758   -3.855  9.070   1.00 0.71 ? 515 VAL A O    1 
ATOM 83   C CB   . VAL A 1 7   ? 2.598   -4.594  11.856  1.00 0.76 ? 515 VAL A CB   1 
ATOM 84   C CG1  . VAL A 1 7   ? 1.453   -5.485  11.365  1.00 0.84 ? 515 VAL A CG1  1 
ATOM 85   C CG2  . VAL A 1 7   ? 2.763   -4.768  13.368  1.00 0.84 ? 515 VAL A CG2  1 
ATOM 86   H H    . VAL A 1 7   ? 5.037   -3.202  11.268  1.00 0.86 ? 515 VAL A H    1 
ATOM 87   H HA   . VAL A 1 7   ? 4.128   -6.019  11.438  1.00 0.67 ? 515 VAL A HA   1 
ATOM 88   H HB   . VAL A 1 7   ? 2.380   -3.561  11.627  1.00 0.83 ? 515 VAL A HB   1 
ATOM 89   H HG11 . VAL A 1 7   ? 1.524   -5.608  10.295  1.00 1.33 ? 515 VAL A HG11 1 
ATOM 90   H HG12 . VAL A 1 7   ? 1.519   -6.451  11.843  1.00 1.36 ? 515 VAL A HG12 1 
ATOM 91   H HG13 . VAL A 1 7   ? 0.507   -5.025  11.614  1.00 1.31 ? 515 VAL A HG13 1 
ATOM 92   H HG21 . VAL A 1 7   ? 3.778   -5.066  13.587  1.00 1.33 ? 515 VAL A HG21 1 
ATOM 93   H HG22 . VAL A 1 7   ? 2.547   -3.833  13.865  1.00 1.40 ? 515 VAL A HG22 1 
ATOM 94   H HG23 . VAL A 1 7   ? 2.080   -5.527  13.720  1.00 1.26 ? 515 VAL A HG23 1 
ATOM 95   N N    . ALA A 1 8   ? 3.551   -6.040  8.981   1.00 0.70 ? 516 ALA A N    1 
ATOM 96   C CA   . ALA A 1 8   ? 3.385   -6.001  7.500   1.00 0.71 ? 516 ALA A CA   1 
ATOM 97   C C    . ALA A 1 8   ? 1.953   -5.591  7.178   1.00 0.64 ? 516 ALA A C    1 
ATOM 98   O O    . ALA A 1 8   ? 1.007   -6.188  7.645   1.00 0.63 ? 516 ALA A O    1 
ATOM 99   C CB   . ALA A 1 8   ? 3.667   -7.380  6.908   1.00 0.78 ? 516 ALA A CB   1 
ATOM 100  H H    . ALA A 1 8   ? 3.529   -6.897  9.456   1.00 0.71 ? 516 ALA A H    1 
ATOM 101  H HA   . ALA A 1 8   ? 4.072   -5.280  7.080   1.00 0.75 ? 516 ALA A HA   1 
ATOM 102  H HB1  . ALA A 1 8   ? 4.560   -7.789  7.355   1.00 1.27 ? 516 ALA A HB1  1 
ATOM 103  H HB2  . ALA A 1 8   ? 2.830   -8.033  7.106   1.00 1.25 ? 516 ALA A HB2  1 
ATOM 104  H HB3  . ALA A 1 8   ? 3.807   -7.286  5.842   1.00 1.37 ? 516 ALA A HB3  1 
ATOM 105  N N    . VAL A 1 9   ? 1.791   -4.558  6.403   1.00 0.63 ? 517 VAL A N    1 
ATOM 106  C CA   . VAL A 1 9   ? 0.412   -4.078  6.076   1.00 0.57 ? 517 VAL A CA   1 
ATOM 107  C C    . VAL A 1 9   ? 0.128   -4.195  4.574   1.00 0.53 ? 517 VAL A C    1 
ATOM 108  O O    . VAL A 1 9   ? 0.803   -3.602  3.757   1.00 0.52 ? 517 VAL A O    1 
ATOM 109  C CB   . VAL A 1 9   ? 0.299   -2.612  6.497   1.00 0.57 ? 517 VAL A CB   1 
ATOM 110  C CG1  . VAL A 1 9   ? -1.173  -2.207  6.625   1.00 0.57 ? 517 VAL A CG1  1 
ATOM 111  C CG2  . VAL A 1 9   ? 0.992   -2.426  7.843   1.00 0.64 ? 517 VAL A CG2  1 
ATOM 112  H H    . VAL A 1 9   ? 2.579   -4.085  6.053   1.00 0.68 ? 517 VAL A H    1 
ATOM 113  H HA   . VAL A 1 9   ? -0.311  -4.662  6.623   1.00 0.59 ? 517 VAL A HA   1 
ATOM 114  H HB   . VAL A 1 9   ? 0.778   -1.988  5.757   1.00 0.58 ? 517 VAL A HB   1 
ATOM 115  H HG11 . VAL A 1 9   ? -1.801  -3.071  6.465   1.00 1.18 ? 517 VAL A HG11 1 
ATOM 116  H HG12 . VAL A 1 9   ? -1.353  -1.805  7.614   1.00 1.20 ? 517 VAL A HG12 1 
ATOM 117  H HG13 . VAL A 1 9   ? -1.399  -1.454  5.885   1.00 1.12 ? 517 VAL A HG13 1 
ATOM 118  H HG21 . VAL A 1 9   ? 1.345   -3.381  8.201   1.00 1.23 ? 517 VAL A HG21 1 
ATOM 119  H HG22 . VAL A 1 9   ? 1.829   -1.756  7.727   1.00 1.28 ? 517 VAL A HG22 1 
ATOM 120  H HG23 . VAL A 1 9   ? 0.294   -2.012  8.551   1.00 1.10 ? 517 VAL A HG23 1 
ATOM 121  N N    . THR A 1 10  ? -0.887  -4.939  4.205   1.00 0.54 ? 518 THR A N    1 
ATOM 122  C CA   . THR A 1 10  ? -1.226  -5.066  2.757   1.00 0.52 ? 518 THR A CA   1 
ATOM 123  C C    . THR A 1 10  ? -2.225  -3.991  2.348   1.00 0.46 ? 518 THR A C    1 
ATOM 124  O O    . THR A 1 10  ? -3.296  -3.861  2.910   1.00 0.52 ? 518 THR A O    1 
ATOM 125  C CB   . THR A 1 10  ? -1.815  -6.444  2.453   1.00 0.58 ? 518 THR A CB   1 
ATOM 126  O OG1  . THR A 1 10  ? -2.225  -7.069  3.661   1.00 0.64 ? 518 THR A OG1  1 
ATOM 127  C CG2  . THR A 1 10  ? -0.769  -7.293  1.734   1.00 0.69 ? 518 THR A CG2  1 
ATOM 128  H H    . THR A 1 10  ? -1.434  -5.395  4.882   1.00 0.59 ? 518 THR A H    1 
ATOM 129  H HA   . THR A 1 10  ? -0.326  -4.934  2.176   1.00 0.53 ? 518 THR A HA   1 
ATOM 130  H HB   . THR A 1 10  ? -2.672  -6.328  1.809   1.00 0.56 ? 518 THR A HB   1 
ATOM 131  H HG1  . THR A 1 10  ? -3.016  -7.582  3.476   1.00 1.02 ? 518 THR A HG1  1 
ATOM 132  H HG21 . THR A 1 10  ? -0.060  -6.637  1.245   1.00 1.27 ? 518 THR A HG21 1 
ATOM 133  H HG22 . THR A 1 10  ? -0.253  -7.914  2.449   1.00 1.27 ? 518 THR A HG22 1 
ATOM 134  H HG23 . THR A 1 10  ? -1.252  -7.919  0.993   1.00 1.19 ? 518 THR A HG23 1 
ATOM 135  N N    . PHE A 1 11  ? -1.869  -3.225  1.364   1.00 0.47 ? 519 PHE A N    1 
ATOM 136  C CA   . PHE A 1 11  ? -2.773  -2.141  0.875   1.00 0.49 ? 519 PHE A CA   1 
ATOM 137  C C    . PHE A 1 11  ? -3.580  -2.662  -0.310  1.00 0.53 ? 519 PHE A C    1 
ATOM 138  O O    . PHE A 1 11  ? -3.054  -2.844  -1.382  1.00 0.71 ? 519 PHE A O    1 
ATOM 139  C CB   . PHE A 1 11  ? -1.909  -0.971  0.437   1.00 0.53 ? 519 PHE A CB   1 
ATOM 140  C CG   . PHE A 1 11  ? -0.743  -0.870  1.382   1.00 0.46 ? 519 PHE A CG   1 
ATOM 141  C CD1  . PHE A 1 11  ? -0.888  -0.178  2.586   1.00 1.30 ? 519 PHE A CD1  1 
ATOM 142  C CD2  . PHE A 1 11  ? 0.477   -1.470  1.057   1.00 1.28 ? 519 PHE A CD2  1 
ATOM 143  C CE1  . PHE A 1 11  ? 0.187   -0.084  3.474   1.00 1.29 ? 519 PHE A CE1  1 
ATOM 144  C CE2  . PHE A 1 11  ? 1.552   -1.374  1.941   1.00 1.29 ? 519 PHE A CE2  1 
ATOM 145  C CZ   . PHE A 1 11  ? 1.410   -0.680  3.152   1.00 0.45 ? 519 PHE A CZ   1 
ATOM 146  H H    . PHE A 1 11  ? -0.990  -3.367  0.938   1.00 0.54 ? 519 PHE A H    1 
ATOM 147  H HA   . PHE A 1 11  ? -3.435  -1.831  1.666   1.00 0.48 ? 519 PHE A HA   1 
ATOM 148  H HB2  . PHE A 1 11  ? -1.553  -1.136  -0.569  1.00 0.59 ? 519 PHE A HB2  1 
ATOM 149  H HB3  . PHE A 1 11  ? -2.482  -0.067  0.476   1.00 0.60 ? 519 PHE A HB3  1 
ATOM 150  H HD1  . PHE A 1 11  ? -1.833  0.277   2.830   1.00 2.20 ? 519 PHE A HD1  1 
ATOM 151  H HD2  . PHE A 1 11  ? 0.589   -2.015  0.127   1.00 2.18 ? 519 PHE A HD2  1 
ATOM 152  H HE1  . PHE A 1 11  ? 0.074   0.449   4.407   1.00 2.19 ? 519 PHE A HE1  1 
ATOM 153  H HE2  . PHE A 1 11  ? 2.488   -1.831  1.686   1.00 2.19 ? 519 PHE A HE2  1 
ATOM 154  H HZ   . PHE A 1 11  ? 2.244   -0.607  3.838   1.00 0.49 ? 519 PHE A HZ   1 
ATOM 155  N N    . ASP A 1 12  ? -4.843  -2.938  -0.119  1.00 0.49 ? 520 ASP A N    1 
ATOM 156  C CA   . ASP A 1 12  ? -5.660  -3.508  -1.238  1.00 0.50 ? 520 ASP A CA   1 
ATOM 157  C C    . ASP A 1 12  ? -6.559  -2.488  -1.950  1.00 0.47 ? 520 ASP A C    1 
ATOM 158  O O    . ASP A 1 12  ? -7.223  -1.676  -1.339  1.00 0.52 ? 520 ASP A O    1 
ATOM 159  C CB   . ASP A 1 12  ? -6.541  -4.640  -0.697  1.00 0.55 ? 520 ASP A CB   1 
ATOM 160  C CG   . ASP A 1 12  ? -6.848  -4.399  0.782   1.00 0.56 ? 520 ASP A CG   1 
ATOM 161  O OD1  . ASP A 1 12  ? -5.954  -4.592  1.591   1.00 1.28 ? 520 ASP A OD1  1 
ATOM 162  O OD2  . ASP A 1 12  ? -7.970  -4.026  1.082   1.00 1.15 ? 520 ASP A OD2  1 
ATOM 163  H H    . ASP A 1 12  ? -5.243  -2.805  0.766   1.00 0.53 ? 520 ASP A H    1 
ATOM 164  H HA   . ASP A 1 12  ? -4.993  -3.925  -1.964  1.00 0.52 ? 520 ASP A HA   1 
ATOM 165  H HB2  . ASP A 1 12  ? -7.469  -4.656  -1.248  1.00 0.57 ? 520 ASP A HB2  1 
ATOM 166  H HB3  . ASP A 1 12  ? -6.033  -5.592  -0.814  1.00 0.57 ? 520 ASP A HB3  1 
ATOM 167  N N    . LEU A 1 13  ? -6.615  -2.604  -3.259  1.00 0.44 ? 521 LEU A N    1 
ATOM 168  C CA   . LEU A 1 13  ? -7.499  -1.735  -4.102  1.00 0.40 ? 521 LEU A CA   1 
ATOM 169  C C    . LEU A 1 13  ? -8.794  -2.391  -4.489  1.00 0.43 ? 521 LEU A C    1 
ATOM 170  O O    . LEU A 1 13  ? -8.829  -3.462  -5.057  1.00 0.68 ? 521 LEU A O    1 
ATOM 171  C CB   . LEU A 1 13  ? -6.871  -1.399  -5.459  1.00 0.39 ? 521 LEU A CB   1 
ATOM 172  C CG   . LEU A 1 13  ? -6.429  0.055   -5.589  1.00 0.37 ? 521 LEU A CG   1 
ATOM 173  C CD1  . LEU A 1 13  ? -6.223  0.738   -4.260  1.00 0.37 ? 521 LEU A CD1  1 
ATOM 174  C CD2  . LEU A 1 13  ? -5.168  0.122   -6.437  1.00 0.44 ? 521 LEU A CD2  1 
ATOM 175  H H    . LEU A 1 13  ? -6.097  -3.313  -3.691  1.00 0.49 ? 521 LEU A H    1 
ATOM 176  H HA   . LEU A 1 13  ? -7.706  -0.822  -3.584  1.00 0.41 ? 521 LEU A HA   1 
ATOM 177  H HB2  . LEU A 1 13  ? -6.014  -2.028  -5.609  1.00 0.46 ? 521 LEU A HB2  1 
ATOM 178  H HB3  . LEU A 1 13  ? -7.591  -1.611  -6.237  1.00 0.41 ? 521 LEU A HB3  1 
ATOM 179  H HG   . LEU A 1 13  ? -7.214  0.583   -6.099  1.00 0.37 ? 521 LEU A HG   1 
ATOM 180  H HD11 . LEU A 1 13  ? -6.065  0.001   -3.490  1.00 1.08 ? 521 LEU A HD11 1 
ATOM 181  H HD12 . LEU A 1 13  ? -5.369  1.395   -4.330  1.00 1.11 ? 521 LEU A HD12 1 
ATOM 182  H HD13 . LEU A 1 13  ? -7.110  1.322   -4.042  1.00 1.09 ? 521 LEU A HD13 1 
ATOM 183  H HD21 . LEU A 1 13  ? -4.425  -0.552  -6.038  1.00 1.13 ? 521 LEU A HD21 1 
ATOM 184  H HD22 . LEU A 1 13  ? -5.414  -0.169  -7.452  1.00 1.11 ? 521 LEU A HD22 1 
ATOM 185  H HD23 . LEU A 1 13  ? -4.785  1.130   -6.432  1.00 1.07 ? 521 LEU A HD23 1 
ATOM 186  N N    . THR A 1 14  ? -9.837  -1.658  -4.354  1.00 0.42 ? 522 THR A N    1 
ATOM 187  C CA   . THR A 1 14  ? -11.109 -2.133  -4.902  1.00 0.43 ? 522 THR A CA   1 
ATOM 188  C C    . THR A 1 14  ? -11.178 -1.426  -6.241  1.00 0.44 ? 522 THR A C    1 
ATOM 189  O O    . THR A 1 14  ? -11.612 -0.291  -6.346  1.00 0.48 ? 522 THR A O    1 
ATOM 190  C CB   . THR A 1 14  ? -12.292 -1.774  -4.012  1.00 0.52 ? 522 THR A CB   1 
ATOM 191  O OG1  . THR A 1 14  ? -11.919 -0.756  -3.095  1.00 0.57 ? 522 THR A OG1  1 
ATOM 192  C CG2  . THR A 1 14  ? -12.734 -3.036  -3.280  1.00 0.58 ? 522 THR A CG2  1 
ATOM 193  H H    . THR A 1 14  ? -9.752  -0.737  -4.018  1.00 0.57 ? 522 THR A H    1 
ATOM 194  H HA   . THR A 1 14  ? -11.060 -3.203  -5.057  1.00 0.44 ? 522 THR A HA   1 
ATOM 195  H HB   . THR A 1 14  ? -13.106 -1.421  -4.626  1.00 0.57 ? 522 THR A HB   1 
ATOM 196  H HG1  . THR A 1 14  ? -12.689 -0.539  -2.563  1.00 1.07 ? 522 THR A HG1  1 
ATOM 197  H HG21 . THR A 1 14  ? -12.583 -3.891  -3.933  1.00 1.16 ? 522 THR A HG21 1 
ATOM 198  H HG22 . THR A 1 14  ? -12.148 -3.158  -2.383  1.00 1.19 ? 522 THR A HG22 1 
ATOM 199  H HG23 . THR A 1 14  ? -13.780 -2.957  -3.026  1.00 1.17 ? 522 THR A HG23 1 
ATOM 200  N N    . ALA A 1 15  ? -10.639 -2.051  -7.250  1.00 0.47 ? 523 ALA A N    1 
ATOM 201  C CA   . ALA A 1 15  ? -10.576 -1.396  -8.576  1.00 0.55 ? 523 ALA A CA   1 
ATOM 202  C C    . ALA A 1 15  ? -10.494 -2.457  -9.672  1.00 0.53 ? 523 ALA A C    1 
ATOM 203  O O    . ALA A 1 15  ? -9.510  -3.158  -9.796  1.00 0.68 ? 523 ALA A O    1 
ATOM 204  C CB   . ALA A 1 15  ? -9.319  -0.519  -8.611  1.00 0.68 ? 523 ALA A CB   1 
ATOM 205  H H    . ALA A 1 15  ? -10.217 -2.929  -7.116  1.00 0.47 ? 523 ALA A H    1 
ATOM 206  H HA   . ALA A 1 15  ? -11.450 -0.783  -8.724  1.00 0.64 ? 523 ALA A HA   1 
ATOM 207  H HB1  . ALA A 1 15  ? -8.586  -0.899  -7.903  1.00 1.23 ? 523 ALA A HB1  1 
ATOM 208  H HB2  . ALA A 1 15  ? -8.898  -0.530  -9.604  1.00 1.23 ? 523 ALA A HB2  1 
ATOM 209  H HB3  . ALA A 1 15  ? -9.584  0.492   -8.341  1.00 1.28 ? 523 ALA A HB3  1 
ATOM 210  N N    . THR A 1 16  ? -11.517 -2.579  -10.471 1.00 0.53 ? 524 THR A N    1 
ATOM 211  C CA   . THR A 1 16  ? -11.490 -3.594  -11.558 1.00 0.58 ? 524 THR A CA   1 
ATOM 212  C C    . THR A 1 16  ? -10.907 -2.968  -12.821 1.00 0.67 ? 524 THR A C    1 
ATOM 213  O O    . THR A 1 16  ? -11.339 -3.232  -13.926 1.00 1.02 ? 524 THR A O    1 
ATOM 214  C CB   . THR A 1 16  ? -12.903 -4.062  -11.855 1.00 0.68 ? 524 THR A CB   1 
ATOM 215  O OG1  . THR A 1 16  ? -12.868 -5.112  -12.814 1.00 0.79 ? 524 THR A OG1  1 
ATOM 216  C CG2  . THR A 1 16  ? -13.672 -2.875  -12.411 1.00 0.81 ? 524 THR A CG2  1 
ATOM 217  H H    . THR A 1 16  ? -12.302 -2.001  -10.357 1.00 0.61 ? 524 THR A H    1 
ATOM 218  H HA   . THR A 1 16  ? -10.883 -4.425  -11.252 1.00 0.60 ? 524 THR A HA   1 
ATOM 219  H HB   . THR A 1 16  ? -13.371 -4.408  -10.950 1.00 0.71 ? 524 THR A HB   1 
ATOM 220  H HG1  . THR A 1 16  ? -13.645 -5.659  -12.682 1.00 1.22 ? 524 THR A HG1  1 
ATOM 221  H HG21 . THR A 1 16  ? -12.997 -2.030  -12.489 1.00 1.31 ? 524 THR A HG21 1 
ATOM 222  H HG22 . THR A 1 16  ? -14.058 -3.120  -13.388 1.00 1.34 ? 524 THR A HG22 1 
ATOM 223  H HG23 . THR A 1 16  ? -14.488 -2.628  -11.749 1.00 1.31 ? 524 THR A HG23 1 
ATOM 224  N N    . THR A 1 17  ? -9.922  -2.149  -12.652 1.00 1.40 ? 525 THR A N    1 
ATOM 225  C CA   . THR A 1 17  ? -9.269  -1.488  -13.819 1.00 1.63 ? 525 THR A CA   1 
ATOM 226  C C    . THR A 1 17  ? -8.999  -2.537  -14.907 1.00 1.31 ? 525 THR A C    1 
ATOM 227  O O    . THR A 1 17  ? -9.013  -3.724  -14.652 1.00 2.13 ? 525 THR A O    1 
ATOM 228  C CB   . THR A 1 17  ? -7.953  -0.863  -13.346 1.00 2.85 ? 525 THR A CB   1 
ATOM 229  O OG1  . THR A 1 17  ? -8.228  0.343   -12.647 1.00 3.44 ? 525 THR A OG1  1 
ATOM 230  C CG2  . THR A 1 17  ? -7.056  -0.564  -14.545 1.00 3.36 ? 525 THR A CG2  1 
ATOM 231  H H    . THR A 1 17  ? -9.602  -1.977  -11.747 1.00 2.01 ? 525 THR A H    1 
ATOM 232  H HA   . THR A 1 17  ? -9.918  -0.719  -14.210 1.00 1.86 ? 525 THR A HA   1 
ATOM 233  H HB   . THR A 1 17  ? -7.446  -1.551  -12.688 1.00 3.38 ? 525 THR A HB   1 
ATOM 234  H HG1  . THR A 1 17  ? -9.131  0.605   -12.850 1.00 3.85 ? 525 THR A HG1  1 
ATOM 235  H HG21 . THR A 1 17  ? -7.631  -0.065  -15.309 1.00 3.59 ? 525 THR A HG21 1 
ATOM 236  H HG22 . THR A 1 17  ? -6.241  0.075   -14.233 1.00 3.78 ? 525 THR A HG22 1 
ATOM 237  H HG23 . THR A 1 17  ? -6.657  -1.489  -14.932 1.00 3.67 ? 525 THR A HG23 1 
ATOM 238  N N    . THR A 1 18  ? -8.761  -2.117  -16.121 1.00 1.10 ? 526 THR A N    1 
ATOM 239  C CA   . THR A 1 18  ? -8.502  -3.112  -17.206 1.00 1.88 ? 526 THR A CA   1 
ATOM 240  C C    . THR A 1 18  ? -7.351  -2.634  -18.091 1.00 1.68 ? 526 THR A C    1 
ATOM 241  O O    . THR A 1 18  ? -7.061  -3.211  -19.120 1.00 2.10 ? 526 THR A O    1 
ATOM 242  C CB   . THR A 1 18  ? -9.766  -3.281  -18.053 1.00 2.88 ? 526 THR A CB   1 
ATOM 243  O OG1  . THR A 1 18  ? -9.448  -4.010  -19.230 1.00 3.88 ? 526 THR A OG1  1 
ATOM 244  C CG2  . THR A 1 18  ? -10.317 -1.905  -18.435 1.00 3.12 ? 526 THR A CG2  1 
ATOM 245  H H    . THR A 1 18  ? -8.757  -1.158  -16.321 1.00 1.24 ? 526 THR A H    1 
ATOM 246  H HA   . THR A 1 18  ? -8.240  -4.057  -16.763 1.00 2.49 ? 526 THR A HA   1 
ATOM 247  H HB   . THR A 1 18  ? -10.510 -3.815  -17.485 1.00 3.11 ? 526 THR A HB   1 
ATOM 248  H HG1  . THR A 1 18  ? -9.061  -3.401  -19.862 1.00 4.34 ? 526 THR A HG1  1 
ATOM 249  H HG21 . THR A 1 18  ? -10.459 -1.313  -17.543 1.00 3.43 ? 526 THR A HG21 1 
ATOM 250  H HG22 . THR A 1 18  ? -9.618  -1.406  -19.089 1.00 3.37 ? 526 THR A HG22 1 
ATOM 251  H HG23 . THR A 1 18  ? -11.263 -2.025  -18.943 1.00 3.45 ? 526 THR A HG23 1 
ATOM 252  N N    . TYR A 1 19  ? -6.692  -1.588  -17.694 1.00 1.88 ? 527 TYR A N    1 
ATOM 253  C CA   . TYR A 1 19  ? -5.552  -1.062  -18.498 1.00 2.14 ? 527 TYR A CA   1 
ATOM 254  C C    . TYR A 1 19  ? -4.262  -1.767  -18.067 1.00 1.70 ? 527 TYR A C    1 
ATOM 255  O O    . TYR A 1 19  ? -4.256  -2.561  -17.147 1.00 2.23 ? 527 TYR A O    1 
ATOM 256  C CB   . TYR A 1 19  ? -5.419  0.443   -18.258 1.00 3.22 ? 527 TYR A CB   1 
ATOM 257  C CG   . TYR A 1 19  ? -4.631  1.076   -19.380 1.00 3.86 ? 527 TYR A CG   1 
ATOM 258  C CD1  . TYR A 1 19  ? -5.261  1.385   -20.592 1.00 4.49 ? 527 TYR A CD1  1 
ATOM 259  C CD2  . TYR A 1 19  ? -3.272  1.360   -19.207 1.00 4.29 ? 527 TYR A CD2  1 
ATOM 260  C CE1  . TYR A 1 19  ? -4.531  1.975   -21.631 1.00 5.27 ? 527 TYR A CE1  1 
ATOM 261  C CE2  . TYR A 1 19  ? -2.542  1.952   -20.243 1.00 5.06 ? 527 TYR A CE2  1 
ATOM 262  C CZ   . TYR A 1 19  ? -3.172  2.259   -21.455 1.00 5.45 ? 527 TYR A CZ   1 
ATOM 263  O OH   . TYR A 1 19  ? -2.451  2.843   -22.477 1.00 6.33 ? 527 TYR A OH   1 
ATOM 264  H H    . TYR A 1 19  ? -6.946  -1.146  -16.864 1.00 2.33 ? 527 TYR A H    1 
ATOM 265  H HA   . TYR A 1 19  ? -5.733  -1.246  -19.547 1.00 2.49 ? 527 TYR A HA   1 
ATOM 266  H HB2  . TYR A 1 19  ? -6.403  0.887   -18.214 1.00 3.69 ? 527 TYR A HB2  1 
ATOM 267  H HB3  . TYR A 1 19  ? -4.911  0.612   -17.323 1.00 3.41 ? 527 TYR A HB3  1 
ATOM 268  H HD1  . TYR A 1 19  ? -6.310  1.166   -20.726 1.00 4.64 ? 527 TYR A HD1  1 
ATOM 269  H HD2  . TYR A 1 19  ? -2.786  1.121   -18.271 1.00 4.31 ? 527 TYR A HD2  1 
ATOM 270  H HE1  . TYR A 1 19  ? -5.017  2.212   -22.564 1.00 5.94 ? 527 TYR A HE1  1 
ATOM 271  H HE2  . TYR A 1 19  ? -1.494  2.171   -20.108 1.00 5.58 ? 527 TYR A HE2  1 
ATOM 272  H HH   . TYR A 1 19  ? -1.631  2.355   -22.578 1.00 6.54 ? 527 TYR A HH   1 
ATOM 273  N N    . GLY A 1 20  ? -3.172  -1.488  -18.730 1.00 1.60 ? 528 GLY A N    1 
ATOM 274  C CA   . GLY A 1 20  ? -1.884  -2.148  -18.365 1.00 1.70 ? 528 GLY A CA   1 
ATOM 275  C C    . GLY A 1 20  ? -1.156  -1.328  -17.296 1.00 1.25 ? 528 GLY A C    1 
ATOM 276  O O    . GLY A 1 20  ? 0.018   -1.522  -17.048 1.00 1.64 ? 528 GLY A O    1 
ATOM 277  H H    . GLY A 1 20  ? -3.200  -0.852  -19.472 1.00 2.07 ? 528 GLY A H    1 
ATOM 278  H HA2  . GLY A 1 20  ? -2.083  -3.138  -17.984 1.00 2.18 ? 528 GLY A HA2  1 
ATOM 279  H HA3  . GLY A 1 20  ? -1.260  -2.218  -19.242 1.00 2.09 ? 528 GLY A HA3  1 
ATOM 280  N N    . GLU A 1 21  ? -1.836  -0.414  -16.659 1.00 0.79 ? 529 GLU A N    1 
ATOM 281  C CA   . GLU A 1 21  ? -1.167  0.410   -15.608 1.00 0.56 ? 529 GLU A CA   1 
ATOM 282  C C    . GLU A 1 21  ? -1.000  -0.422  -14.335 1.00 0.47 ? 529 GLU A C    1 
ATOM 283  O O    . GLU A 1 21  ? -1.249  -1.611  -14.320 1.00 0.58 ? 529 GLU A O    1 
ATOM 284  C CB   . GLU A 1 21  ? -2.007  1.655   -15.298 1.00 0.89 ? 529 GLU A CB   1 
ATOM 285  C CG   . GLU A 1 21  ? -3.490  1.358   -15.521 1.00 1.70 ? 529 GLU A CG   1 
ATOM 286  C CD   . GLU A 1 21  ? -4.324  2.152   -14.516 1.00 2.33 ? 529 GLU A CD   1 
ATOM 287  O OE1  . GLU A 1 21  ? -3.800  2.468   -13.461 1.00 2.96 ? 529 GLU A OE1  1 
ATOM 288  O OE2  . GLU A 1 21  ? -5.472  2.433   -14.820 1.00 2.84 ? 529 GLU A OE2  1 
ATOM 289  H H    . GLU A 1 21  ? -2.781  -0.270  -16.873 1.00 1.05 ? 529 GLU A H    1 
ATOM 290  H HA   . GLU A 1 21  ? -0.194  0.716   -15.963 1.00 0.77 ? 529 GLU A HA   1 
ATOM 291  H HB2  . GLU A 1 21  ? -1.851  1.944   -14.268 1.00 1.18 ? 529 GLU A HB2  1 
ATOM 292  H HB3  . GLU A 1 21  ? -1.702  2.463   -15.946 1.00 1.36 ? 529 GLU A HB3  1 
ATOM 293  H HG2  . GLU A 1 21  ? -3.765  1.645   -16.525 1.00 2.23 ? 529 GLU A HG2  1 
ATOM 294  H HG3  . GLU A 1 21  ? -3.673  0.303   -15.383 1.00 2.18 ? 529 GLU A HG3  1 
ATOM 295  N N    . ASN A 1 22  ? -0.577  0.195   -13.262 1.00 0.38 ? 530 ASN A N    1 
ATOM 296  C CA   . ASN A 1 22  ? -0.391  -0.558  -11.988 1.00 0.33 ? 530 ASN A CA   1 
ATOM 297  C C    . ASN A 1 22  ? -0.541  0.422   -10.843 1.00 0.28 ? 530 ASN A C    1 
ATOM 298  O O    . ASN A 1 22  ? -0.108  1.555   -10.928 1.00 0.29 ? 530 ASN A O    1 
ATOM 299  C CB   . ASN A 1 22  ? 1.024   -1.121  -11.920 1.00 0.38 ? 530 ASN A CB   1 
ATOM 300  C CG   . ASN A 1 22  ? 1.035   -2.447  -11.161 1.00 0.44 ? 530 ASN A CG   1 
ATOM 301  O OD1  . ASN A 1 22  ? 1.066   -2.466  -9.947  1.00 1.20 ? 530 ASN A OD1  1 
ATOM 302  N ND2  . ASN A 1 22  ? 1.015   -3.567  -11.832 1.00 1.13 ? 530 ASN A ND2  1 
ATOM 303  H H    . ASN A 1 22  ? -0.380  1.160   -13.292 1.00 0.45 ? 530 ASN A H    1 
ATOM 304  H HA   . ASN A 1 22  ? -1.131  -1.355  -11.903 1.00 0.35 ? 530 ASN A HA   1 
ATOM 305  H HB2  . ASN A 1 22  ? 1.405   -1.259  -12.910 1.00 0.42 ? 530 ASN A HB2  1 
ATOM 306  H HB3  . ASN A 1 22  ? 1.647   -0.415  -11.394 1.00 0.37 ? 530 ASN A HB3  1 
ATOM 307  H HD21 . ASN A 1 22  ? 0.994   -3.553  -12.811 1.00 1.91 ? 530 ASN A HD21 1 
ATOM 308  H HD22 . ASN A 1 22  ? 1.022   -4.423  -11.354 1.00 1.15 ? 530 ASN A HD22 1 
ATOM 309  N N    . ILE A 1 23  ? -1.131  0.016   -9.770  1.00 0.27 ? 531 ILE A N    1 
ATOM 310  C CA   . ILE A 1 23  ? -1.270  0.960   -8.643  1.00 0.27 ? 531 ILE A CA   1 
ATOM 311  C C    . ILE A 1 23  ? -0.133  0.795   -7.663  1.00 0.27 ? 531 ILE A C    1 
ATOM 312  O O    . ILE A 1 23  ? -0.096  -0.143  -6.902  1.00 0.31 ? 531 ILE A O    1 
ATOM 313  C CB   . ILE A 1 23  ? -2.575  0.738   -7.910  1.00 0.32 ? 531 ILE A CB   1 
ATOM 314  C CG1  . ILE A 1 23  ? -3.729  1.061   -8.844  1.00 0.44 ? 531 ILE A CG1  1 
ATOM 315  C CG2  . ILE A 1 23  ? -2.608  1.661   -6.700  1.00 0.31 ? 531 ILE A CG2  1 
ATOM 316  C CD1  . ILE A 1 23  ? -4.006  -0.148  -9.719  1.00 0.45 ? 531 ILE A CD1  1 
ATOM 317  H H    . ILE A 1 23  ? -1.465  -0.903  -9.702  1.00 0.30 ? 531 ILE A H    1 
ATOM 318  H HA   . ILE A 1 23  ? -1.243  1.965   -9.029  1.00 0.27 ? 531 ILE A HA   1 
ATOM 319  H HB   . ILE A 1 23  ? -2.641  -0.292  -7.586  1.00 0.37 ? 531 ILE A HB   1 
ATOM 320  H HG12 . ILE A 1 23  ? -4.608  1.303   -8.269  1.00 0.63 ? 531 ILE A HG12 1 
ATOM 321  H HG13 . ILE A 1 23  ? -3.461  1.898   -9.470  1.00 0.51 ? 531 ILE A HG13 1 
ATOM 322  H HG21 . ILE A 1 23  ? -1.682  2.221   -6.657  1.00 1.09 ? 531 ILE A HG21 1 
ATOM 323  H HG22 . ILE A 1 23  ? -3.439  2.344   -6.788  1.00 1.04 ? 531 ILE A HG22 1 
ATOM 324  H HG23 . ILE A 1 23  ? -2.717  1.073   -5.800  1.00 1.04 ? 531 ILE A HG23 1 
ATOM 325  H HD11 . ILE A 1 23  ? -3.322  -0.941  -9.454  1.00 1.10 ? 531 ILE A HD11 1 
ATOM 326  H HD12 . ILE A 1 23  ? -5.021  -0.475  -9.562  1.00 1.07 ? 531 ILE A HD12 1 
ATOM 327  H HD13 . ILE A 1 23  ? -3.865  0.120   -10.754 1.00 1.13 ? 531 ILE A HD13 1 
ATOM 328  N N    . TYR A 1 24  ? 0.772   1.718   -7.645  1.00 0.27 ? 532 TYR A N    1 
ATOM 329  C CA   . TYR A 1 24  ? 1.876   1.620   -6.669  1.00 0.30 ? 532 TYR A CA   1 
ATOM 330  C C    . TYR A 1 24  ? 1.392   2.187   -5.339  1.00 0.30 ? 532 TYR A C    1 
ATOM 331  O O    . TYR A 1 24  ? 0.226   2.494   -5.169  1.00 0.31 ? 532 TYR A O    1 
ATOM 332  C CB   . TYR A 1 24  ? 3.091   2.404   -7.136  1.00 0.32 ? 532 TYR A CB   1 
ATOM 333  C CG   . TYR A 1 24  ? 3.777   1.656   -8.247  1.00 0.35 ? 532 TYR A CG   1 
ATOM 334  C CD1  . TYR A 1 24  ? 3.040   1.250   -9.361  1.00 1.25 ? 532 TYR A CD1  1 
ATOM 335  C CD2  . TYR A 1 24  ? 5.150   1.388   -8.177  1.00 1.23 ? 532 TYR A CD2  1 
ATOM 336  C CE1  . TYR A 1 24  ? 3.675   0.579   -10.414 1.00 1.26 ? 532 TYR A CE1  1 
ATOM 337  C CE2  . TYR A 1 24  ? 5.784   0.713   -9.225  1.00 1.24 ? 532 TYR A CE2  1 
ATOM 338  C CZ   . TYR A 1 24  ? 5.047   0.312   -10.346 1.00 0.43 ? 532 TYR A CZ   1 
ATOM 339  O OH   . TYR A 1 24  ? 5.673   -0.349  -11.383 1.00 0.47 ? 532 TYR A OH   1 
ATOM 340  H H    . TYR A 1 24  ? 0.708   2.475   -8.252  1.00 0.28 ? 532 TYR A H    1 
ATOM 341  H HA   . TYR A 1 24  ? 2.142   0.592   -6.547  1.00 0.33 ? 532 TYR A HA   1 
ATOM 342  H HB2  . TYR A 1 24  ? 2.779   3.369   -7.485  1.00 0.31 ? 532 TYR A HB2  1 
ATOM 343  H HB3  . TYR A 1 24  ? 3.772   2.526   -6.315  1.00 0.34 ? 532 TYR A HB3  1 
ATOM 344  H HD1  . TYR A 1 24  ? 1.976   1.448   -9.399  1.00 2.14 ? 532 TYR A HD1  1 
ATOM 345  H HD2  . TYR A 1 24  ? 5.716   1.684   -7.305  1.00 2.12 ? 532 TYR A HD2  1 
ATOM 346  H HE1  . TYR A 1 24  ? 3.109   0.266   -11.275 1.00 2.15 ? 532 TYR A HE1  1 
ATOM 347  H HE2  . TYR A 1 24  ? 6.843   0.506   -9.173  1.00 2.13 ? 532 TYR A HE2  1 
ATOM 348  H HH   . TYR A 1 24  ? 6.437   -0.806  -11.025 1.00 0.95 ? 532 TYR A HH   1 
ATOM 349  N N    . LEU A 1 25  ? 2.275   2.334   -4.401  1.00 0.33 ? 533 LEU A N    1 
ATOM 350  C CA   . LEU A 1 25  ? 1.867   2.882   -3.081  1.00 0.34 ? 533 LEU A CA   1 
ATOM 351  C C    . LEU A 1 25  ? 3.083   3.460   -2.369  1.00 0.34 ? 533 LEU A C    1 
ATOM 352  O O    . LEU A 1 25  ? 4.066   2.785   -2.142  1.00 0.42 ? 533 LEU A O    1 
ATOM 353  C CB   . LEU A 1 25  ? 1.261   1.759   -2.223  1.00 0.40 ? 533 LEU A CB   1 
ATOM 354  C CG   . LEU A 1 25  ? 1.499   2.036   -0.731  1.00 0.48 ? 533 LEU A CG   1 
ATOM 355  C CD1  . LEU A 1 25  ? 0.237   2.624   -0.098  1.00 0.67 ? 533 LEU A CD1  1 
ATOM 356  C CD2  . LEU A 1 25  ? 1.852   0.727   -0.024  1.00 0.75 ? 533 LEU A CD2  1 
ATOM 357  H H    . LEU A 1 25  ? 3.209   2.090   -4.567  1.00 0.35 ? 533 LEU A H    1 
ATOM 358  H HA   . LEU A 1 25  ? 1.130   3.658   -3.225  1.00 0.33 ? 533 LEU A HA   1 
ATOM 359  H HB2  . LEU A 1 25  ? 0.199   1.698   -2.412  1.00 0.41 ? 533 LEU A HB2  1 
ATOM 360  H HB3  . LEU A 1 25  ? 1.724   0.820   -2.486  1.00 0.46 ? 533 LEU A HB3  1 
ATOM 361  H HG   . LEU A 1 25  ? 2.312   2.735   -0.615  1.00 0.66 ? 533 LEU A HG   1 
ATOM 362  H HD11 . LEU A 1 25  ? -0.632  2.099   -0.472  1.00 1.33 ? 533 LEU A HD11 1 
ATOM 363  H HD12 . LEU A 1 25  ? 0.289   2.514   0.976   1.00 1.19 ? 533 LEU A HD12 1 
ATOM 364  H HD13 . LEU A 1 25  ? 0.162   3.670   -0.351  1.00 1.23 ? 533 LEU A HD13 1 
ATOM 365  H HD21 . LEU A 1 25  ? 1.567   -0.107  -0.647  1.00 1.33 ? 533 LEU A HD21 1 
ATOM 366  H HD22 . LEU A 1 25  ? 2.915   0.692   0.161   1.00 1.29 ? 533 LEU A HD22 1 
ATOM 367  H HD23 . LEU A 1 25  ? 1.322   0.675   0.915   1.00 1.28 ? 533 LEU A HD23 1 
ATOM 368  N N    . VAL A 1 26  ? 3.005   4.695   -1.981  1.00 0.35 ? 534 VAL A N    1 
ATOM 369  C CA   . VAL A 1 26  ? 4.132   5.310   -1.241  1.00 0.36 ? 534 VAL A CA   1 
ATOM 370  C C    . VAL A 1 26  ? 3.592   5.651   0.151   1.00 0.41 ? 534 VAL A C    1 
ATOM 371  O O    . VAL A 1 26  ? 2.462   5.321   0.459   1.00 0.52 ? 534 VAL A O    1 
ATOM 372  C CB   . VAL A 1 26  ? 4.649   6.526   -2.013  1.00 0.36 ? 534 VAL A CB   1 
ATOM 373  C CG1  . VAL A 1 26  ? 3.525   7.478   -2.327  1.00 0.38 ? 534 VAL A CG1  1 
ATOM 374  C CG2  . VAL A 1 26  ? 5.717   7.266   -1.246  1.00 0.41 ? 534 VAL A CG2  1 
ATOM 375  H H    . VAL A 1 26  ? 2.184   5.212   -2.148  1.00 0.40 ? 534 VAL A H    1 
ATOM 376  H HA   . VAL A 1 26  ? 4.925   4.581   -1.140  1.00 0.40 ? 534 VAL A HA   1 
ATOM 377  H HB   . VAL A 1 26  ? 5.075   6.193   -2.928  1.00 0.40 ? 534 VAL A HB   1 
ATOM 378  H HG11 . VAL A 1 26  ? 2.601   7.092   -1.929  1.00 1.07 ? 534 VAL A HG11 1 
ATOM 379  H HG12 . VAL A 1 26  ? 3.746   8.433   -1.882  1.00 1.03 ? 534 VAL A HG12 1 
ATOM 380  H HG13 . VAL A 1 26  ? 3.448   7.584   -3.399  1.00 1.07 ? 534 VAL A HG13 1 
ATOM 381  H HG21 . VAL A 1 26  ? 6.390   6.561   -0.798  1.00 1.12 ? 534 VAL A HG21 1 
ATOM 382  H HG22 . VAL A 1 26  ? 6.261   7.891   -1.941  1.00 1.06 ? 534 VAL A HG22 1 
ATOM 383  H HG23 . VAL A 1 26  ? 5.257   7.873   -0.486  1.00 1.12 ? 534 VAL A HG23 1 
ATOM 384  N N    . GLY A 1 27  ? 4.355   6.236   1.023   1.00 0.44 ? 535 GLY A N    1 
ATOM 385  C CA   . GLY A 1 27  ? 3.791   6.472   2.388   1.00 0.61 ? 535 GLY A CA   1 
ATOM 386  C C    . GLY A 1 27  ? 4.378   7.708   3.055   1.00 0.46 ? 535 GLY A C    1 
ATOM 387  O O    . GLY A 1 27  ? 5.148   8.440   2.474   1.00 0.60 ? 535 GLY A O    1 
ATOM 388  H H    . GLY A 1 27  ? 5.284   6.470   0.803   1.00 0.42 ? 535 GLY A H    1 
ATOM 389  H HA2  . GLY A 1 27  ? 2.722   6.594   2.308   1.00 0.92 ? 535 GLY A HA2  1 
ATOM 390  H HA3  . GLY A 1 27  ? 4.001   5.610   3.003   1.00 0.88 ? 535 GLY A HA3  1 
ATOM 391  N N    . SER A 1 28  ? 3.988   7.945   4.284   1.00 0.54 ? 536 SER A N    1 
ATOM 392  C CA   . SER A 1 28  ? 4.479   9.140   5.022   1.00 0.77 ? 536 SER A CA   1 
ATOM 393  C C    . SER A 1 28  ? 5.779   8.821   5.762   1.00 0.71 ? 536 SER A C    1 
ATOM 394  O O    . SER A 1 28  ? 6.214   9.568   6.615   1.00 0.78 ? 536 SER A O    1 
ATOM 395  C CB   . SER A 1 28  ? 3.416   9.584   6.029   1.00 1.10 ? 536 SER A CB   1 
ATOM 396  O OG   . SER A 1 28  ? 3.994   9.655   7.327   1.00 1.82 ? 536 SER A OG   1 
ATOM 397  H H    . SER A 1 28  ? 3.354   7.341   4.716   1.00 0.61 ? 536 SER A H    1 
ATOM 398  H HA   . SER A 1 28  ? 4.654   9.931   4.324   1.00 0.93 ? 536 SER A HA   1 
ATOM 399  H HB2  . SER A 1 28  ? 3.042   10.556  5.754   1.00 1.42 ? 536 SER A HB2  1 
ATOM 400  H HB3  . SER A 1 28  ? 2.600   8.873   6.025   1.00 1.41 ? 536 SER A HB3  1 
ATOM 401  H HG   . SER A 1 28  ? 3.419   10.192  7.878   1.00 2.18 ? 536 SER A HG   1 
ATOM 402  N N    . ILE A 1 29  ? 6.408   7.728   5.443   1.00 0.62 ? 537 ILE A N    1 
ATOM 403  C CA   . ILE A 1 29  ? 7.680   7.384   6.132   1.00 0.62 ? 537 ILE A CA   1 
ATOM 404  C C    . ILE A 1 29  ? 8.642   6.768   5.118   1.00 0.60 ? 537 ILE A C    1 
ATOM 405  O O    . ILE A 1 29  ? 8.252   6.402   4.026   1.00 0.58 ? 537 ILE A O    1 
ATOM 406  C CB   . ILE A 1 29  ? 7.402   6.392   7.261   1.00 0.64 ? 537 ILE A CB   1 
ATOM 407  C CG1  . ILE A 1 29  ? 7.064   5.027   6.668   1.00 0.77 ? 537 ILE A CG1  1 
ATOM 408  C CG2  . ILE A 1 29  ? 6.219   6.888   8.095   1.00 0.74 ? 537 ILE A CG2  1 
ATOM 409  C CD1  . ILE A 1 29  ? 6.996   3.988   7.789   1.00 1.14 ? 537 ILE A CD1  1 
ATOM 410  H H    . ILE A 1 29  ? 6.049   7.137   4.748   1.00 0.59 ? 537 ILE A H    1 
ATOM 411  H HA   . ILE A 1 29  ? 8.119   8.283   6.541   1.00 0.68 ? 537 ILE A HA   1 
ATOM 412  H HB   . ILE A 1 29  ? 8.276   6.308   7.891   1.00 0.80 ? 537 ILE A HB   1 
ATOM 413  H HG12 . ILE A 1 29  ? 6.110   5.082   6.164   1.00 0.85 ? 537 ILE A HG12 1 
ATOM 414  H HG13 . ILE A 1 29  ? 7.828   4.744   5.961   1.00 1.05 ? 537 ILE A HG13 1 
ATOM 415  H HG21 . ILE A 1 29  ? 6.136   7.962   7.999   1.00 1.32 ? 537 ILE A HG21 1 
ATOM 416  H HG22 . ILE A 1 29  ? 5.309   6.423   7.743   1.00 1.23 ? 537 ILE A HG22 1 
ATOM 417  H HG23 . ILE A 1 29  ? 6.378   6.632   9.132   1.00 1.32 ? 537 ILE A HG23 1 
ATOM 418  H HD11 . ILE A 1 29  ? 6.233   4.274   8.499   1.00 1.59 ? 537 ILE A HD11 1 
ATOM 419  H HD12 . ILE A 1 29  ? 6.753   3.022   7.371   1.00 1.55 ? 537 ILE A HD12 1 
ATOM 420  H HD13 . ILE A 1 29  ? 7.951   3.934   8.289   1.00 1.64 ? 537 ILE A HD13 1 
ATOM 421  N N    . SER A 1 30  ? 9.896   6.661   5.457   1.00 0.67 ? 538 SER A N    1 
ATOM 422  C CA   . SER A 1 30  ? 10.866  6.080   4.491   1.00 0.69 ? 538 SER A CA   1 
ATOM 423  C C    . SER A 1 30  ? 10.364  4.732   3.990   1.00 0.65 ? 538 SER A C    1 
ATOM 424  O O    . SER A 1 30  ? 10.544  4.401   2.848   1.00 0.65 ? 538 SER A O    1 
ATOM 425  C CB   . SER A 1 30  ? 12.220  5.880   5.155   1.00 0.79 ? 538 SER A CB   1 
ATOM 426  O OG   . SER A 1 30  ? 12.134  6.231   6.530   1.00 1.26 ? 538 SER A OG   1 
ATOM 427  H H    . SER A 1 30  ? 10.197  6.969   6.336   1.00 0.75 ? 538 SER A H    1 
ATOM 428  H HA   . SER A 1 30  ? 10.978  6.752   3.653   1.00 0.68 ? 538 SER A HA   1 
ATOM 429  H HB2  . SER A 1 30  ? 12.507  4.844   5.068   1.00 1.01 ? 538 SER A HB2  1 
ATOM 430  H HB3  . SER A 1 30  ? 12.956  6.495   4.657   1.00 1.12 ? 538 SER A HB3  1 
ATOM 431  H HG   . SER A 1 30  ? 13.023  6.399   6.849   1.00 1.60 ? 538 SER A HG   1 
ATOM 432  N N    . GLN A 1 31  ? 9.751   3.947   4.836   1.00 0.65 ? 539 GLN A N    1 
ATOM 433  C CA   . GLN A 1 31  ? 9.255   2.612   4.392   1.00 0.64 ? 539 GLN A CA   1 
ATOM 434  C C    . GLN A 1 31  ? 8.676   2.712   2.978   1.00 0.58 ? 539 GLN A C    1 
ATOM 435  O O    . GLN A 1 31  ? 8.873   1.843   2.153   1.00 0.69 ? 539 GLN A O    1 
ATOM 436  C CB   . GLN A 1 31  ? 8.181   2.132   5.356   1.00 0.64 ? 539 GLN A CB   1 
ATOM 437  C CG   . GLN A 1 31  ? 8.823   1.332   6.491   1.00 0.87 ? 539 GLN A CG   1 
ATOM 438  C CD   . GLN A 1 31  ? 9.712   0.232   5.910   1.00 1.45 ? 539 GLN A CD   1 
ATOM 439  O OE1  . GLN A 1 31  ? 9.293   -0.512  5.046   1.00 2.24 ? 539 GLN A OE1  1 
ATOM 440  N NE2  . GLN A 1 31  ? 10.934  0.098   6.351   1.00 2.03 ? 539 GLN A NE2  1 
ATOM 441  H H    . GLN A 1 31  ? 9.624   4.227   5.763   1.00 0.69 ? 539 GLN A H    1 
ATOM 442  H HA   . GLN A 1 31  ? 10.066  1.915   4.400   1.00 0.72 ? 539 GLN A HA   1 
ATOM 443  H HB2  . GLN A 1 31  ? 7.678   2.985   5.758   1.00 0.65 ? 539 GLN A HB2  1 
ATOM 444  H HB3  . GLN A 1 31  ? 7.478   1.512   4.829   1.00 0.67 ? 539 GLN A HB3  1 
ATOM 445  H HG2  . GLN A 1 31  ? 9.420   1.993   7.103   1.00 1.33 ? 539 GLN A HG2  1 
ATOM 446  H HG3  . GLN A 1 31  ? 8.049   0.885   7.097   1.00 1.29 ? 539 GLN A HG3  1 
ATOM 447  H HE21 . GLN A 1 31  ? 11.270  0.697   7.048   1.00 2.27 ? 539 GLN A HE21 1 
ATOM 448  H HE22 . GLN A 1 31  ? 11.511  -0.605  5.986   1.00 2.64 ? 539 GLN A HE22 1 
ATOM 449  N N    . LEU A 1 32  ? 7.974   3.774   2.689   1.00 0.53 ? 540 LEU A N    1 
ATOM 450  C CA   . LEU A 1 32  ? 7.397   3.942   1.328   1.00 0.52 ? 540 LEU A CA   1 
ATOM 451  C C    . LEU A 1 32  ? 8.205   4.979   0.567   1.00 0.53 ? 540 LEU A C    1 
ATOM 452  O O    . LEU A 1 32  ? 7.665   5.808   -0.135  1.00 0.56 ? 540 LEU A O    1 
ATOM 453  C CB   . LEU A 1 32  ? 5.951   4.425   1.399   1.00 0.49 ? 540 LEU A CB   1 
ATOM 454  C CG   . LEU A 1 32  ? 5.028   3.269   1.783   1.00 0.60 ? 540 LEU A CG   1 
ATOM 455  C CD1  . LEU A 1 32  ? 5.457   1.990   1.057   1.00 1.32 ? 540 LEU A CD1  1 
ATOM 456  C CD2  . LEU A 1 32  ? 5.091   3.044   3.291   1.00 1.55 ? 540 LEU A CD2  1 
ATOM 457  H H    . LEU A 1 32  ? 7.842   4.460   3.359   1.00 0.60 ? 540 LEU A H    1 
ATOM 458  H HA   . LEU A 1 32  ? 7.439   3.000   0.803   1.00 0.59 ? 540 LEU A HA   1 
ATOM 459  H HB2  . LEU A 1 32  ? 5.850   5.235   2.127   1.00 0.52 ? 540 LEU A HB2  1 
ATOM 460  H HB3  . LEU A 1 32  ? 5.676   4.788   0.420   1.00 0.48 ? 540 LEU A HB3  1 
ATOM 461  H HG   . LEU A 1 32  ? 4.021   3.515   1.498   1.00 1.27 ? 540 LEU A HG   1 
ATOM 462  H HD11 . LEU A 1 32  ? 5.879   2.247   0.096   1.00 1.98 ? 540 LEU A HD11 1 
ATOM 463  H HD12 . LEU A 1 32  ? 6.195   1.470   1.647   1.00 1.83 ? 540 LEU A HD12 1 
ATOM 464  H HD13 . LEU A 1 32  ? 4.596   1.355   0.911   1.00 1.86 ? 540 LEU A HD13 1 
ATOM 465  H HD21 . LEU A 1 32  ? 5.019   3.996   3.799   1.00 2.12 ? 540 LEU A HD21 1 
ATOM 466  H HD22 . LEU A 1 32  ? 4.269   2.411   3.592   1.00 2.08 ? 540 LEU A HD22 1 
ATOM 467  H HD23 . LEU A 1 32  ? 6.026   2.567   3.547   1.00 2.11 ? 540 LEU A HD23 1 
ATOM 468  N N    . GLY A 1 33  ? 9.489   4.939   0.714   1.00 0.59 ? 541 GLY A N    1 
ATOM 469  C CA   . GLY A 1 33  ? 10.363  5.918   0.007   1.00 0.63 ? 541 GLY A CA   1 
ATOM 470  C C    . GLY A 1 33  ? 10.094  7.323   0.544   1.00 0.60 ? 541 GLY A C    1 
ATOM 471  O O    . GLY A 1 33  ? 10.447  8.309   -0.070  1.00 0.63 ? 541 GLY A O    1 
ATOM 472  H H    . GLY A 1 33  ? 9.879   4.263   1.301   1.00 0.68 ? 541 GLY A H    1 
ATOM 473  H HA2  . GLY A 1 33  ? 11.399  5.660   0.174   1.00 0.68 ? 541 GLY A HA2  1 
ATOM 474  H HA3  . GLY A 1 33  ? 10.151  5.894   -1.051  1.00 0.64 ? 541 GLY A HA3  1 
ATOM 475  N N    . ASP A 1 34  ? 9.475   7.418   1.688   1.00 0.58 ? 542 ASP A N    1 
ATOM 476  C CA   . ASP A 1 34  ? 9.181   8.756   2.280   1.00 0.60 ? 542 ASP A CA   1 
ATOM 477  C C    . ASP A 1 34  ? 7.920   9.341   1.657   1.00 0.56 ? 542 ASP A C    1 
ATOM 478  O O    . ASP A 1 34  ? 6.917   9.537   2.310   1.00 0.55 ? 542 ASP A O    1 
ATOM 479  C CB   . ASP A 1 34  ? 10.358  9.701   2.033   1.00 0.67 ? 542 ASP A CB   1 
ATOM 480  C CG   . ASP A 1 34  ? 11.672  8.939   2.225   1.00 0.80 ? 542 ASP A CG   1 
ATOM 481  O OD1  . ASP A 1 34  ? 11.982  8.606   3.356   1.00 1.37 ? 542 ASP A OD1  1 
ATOM 482  O OD2  . ASP A 1 34  ? 12.345  8.702   1.235   1.00 1.37 ? 542 ASP A OD2  1 
ATOM 483  H H    . ASP A 1 34  ? 9.210   6.602   2.164   1.00 0.57 ? 542 ASP A H    1 
ATOM 484  H HA   . ASP A 1 34  ? 9.027   8.651   3.325   1.00 0.61 ? 542 ASP A HA   1 
ATOM 485  H HB2  . ASP A 1 34  ? 10.307  10.085  1.026   1.00 0.70 ? 542 ASP A HB2  1 
ATOM 486  H HB3  . ASP A 1 34  ? 10.315  10.520  2.735   1.00 0.70 ? 542 ASP A HB3  1 
ATOM 487  N N    . TRP A 1 35  ? 7.978   9.609   0.399   1.00 0.55 ? 543 TRP A N    1 
ATOM 488  C CA   . TRP A 1 35  ? 6.808   10.171  -0.329  1.00 0.53 ? 543 TRP A CA   1 
ATOM 489  C C    . TRP A 1 35  ? 7.134   10.235  -1.807  1.00 0.54 ? 543 TRP A C    1 
ATOM 490  O O    . TRP A 1 35  ? 6.778   11.167  -2.499  1.00 0.59 ? 543 TRP A O    1 
ATOM 491  C CB   . TRP A 1 35  ? 6.449   11.564  0.204   1.00 0.60 ? 543 TRP A CB   1 
ATOM 492  C CG   . TRP A 1 35  ? 5.500   11.375  1.332   1.00 0.59 ? 543 TRP A CG   1 
ATOM 493  C CD1  . TRP A 1 35  ? 5.573   11.984  2.536   1.00 0.66 ? 543 TRP A CD1  1 
ATOM 494  C CD2  . TRP A 1 35  ? 4.353   10.489  1.383   1.00 0.54 ? 543 TRP A CD2  1 
ATOM 495  N NE1  . TRP A 1 35  ? 4.544   11.511  3.329   1.00 0.64 ? 543 TRP A NE1  1 
ATOM 496  C CE2  . TRP A 1 35  ? 3.767   10.583  2.658   1.00 0.57 ? 543 TRP A CE2  1 
ATOM 497  C CE3  . TRP A 1 35  ? 3.774   9.614   0.449   1.00 0.52 ? 543 TRP A CE3  1 
ATOM 498  C CZ2  . TRP A 1 35  ? 2.649   9.823   3.000   1.00 0.55 ? 543 TRP A CZ2  1 
ATOM 499  C CZ3  . TRP A 1 35  ? 2.647   8.855   0.788   1.00 0.53 ? 543 TRP A CZ3  1 
ATOM 500  C CH2  . TRP A 1 35  ? 2.092   8.958   2.065   1.00 0.54 ? 543 TRP A CH2  1 
ATOM 501  H H    . TRP A 1 35  ? 8.792   9.415   -0.075  1.00 0.57 ? 543 TRP A H    1 
ATOM 502  H HA   . TRP A 1 35  ? 5.970   9.508   -0.198  1.00 0.48 ? 543 TRP A HA   1 
ATOM 503  H HB2  . TRP A 1 35  ? 7.341   12.065  0.552   1.00 0.66 ? 543 TRP A HB2  1 
ATOM 504  H HB3  . TRP A 1 35  ? 5.980   12.146  -0.574  1.00 0.63 ? 543 TRP A HB3  1 
ATOM 505  H HD1  . TRP A 1 35  ? 6.313   12.714  2.831   1.00 0.74 ? 543 TRP A HD1  1 
ATOM 506  H HE1  . TRP A 1 35  ? 4.371   11.784  4.255   1.00 0.70 ? 543 TRP A HE1  1 
ATOM 507  H HE3  . TRP A 1 35  ? 4.194   9.538   -0.538  1.00 0.53 ? 543 TRP A HE3  1 
ATOM 508  H HZ2  . TRP A 1 35  ? 2.233   9.882   3.983   1.00 0.59 ? 543 TRP A HZ2  1 
ATOM 509  H HZ3  . TRP A 1 35  ? 2.213   8.182   0.064   1.00 0.57 ? 543 TRP A HZ3  1 
ATOM 510  H HH2  . TRP A 1 35  ? 1.230   8.372   2.331   1.00 0.56 ? 543 TRP A HH2  1 
ATOM 511  N N    . GLU A 1 36  ? 7.789   9.234   -2.301  1.00 0.53 ? 544 GLU A N    1 
ATOM 512  C CA   . GLU A 1 36  ? 8.118   9.212   -3.743  1.00 0.55 ? 544 GLU A CA   1 
ATOM 513  C C    . GLU A 1 36  ? 7.340   8.072   -4.366  1.00 0.49 ? 544 GLU A C    1 
ATOM 514  O O    . GLU A 1 36  ? 7.322   6.969   -3.853  1.00 0.48 ? 544 GLU A O    1 
ATOM 515  C CB   . GLU A 1 36  ? 9.612   8.989   -3.946  1.00 0.64 ? 544 GLU A CB   1 
ATOM 516  C CG   . GLU A 1 36  ? 10.332  10.339  -3.987  1.00 0.74 ? 544 GLU A CG   1 
ATOM 517  C CD   . GLU A 1 36  ? 11.589  10.271  -3.116  1.00 1.11 ? 544 GLU A CD   1 
ATOM 518  O OE1  . GLU A 1 36  ? 12.046  9.171   -2.853  1.00 1.67 ? 544 GLU A OE1  1 
ATOM 519  O OE2  . GLU A 1 36  ? 12.072  11.322  -2.728  1.00 1.78 ? 544 GLU A OE2  1 
ATOM 520  H H    . GLU A 1 36  ? 8.044   8.476   -1.722  1.00 0.53 ? 544 GLU A H    1 
ATOM 521  H HA   . GLU A 1 36  ? 7.821   10.147  -4.197  1.00 0.58 ? 544 GLU A HA   1 
ATOM 522  H HB2  . GLU A 1 36  ? 10.001  8.396   -3.133  1.00 0.65 ? 544 GLU A HB2  1 
ATOM 523  H HB3  . GLU A 1 36  ? 9.767   8.473   -4.882  1.00 0.65 ? 544 GLU A HB3  1 
ATOM 524  H HG2  . GLU A 1 36  ? 10.609  10.568  -5.005  1.00 1.00 ? 544 GLU A HG2  1 
ATOM 525  H HG3  . GLU A 1 36  ? 9.675   11.108  -3.609  1.00 0.95 ? 544 GLU A HG3  1 
ATOM 526  N N    . THR A 1 37  ? 6.681   8.315   -5.449  1.00 0.50 ? 545 THR A N    1 
ATOM 527  C CA   . THR A 1 37  ? 5.897   7.222   -6.063  1.00 0.49 ? 545 THR A CA   1 
ATOM 528  C C    . THR A 1 37  ? 6.839   6.343   -6.884  1.00 0.55 ? 545 THR A C    1 
ATOM 529  O O    . THR A 1 37  ? 6.614   5.161   -7.054  1.00 0.58 ? 545 THR A O    1 
ATOM 530  C CB   . THR A 1 37  ? 4.813   7.792   -6.980  1.00 0.52 ? 545 THR A CB   1 
ATOM 531  O OG1  . THR A 1 37  ? 4.434   6.805   -7.929  1.00 0.59 ? 545 THR A OG1  1 
ATOM 532  C CG2  . THR A 1 37  ? 5.351   9.020   -7.714  1.00 0.57 ? 545 THR A CG2  1 
ATOM 533  H H    . THR A 1 37  ? 6.696   9.209   -5.847  1.00 0.55 ? 545 THR A H    1 
ATOM 534  H HA   . THR A 1 37  ? 5.437   6.642   -5.265  1.00 0.45 ? 545 THR A HA   1 
ATOM 535  H HB   . THR A 1 37  ? 3.955   8.076   -6.393  1.00 0.53 ? 545 THR A HB   1 
ATOM 536  H HG1  . THR A 1 37  ? 5.126   6.750   -8.592  1.00 1.06 ? 545 THR A HG1  1 
ATOM 537  H HG21 . THR A 1 37  ? 6.430   9.013   -7.687  1.00 1.08 ? 545 THR A HG21 1 
ATOM 538  H HG22 . THR A 1 37  ? 5.017   8.997   -8.741  1.00 1.19 ? 545 THR A HG22 1 
ATOM 539  H HG23 . THR A 1 37  ? 4.983   9.915   -7.237  1.00 1.21 ? 545 THR A HG23 1 
ATOM 540  N N    . SER A 1 38  ? 7.903   6.912   -7.386  1.00 0.62 ? 546 SER A N    1 
ATOM 541  C CA   . SER A 1 38  ? 8.864   6.129   -8.180  1.00 0.72 ? 546 SER A CA   1 
ATOM 542  C C    . SER A 1 38  ? 9.742   5.334   -7.228  1.00 0.74 ? 546 SER A C    1 
ATOM 543  O O    . SER A 1 38  ? 10.468  4.439   -7.614  1.00 0.85 ? 546 SER A O    1 
ATOM 544  C CB   . SER A 1 38  ? 9.709   7.094   -8.999  1.00 0.81 ? 546 SER A CB   1 
ATOM 545  O OG   . SER A 1 38  ? 9.795   8.338   -8.318  1.00 0.83 ? 546 SER A OG   1 
ATOM 546  H H    . SER A 1 38  ? 8.075   7.862   -7.236  1.00 0.62 ? 546 SER A H    1 
ATOM 547  H HA   . SER A 1 38  ? 8.336   5.459   -8.828  1.00 0.76 ? 546 SER A HA   1 
ATOM 548  H HB2  . SER A 1 38  ? 10.688  6.695   -9.105  1.00 0.91 ? 546 SER A HB2  1 
ATOM 549  H HB3  . SER A 1 38  ? 9.264   7.232   -9.975  1.00 0.89 ? 546 SER A HB3  1 
ATOM 550  H HG   . SER A 1 38  ? 10.660  8.714   -8.493  1.00 1.20 ? 546 SER A HG   1 
ATOM 551  N N    . ASP A 1 39  ? 9.645   5.649   -5.976  1.00 0.67 ? 547 ASP A N    1 
ATOM 552  C CA   . ASP A 1 39  ? 10.430  4.918   -4.950  1.00 0.72 ? 547 ASP A CA   1 
ATOM 553  C C    . ASP A 1 39  ? 9.452   4.245   -3.994  1.00 0.60 ? 547 ASP A C    1 
ATOM 554  O O    . ASP A 1 39  ? 9.829   3.488   -3.122  1.00 0.63 ? 547 ASP A O    1 
ATOM 555  C CB   . ASP A 1 39  ? 11.328  5.887   -4.183  1.00 0.83 ? 547 ASP A CB   1 
ATOM 556  C CG   . ASP A 1 39  ? 12.503  6.307   -5.068  1.00 1.09 ? 547 ASP A CG   1 
ATOM 557  O OD1  . ASP A 1 39  ? 13.259  5.437   -5.467  1.00 1.47 ? 547 ASP A OD1  1 
ATOM 558  O OD2  . ASP A 1 39  ? 12.626  7.491   -5.333  1.00 1.75 ? 547 ASP A OD2  1 
ATOM 559  H H    . ASP A 1 39  ? 9.032   6.360   -5.711  1.00 0.62 ? 547 ASP A H    1 
ATOM 560  H HA   . ASP A 1 39  ? 11.026  4.166   -5.430  1.00 0.80 ? 547 ASP A HA   1 
ATOM 561  H HB2  . ASP A 1 39  ? 10.758  6.759   -3.903  1.00 0.94 ? 547 ASP A HB2  1 
ATOM 562  H HB3  . ASP A 1 39  ? 11.704  5.403   -3.295  1.00 0.79 ? 547 ASP A HB3  1 
ATOM 563  N N    . GLY A 1 40  ? 8.189   4.503   -4.180  1.00 0.52 ? 548 GLY A N    1 
ATOM 564  C CA   . GLY A 1 40  ? 7.160   3.865   -3.317  1.00 0.47 ? 548 GLY A CA   1 
ATOM 565  C C    . GLY A 1 40  ? 7.207   2.363   -3.583  1.00 0.45 ? 548 GLY A C    1 
ATOM 566  O O    . GLY A 1 40  ? 8.249   1.747   -3.481  1.00 0.49 ? 548 GLY A O    1 
ATOM 567  H H    . GLY A 1 40  ? 7.922   5.096   -4.905  1.00 0.54 ? 548 GLY A H    1 
ATOM 568  H HA2  . GLY A 1 40  ? 7.381   4.066   -2.277  1.00 0.52 ? 548 GLY A HA2  1 
ATOM 569  H HA3  . GLY A 1 40  ? 6.178   4.251   -3.564  1.00 0.43 ? 548 GLY A HA3  1 
ATOM 570  N N    . ILE A 1 41  ? 6.109   1.763   -3.949  1.00 0.46 ? 549 ILE A N    1 
ATOM 571  C CA   . ILE A 1 41  ? 6.145   0.300   -4.241  1.00 0.50 ? 549 ILE A CA   1 
ATOM 572  C C    . ILE A 1 41  ? 4.944   -0.099  -5.089  1.00 0.44 ? 549 ILE A C    1 
ATOM 573  O O    . ILE A 1 41  ? 3.807   0.128   -4.726  1.00 0.40 ? 549 ILE A O    1 
ATOM 574  C CB   . ILE A 1 41  ? 6.127   -0.491  -2.932  1.00 0.60 ? 549 ILE A CB   1 
ATOM 575  C CG1  . ILE A 1 41  ? 7.413   -0.221  -2.148  1.00 0.70 ? 549 ILE A CG1  1 
ATOM 576  C CG2  . ILE A 1 41  ? 6.028   -1.985  -3.243  1.00 0.66 ? 549 ILE A CG2  1 
ATOM 577  C CD1  . ILE A 1 41  ? 7.460   -1.124  -0.915  1.00 0.92 ? 549 ILE A CD1  1 
ATOM 578  H H    . ILE A 1 41  ? 5.276   2.268   -4.049  1.00 0.48 ? 549 ILE A H    1 
ATOM 579  H HA   . ILE A 1 41  ? 7.047   0.074   -4.789  1.00 0.56 ? 549 ILE A HA   1 
ATOM 580  H HB   . ILE A 1 41  ? 5.273   -0.189  -2.342  1.00 0.59 ? 549 ILE A HB   1 
ATOM 581  H HG12 . ILE A 1 41  ? 8.268   -0.424  -2.777  1.00 1.04 ? 549 ILE A HG12 1 
ATOM 582  H HG13 . ILE A 1 41  ? 7.434   0.812   -1.835  1.00 1.01 ? 549 ILE A HG13 1 
ATOM 583  H HG21 . ILE A 1 41  ? 6.668   -2.221  -4.081  1.00 1.15 ? 549 ILE A HG21 1 
ATOM 584  H HG22 . ILE A 1 41  ? 6.340   -2.555  -2.380  1.00 1.28 ? 549 ILE A HG22 1 
ATOM 585  H HG23 . ILE A 1 41  ? 5.006   -2.235  -3.489  1.00 1.20 ? 549 ILE A HG23 1 
ATOM 586  H HD11 . ILE A 1 41  ? 7.099   -2.108  -1.175  1.00 1.51 ? 549 ILE A HD11 1 
ATOM 587  H HD12 . ILE A 1 41  ? 8.478   -1.197  -0.559  1.00 1.46 ? 549 ILE A HD12 1 
ATOM 588  H HD13 . ILE A 1 41  ? 6.838   -0.706  -0.138  1.00 1.42 ? 549 ILE A HD13 1 
ATOM 589  N N    . ALA A 1 42  ? 5.189   -0.706  -6.217  1.00 0.47 ? 550 ALA A N    1 
ATOM 590  C CA   . ALA A 1 42  ? 4.063   -1.130  -7.083  1.00 0.43 ? 550 ALA A CA   1 
ATOM 591  C C    . ALA A 1 42  ? 3.245   -2.197  -6.371  1.00 0.42 ? 550 ALA A C    1 
ATOM 592  O O    . ALA A 1 42  ? 3.775   -3.042  -5.678  1.00 0.48 ? 550 ALA A O    1 
ATOM 593  C CB   . ALA A 1 42  ? 4.588   -1.704  -8.390  1.00 0.47 ? 550 ALA A CB   1 
ATOM 594  H H    . ALA A 1 42  ? 6.114   -0.885  -6.488  1.00 0.54 ? 550 ALA A H    1 
ATOM 595  H HA   . ALA A 1 42  ? 3.440   -0.284  -7.298  1.00 0.39 ? 550 ALA A HA   1 
ATOM 596  H HB1  . ALA A 1 42  ? 5.597   -1.362  -8.555  1.00 1.07 ? 550 ALA A HB1  1 
ATOM 597  H HB2  . ALA A 1 42  ? 4.573   -2.782  -8.338  1.00 1.14 ? 550 ALA A HB2  1 
ATOM 598  H HB3  . ALA A 1 42  ? 3.953   -1.373  -9.198  1.00 1.14 ? 550 ALA A HB3  1 
ATOM 599  N N    . LEU A 1 43  ? 1.959   -2.171  -6.545  1.00 0.38 ? 551 LEU A N    1 
ATOM 600  C CA   . LEU A 1 43  ? 1.108   -3.194  -5.886  1.00 0.39 ? 551 LEU A CA   1 
ATOM 601  C C    . LEU A 1 43  ? 0.771   -4.275  -6.889  1.00 0.40 ? 551 LEU A C    1 
ATOM 602  O O    . LEU A 1 43  ? 1.085   -4.164  -8.056  1.00 0.41 ? 551 LEU A O    1 
ATOM 603  C CB   . LEU A 1 43  ? -0.194  -2.558  -5.389  1.00 0.36 ? 551 LEU A CB   1 
ATOM 604  C CG   . LEU A 1 43  ? 0.067   -1.711  -4.144  1.00 0.39 ? 551 LEU A CG   1 
ATOM 605  C CD1  . LEU A 1 43  ? 0.698   -0.394  -4.564  1.00 0.35 ? 551 LEU A CD1  1 
ATOM 606  C CD2  . LEU A 1 43  ? -1.258  -1.435  -3.429  1.00 0.42 ? 551 LEU A CD2  1 
ATOM 607  H H    . LEU A 1 43  ? 1.557   -1.486  -7.115  1.00 0.35 ? 551 LEU A H    1 
ATOM 608  H HA   . LEU A 1 43  ? 1.638   -3.628  -5.075  1.00 0.44 ? 551 LEU A HA   1 
ATOM 609  H HB2  . LEU A 1 43  ? -0.606  -1.935  -6.166  1.00 0.33 ? 551 LEU A HB2  1 
ATOM 610  H HB3  . LEU A 1 43  ? -0.894  -3.336  -5.150  1.00 0.38 ? 551 LEU A HB3  1 
ATOM 611  H HG   . LEU A 1 43  ? 0.735   -2.231  -3.479  1.00 0.46 ? 551 LEU A HG   1 
ATOM 612  H HD11 . LEU A 1 43  ? 1.112   -0.508  -5.550  1.00 1.08 ? 551 LEU A HD11 1 
ATOM 613  H HD12 . LEU A 1 43  ? -0.054  0.381   -4.576  1.00 1.04 ? 551 LEU A HD12 1 
ATOM 614  H HD13 . LEU A 1 43  ? 1.482   -0.132  -3.873  1.00 1.03 ? 551 LEU A HD13 1 
ATOM 615  H HD21 . LEU A 1 43  ? -1.935  -0.934  -4.106  1.00 1.12 ? 551 LEU A HD21 1 
ATOM 616  H HD22 . LEU A 1 43  ? -1.695  -2.368  -3.107  1.00 1.13 ? 551 LEU A HD22 1 
ATOM 617  H HD23 . LEU A 1 43  ? -1.079  -0.806  -2.569  1.00 1.05 ? 551 LEU A HD23 1 
ATOM 618  N N    . SER A 1 44  ? 0.147   -5.334  -6.460  1.00 0.41 ? 552 SER A N    1 
ATOM 619  C CA   . SER A 1 44  ? -0.189  -6.393  -7.442  1.00 0.43 ? 552 SER A CA   1 
ATOM 620  C C    . SER A 1 44  ? -1.689  -6.674  -7.452  1.00 0.43 ? 552 SER A C    1 
ATOM 621  O O    . SER A 1 44  ? -2.445  -6.121  -6.676  1.00 0.46 ? 552 SER A O    1 
ATOM 622  C CB   . SER A 1 44  ? 0.585   -7.634  -7.108  1.00 0.51 ? 552 SER A CB   1 
ATOM 623  O OG   . SER A 1 44  ? -0.015  -8.759  -7.738  1.00 0.67 ? 552 SER A OG   1 
ATOM 624  H H    . SER A 1 44  ? -0.080  -5.436  -5.508  1.00 0.43 ? 552 SER A H    1 
ATOM 625  H HA   . SER A 1 44  ? 0.107   -6.063  -8.415  1.00 0.43 ? 552 SER A HA   1 
ATOM 626  H HB2  . SER A 1 44  ? 1.583   -7.504  -7.472  1.00 0.53 ? 552 SER A HB2  1 
ATOM 627  H HB3  . SER A 1 44  ? 0.604   -7.761  -6.045  1.00 0.57 ? 552 SER A HB3  1 
ATOM 628  H HG   . SER A 1 44  ? 0.684   -9.375  -7.972  1.00 1.02 ? 552 SER A HG   1 
ATOM 629  N N    . ALA A 1 45  ? -2.129  -7.511  -8.349  1.00 0.47 ? 553 ALA A N    1 
ATOM 630  C CA   . ALA A 1 45  ? -3.583  -7.815  -8.448  1.00 0.49 ? 553 ALA A CA   1 
ATOM 631  C C    . ALA A 1 45  ? -3.811  -9.322  -8.349  1.00 0.51 ? 553 ALA A C    1 
ATOM 632  O O    . ALA A 1 45  ? -4.645  -9.879  -9.034  1.00 0.54 ? 553 ALA A O    1 
ATOM 633  C CB   . ALA A 1 45  ? -4.089  -7.322  -9.800  1.00 0.56 ? 553 ALA A CB   1 
ATOM 634  H H    . ALA A 1 45  ? -1.501  -7.929  -8.975  1.00 0.52 ? 553 ALA A H    1 
ATOM 635  H HA   . ALA A 1 45  ? -4.115  -7.311  -7.657  1.00 0.49 ? 553 ALA A HA   1 
ATOM 636  H HB1  . ALA A 1 45  ? -3.536  -7.814  -10.586 1.00 1.15 ? 553 ALA A HB1  1 
ATOM 637  H HB2  . ALA A 1 45  ? -5.137  -7.552  -9.899  1.00 1.16 ? 553 ALA A HB2  1 
ATOM 638  H HB3  . ALA A 1 45  ? -3.943  -6.254  -9.871  1.00 1.17 ? 553 ALA A HB3  1 
ATOM 639  N N    . ASP A 1 46  ? -3.080  -9.986  -7.504  1.00 0.57 ? 554 ASP A N    1 
ATOM 640  C CA   . ASP A 1 46  ? -3.248  -11.442 -7.354  1.00 0.64 ? 554 ASP A CA   1 
ATOM 641  C C    . ASP A 1 46  ? -4.689  -11.756 -6.931  1.00 0.65 ? 554 ASP A C    1 
ATOM 642  O O    . ASP A 1 46  ? -5.261  -12.748 -7.335  1.00 0.77 ? 554 ASP A O    1 
ATOM 643  C CB   . ASP A 1 46  ? -2.257  -11.907 -6.297  1.00 0.71 ? 554 ASP A CB   1 
ATOM 644  C CG   . ASP A 1 46  ? -2.821  -11.650 -4.901  1.00 1.01 ? 554 ASP A CG   1 
ATOM 645  O OD1  . ASP A 1 46  ? -3.811  -12.273 -4.557  1.00 1.66 ? 554 ASP A OD1  1 
ATOM 646  O OD2  . ASP A 1 46  ? -2.248  -10.832 -4.200  1.00 1.58 ? 554 ASP A OD2  1 
ATOM 647  H H    . ASP A 1 46  ? -2.414  -9.528  -6.962  1.00 0.62 ? 554 ASP A H    1 
ATOM 648  H HA   . ASP A 1 46  ? -3.030  -11.931 -8.291  1.00 0.67 ? 554 ASP A HA   1 
ATOM 649  H HB2  . ASP A 1 46  ? -2.070  -12.945 -6.426  1.00 0.95 ? 554 ASP A HB2  1 
ATOM 650  H HB3  . ASP A 1 46  ? -1.334  -11.362 -6.410  1.00 0.83 ? 554 ASP A HB3  1 
ATOM 651  N N    . LYS A 1 47  ? -5.285  -10.905 -6.140  1.00 0.67 ? 555 LYS A N    1 
ATOM 652  C CA   . LYS A 1 47  ? -6.696  -11.138 -5.713  1.00 0.73 ? 555 LYS A CA   1 
ATOM 653  C C    . LYS A 1 47  ? -7.586  -10.139 -6.447  1.00 0.73 ? 555 LYS A C    1 
ATOM 654  O O    . LYS A 1 47  ? -8.570  -9.657  -5.922  1.00 1.01 ? 555 LYS A O    1 
ATOM 655  C CB   . LYS A 1 47  ? -6.824  -10.925 -4.201  1.00 0.81 ? 555 LYS A CB   1 
ATOM 656  C CG   . LYS A 1 47  ? -7.793  -11.954 -3.620  1.00 1.13 ? 555 LYS A CG   1 
ATOM 657  C CD   . LYS A 1 47  ? -7.521  -12.121 -2.125  1.00 1.19 ? 555 LYS A CD   1 
ATOM 658  C CE   . LYS A 1 47  ? -8.726  -12.789 -1.459  1.00 1.53 ? 555 LYS A CE   1 
ATOM 659  N NZ   . LYS A 1 47  ? -8.251  -13.745 -0.419  1.00 2.14 ? 555 LYS A NZ   1 
ATOM 660  H H    . LYS A 1 47  ? -4.811  -10.101 -5.842  1.00 0.74 ? 555 LYS A H    1 
ATOM 661  H HA   . LYS A 1 47  ? -6.992  -12.146 -5.968  1.00 0.77 ? 555 LYS A HA   1 
ATOM 662  H HB2  . LYS A 1 47  ? -5.855  -11.042 -3.739  1.00 0.93 ? 555 LYS A HB2  1 
ATOM 663  H HB3  . LYS A 1 47  ? -7.202  -9.928  -4.006  1.00 0.94 ? 555 LYS A HB3  1 
ATOM 664  H HG2  . LYS A 1 47  ? -8.810  -11.614 -3.767  1.00 1.43 ? 555 LYS A HG2  1 
ATOM 665  H HG3  . LYS A 1 47  ? -7.655  -12.901 -4.119  1.00 1.54 ? 555 LYS A HG3  1 
ATOM 666  H HD2  . LYS A 1 47  ? -6.645  -12.738 -1.987  1.00 1.57 ? 555 LYS A HD2  1 
ATOM 667  H HD3  . LYS A 1 47  ? -7.354  -11.154 -1.677  1.00 1.50 ? 555 LYS A HD3  1 
ATOM 668  H HE2  . LYS A 1 47  ? -9.345  -12.034 -0.998  1.00 2.03 ? 555 LYS A HE2  1 
ATOM 669  H HE3  . LYS A 1 47  ? -9.299  -13.321 -2.202  1.00 1.92 ? 555 LYS A HE3  1 
ATOM 670  H HZ1  . LYS A 1 47  ? -7.223  -13.874 -0.511  1.00 2.53 ? 555 LYS A HZ1  1 
ATOM 671  H HZ2  . LYS A 1 47  ? -8.471  -13.369 0.524   1.00 2.63 ? 555 LYS A HZ2  1 
ATOM 672  H HZ3  . LYS A 1 47  ? -8.728  -14.659 -0.545  1.00 2.52 ? 555 LYS A HZ3  1 
ATOM 673  N N    . TYR A 1 48  ? -7.223  -9.808  -7.654  1.00 0.72 ? 556 TYR A N    1 
ATOM 674  C CA   . TYR A 1 48  ? -8.010  -8.822  -8.435  1.00 0.72 ? 556 TYR A CA   1 
ATOM 675  C C    . TYR A 1 48  ? -8.067  -9.263  -9.899  1.00 0.87 ? 556 TYR A C    1 
ATOM 676  O O    . TYR A 1 48  ? -7.056  -9.364  -10.564 1.00 1.42 ? 556 TYR A O    1 
ATOM 677  C CB   . TYR A 1 48  ? -7.304  -7.469  -8.328  1.00 0.79 ? 556 TYR A CB   1 
ATOM 678  C CG   . TYR A 1 48  ? -7.736  -6.536  -9.433  1.00 0.67 ? 556 TYR A CG   1 
ATOM 679  C CD1  . TYR A 1 48  ? -8.926  -6.755  -10.142 1.00 1.32 ? 556 TYR A CD1  1 
ATOM 680  C CD2  . TYR A 1 48  ? -6.935  -5.436  -9.743  1.00 1.39 ? 556 TYR A CD2  1 
ATOM 681  C CE1  . TYR A 1 48  ? -9.311  -5.879  -11.150 1.00 1.33 ? 556 TYR A CE1  1 
ATOM 682  C CE2  . TYR A 1 48  ? -7.318  -4.560  -10.758 1.00 1.37 ? 556 TYR A CE2  1 
ATOM 683  C CZ   . TYR A 1 48  ? -8.505  -4.778  -11.456 1.00 0.63 ? 556 TYR A CZ   1 
ATOM 684  O OH   . TYR A 1 48  ? -8.862  -3.924  -12.464 1.00 0.70 ? 556 TYR A OH   1 
ATOM 685  H H    . TYR A 1 48  ? -6.416  -10.197 -8.043  1.00 0.90 ? 556 TYR A H    1 
ATOM 686  H HA   . TYR A 1 48  ? -9.009  -8.746  -8.034  1.00 0.89 ? 556 TYR A HA   1 
ATOM 687  H HB2  . TYR A 1 48  ? -7.535  -7.019  -7.377  1.00 1.02 ? 556 TYR A HB2  1 
ATOM 688  H HB3  . TYR A 1 48  ? -6.238  -7.623  -8.390  1.00 1.02 ? 556 TYR A HB3  1 
ATOM 689  H HD1  . TYR A 1 48  ? -9.545  -7.605  -9.918  1.00 2.18 ? 556 TYR A HD1  1 
ATOM 690  H HD2  . TYR A 1 48  ? -6.018  -5.267  -9.200  1.00 2.26 ? 556 TYR A HD2  1 
ATOM 691  H HE1  . TYR A 1 48  ? -10.245 -6.038  -11.677 1.00 2.20 ? 556 TYR A HE1  1 
ATOM 692  H HE2  . TYR A 1 48  ? -6.705  -3.704  -10.994 1.00 2.23 ? 556 TYR A HE2  1 
ATOM 693  H HH   . TYR A 1 48  ? -8.087  -3.411  -12.708 1.00 1.19 ? 556 TYR A HH   1 
ATOM 694  N N    . THR A 1 49  ? -9.243  -9.509  -10.413 1.00 0.94 ? 557 THR A N    1 
ATOM 695  C CA   . THR A 1 49  ? -9.346  -9.922  -11.837 1.00 1.13 ? 557 THR A CA   1 
ATOM 696  C C    . THR A 1 49  ? -10.699 -9.495  -12.415 1.00 1.46 ? 557 THR A C    1 
ATOM 697  O O    . THR A 1 49  ? -10.768 -8.647  -13.281 1.00 2.27 ? 557 THR A O    1 
ATOM 698  C CB   . THR A 1 49  ? -9.188  -11.442 -11.950 1.00 1.43 ? 557 THR A CB   1 
ATOM 699  O OG1  . THR A 1 49  ? -9.693  -11.876 -13.205 1.00 1.62 ? 557 THR A OG1  1 
ATOM 700  C CG2  . THR A 1 49  ? -9.963  -12.130 -10.822 1.00 1.72 ? 557 THR A CG2  1 
ATOM 701  H H    . THR A 1 49  ? -10.051 -9.410  -9.866  1.00 1.24 ? 557 THR A H    1 
ATOM 702  H HA   . THR A 1 49  ? -8.559  -9.441  -12.393 1.00 1.51 ? 557 THR A HA   1 
ATOM 703  H HB   . THR A 1 49  ? -8.144  -11.702 -11.874 1.00 1.81 ? 557 THR A HB   1 
ATOM 704  H HG1  . THR A 1 49  ? -10.066 -12.751 -13.088 1.00 2.01 ? 557 THR A HG1  1 
ATOM 705  H HG21 . THR A 1 49  ? -10.117 -11.433 -10.013 1.00 2.06 ? 557 THR A HG21 1 
ATOM 706  H HG22 . THR A 1 49  ? -10.918 -12.466 -11.196 1.00 2.17 ? 557 THR A HG22 1 
ATOM 707  H HG23 . THR A 1 49  ? -9.398  -12.979 -10.465 1.00 2.09 ? 557 THR A HG23 1 
ATOM 708  N N    . SER A 1 50  ? -11.775 -10.073 -11.953 1.00 1.44 ? 558 SER A N    1 
ATOM 709  C CA   . SER A 1 50  ? -13.110 -9.689  -12.495 1.00 2.03 ? 558 SER A CA   1 
ATOM 710  C C    . SER A 1 50  ? -14.169 -9.820  -11.399 1.00 1.90 ? 558 SER A C    1 
ATOM 711  O O    . SER A 1 50  ? -15.018 -8.965  -11.237 1.00 2.35 ? 558 SER A O    1 
ATOM 712  C CB   . SER A 1 50  ? -13.466 -10.609 -13.662 1.00 2.71 ? 558 SER A CB   1 
ATOM 713  O OG   . SER A 1 50  ? -14.091 -9.846  -14.687 1.00 3.33 ? 558 SER A OG   1 
ATOM 714  H H    . SER A 1 50  ? -11.706 -10.758 -11.257 1.00 1.53 ? 558 SER A H    1 
ATOM 715  H HA   . SER A 1 50  ? -13.077 -8.666  -12.841 1.00 2.40 ? 558 SER A HA   1 
ATOM 716  H HB2  . SER A 1 50  ? -12.571 -11.061 -14.053 1.00 2.94 ? 558 SER A HB2  1 
ATOM 717  H HB3  . SER A 1 50  ? -14.138 -11.384 -13.315 1.00 3.09 ? 558 SER A HB3  1 
ATOM 718  H HG   . SER A 1 50  ? -14.573 -10.452 -15.255 1.00 3.68 ? 558 SER A HG   1 
ATOM 719  N N    . SER A 1 51  ? -14.131 -10.885 -10.646 1.00 1.61 ? 559 SER A N    1 
ATOM 720  C CA   . SER A 1 51  ? -15.139 -11.065 -9.562  1.00 1.66 ? 559 SER A CA   1 
ATOM 721  C C    . SER A 1 51  ? -14.874 -10.048 -8.453  1.00 1.29 ? 559 SER A C    1 
ATOM 722  O O    . SER A 1 51  ? -15.716 -9.237  -8.124  1.00 1.43 ? 559 SER A O    1 
ATOM 723  C CB   . SER A 1 51  ? -15.031 -12.480 -8.996  1.00 2.12 ? 559 SER A CB   1 
ATOM 724  O OG   . SER A 1 51  ? -16.276 -13.148 -9.160  1.00 2.53 ? 559 SER A OG   1 
ATOM 725  H H    . SER A 1 51  ? -13.441 -11.566 -10.792 1.00 1.67 ? 559 SER A H    1 
ATOM 726  H HA   . SER A 1 51  ? -16.126 -10.909 -9.962  1.00 1.85 ? 559 SER A HA   1 
ATOM 727  H HB2  . SER A 1 51  ? -14.265 -13.023 -9.523  1.00 2.40 ? 559 SER A HB2  1 
ATOM 728  H HB3  . SER A 1 51  ? -14.775 -12.427 -7.946  1.00 2.30 ? 559 SER A HB3  1 
ATOM 729  H HG   . SER A 1 51  ? -16.967 -12.482 -9.188  1.00 2.82 ? 559 SER A HG   1 
ATOM 730  N N    . ASP A 1 52  ? -13.709 -10.086 -7.880  1.00 1.05 ? 560 ASP A N    1 
ATOM 731  C CA   . ASP A 1 52  ? -13.377 -9.125  -6.792  1.00 0.85 ? 560 ASP A CA   1 
ATOM 732  C C    . ASP A 1 52  ? -11.990 -8.530  -7.050  1.00 0.74 ? 560 ASP A C    1 
ATOM 733  O O    . ASP A 1 52  ? -10.992 -9.207  -6.903  1.00 0.83 ? 560 ASP A O    1 
ATOM 734  C CB   . ASP A 1 52  ? -13.379 -9.856  -5.448  1.00 1.05 ? 560 ASP A CB   1 
ATOM 735  C CG   . ASP A 1 52  ? -14.724 -9.642  -4.753  1.00 1.63 ? 560 ASP A CG   1 
ATOM 736  O OD1  . ASP A 1 52  ? -15.245 -8.542  -4.841  1.00 2.23 ? 560 ASP A OD1  1 
ATOM 737  O OD2  . ASP A 1 52  ? -15.212 -10.582 -4.148  1.00 2.32 ? 560 ASP A OD2  1 
ATOM 738  H H    . ASP A 1 52  ? -13.047 -10.748 -8.166  1.00 1.22 ? 560 ASP A H    1 
ATOM 739  H HA   . ASP A 1 52  ? -14.115 -8.338  -6.772  1.00 0.86 ? 560 ASP A HA   1 
ATOM 740  H HB2  . ASP A 1 52  ? -13.219 -10.912 -5.613  1.00 1.54 ? 560 ASP A HB2  1 
ATOM 741  H HB3  . ASP A 1 52  ? -12.588 -9.466  -4.824  1.00 1.37 ? 560 ASP A HB3  1 
ATOM 742  N N    . PRO A 1 53  ? -11.967 -7.277  -7.428  1.00 0.60 ? 561 PRO A N    1 
ATOM 743  C CA   . PRO A 1 53  ? -10.720 -6.559  -7.716  1.00 0.55 ? 561 PRO A CA   1 
ATOM 744  C C    . PRO A 1 53  ? -10.061 -6.085  -6.435  1.00 0.48 ? 561 PRO A C    1 
ATOM 745  O O    . PRO A 1 53  ? -10.471 -5.112  -5.833  1.00 0.59 ? 561 PRO A O    1 
ATOM 746  C CB   . PRO A 1 53  ? -11.163 -5.375  -8.565  1.00 0.59 ? 561 PRO A CB   1 
ATOM 747  C CG   . PRO A 1 53  ? -12.667 -5.173  -8.294  1.00 0.59 ? 561 PRO A CG   1 
ATOM 748  C CD   . PRO A 1 53  ? -13.178 -6.457  -7.600  1.00 0.59 ? 561 PRO A CD   1 
ATOM 749  H HA   . PRO A 1 53  ? -10.050 -7.183  -8.275  1.00 0.65 ? 561 PRO A HA   1 
ATOM 750  H HB2  . PRO A 1 53  ? -10.618 -4.489  -8.259  1.00 0.59 ? 561 PRO A HB2  1 
ATOM 751  H HB3  . PRO A 1 53  ? -11.001 -5.577  -9.609  1.00 0.71 ? 561 PRO A HB3  1 
ATOM 752  H HG2  . PRO A 1 53  ? -12.817 -4.313  -7.658  1.00 0.60 ? 561 PRO A HG2  1 
ATOM 753  H HG3  . PRO A 1 53  ? -13.177 -5.041  -9.236  1.00 0.68 ? 561 PRO A HG3  1 
ATOM 754  H HD2  . PRO A 1 53  ? -13.608 -6.217  -6.634  1.00 0.59 ? 561 PRO A HD2  1 
ATOM 755  H HD3  . PRO A 1 53  ? -13.893 -6.968  -8.225  1.00 0.68 ? 561 PRO A HD3  1 
ATOM 756  N N    . LEU A 1 54  ? -9.044  -6.770  -6.011  1.00 0.50 ? 562 LEU A N    1 
ATOM 757  C CA   . LEU A 1 54  ? -8.370  -6.363  -4.764  1.00 0.53 ? 562 LEU A CA   1 
ATOM 758  C C    . LEU A 1 54  ? -6.856  -6.327  -4.938  1.00 0.50 ? 562 LEU A C    1 
ATOM 759  O O    . LEU A 1 54  ? -6.189  -7.340  -4.882  1.00 0.60 ? 562 LEU A O    1 
ATOM 760  C CB   . LEU A 1 54  ? -8.714  -7.367  -3.674  1.00 0.82 ? 562 LEU A CB   1 
ATOM 761  C CG   . LEU A 1 54  ? -9.497  -6.674  -2.572  1.00 0.78 ? 562 LEU A CG   1 
ATOM 762  C CD1  . LEU A 1 54  ? -10.906 -7.271  -2.507  1.00 1.35 ? 562 LEU A CD1  1 
ATOM 763  C CD2  . LEU A 1 54  ? -8.768  -6.892  -1.245  1.00 1.36 ? 562 LEU A CD2  1 
ATOM 764  H H    . LEU A 1 54  ? -8.736  -7.555  -6.506  1.00 0.61 ? 562 LEU A H    1 
ATOM 765  H HA   . LEU A 1 54  ? -8.716  -5.385  -4.473  1.00 0.53 ? 562 LEU A HA   1 
ATOM 766  H HB2  . LEU A 1 54  ? -9.309  -8.164  -4.094  1.00 1.64 ? 562 LEU A HB2  1 
ATOM 767  H HB3  . LEU A 1 54  ? -7.803  -7.777  -3.262  1.00 1.57 ? 562 LEU A HB3  1 
ATOM 768  H HG   . LEU A 1 54  ? -9.562  -5.616  -2.782  1.00 1.34 ? 562 LEU A HG   1 
ATOM 769  H HD11 . LEU A 1 54  ? -10.839 -8.350  -2.530  1.00 1.85 ? 562 LEU A HD11 1 
ATOM 770  H HD12 . LEU A 1 54  ? -11.389 -6.961  -1.593  1.00 1.76 ? 562 LEU A HD12 1 
ATOM 771  H HD13 . LEU A 1 54  ? -11.485 -6.928  -3.357  1.00 1.90 ? 562 LEU A HD13 1 
ATOM 772  H HD21 . LEU A 1 54  ? -7.754  -6.511  -1.325  1.00 1.77 ? 562 LEU A HD21 1 
ATOM 773  H HD22 . LEU A 1 54  ? -9.287  -6.372  -0.455  1.00 1.77 ? 562 LEU A HD22 1 
ATOM 774  H HD23 . LEU A 1 54  ? -8.735  -7.949  -1.024  1.00 1.96 ? 562 LEU A HD23 1 
ATOM 775  N N    . TRP A 1 55  ? -6.304  -5.159  -5.085  1.00 0.41 ? 563 TRP A N    1 
ATOM 776  C CA   . TRP A 1 55  ? -4.829  -5.055  -5.187  1.00 0.39 ? 563 TRP A CA   1 
ATOM 777  C C    . TRP A 1 55  ? -4.296  -5.168  -3.777  1.00 0.47 ? 563 TRP A C    1 
ATOM 778  O O    . TRP A 1 55  ? -5.044  -5.371  -2.848  1.00 0.62 ? 563 TRP A O    1 
ATOM 779  C CB   . TRP A 1 55  ? -4.407  -3.671  -5.645  1.00 0.36 ? 563 TRP A CB   1 
ATOM 780  C CG   . TRP A 1 55  ? -4.527  -3.480  -7.117  1.00 0.38 ? 563 TRP A CG   1 
ATOM 781  C CD1  . TRP A 1 55  ? -5.649  -3.283  -7.867  1.00 0.44 ? 563 TRP A CD1  1 
ATOM 782  C CD2  . TRP A 1 55  ? -3.422  -3.430  -8.023  1.00 0.36 ? 563 TRP A CD2  1 
ATOM 783  N NE1  . TRP A 1 55  ? -5.255  -3.103  -9.179  1.00 0.47 ? 563 TRP A NE1  1 
ATOM 784  C CE2  . TRP A 1 55  ? -3.891  -3.205  -9.325  1.00 0.40 ? 563 TRP A CE2  1 
ATOM 785  C CE3  . TRP A 1 55  ? -2.059  -3.568  -7.813  1.00 0.34 ? 563 TRP A CE3  1 
ATOM 786  C CZ2  . TRP A 1 55  ? -3.012  -3.120  -10.403 1.00 0.40 ? 563 TRP A CZ2  1 
ATOM 787  C CZ3  . TRP A 1 55  ? -1.170  -3.486  -8.884  1.00 0.35 ? 563 TRP A CZ3  1 
ATOM 788  C CH2  . TRP A 1 55  ? -1.640  -3.266  -10.172 1.00 0.37 ? 563 TRP A CH2  1 
ATOM 789  H H    . TRP A 1 55  ? -6.855  -4.348  -5.081  1.00 0.42 ? 563 TRP A H    1 
ATOM 790  H HA   . TRP A 1 55  ? -4.422  -5.807  -5.824  1.00 0.46 ? 563 TRP A HA   1 
ATOM 791  H HB2  . TRP A 1 55  ? -4.973  -2.952  -5.133  1.00 0.37 ? 563 TRP A HB2  1 
ATOM 792  H HB3  . TRP A 1 55  ? -3.373  -3.527  -5.374  1.00 0.35 ? 563 TRP A HB3  1 
ATOM 793  H HD1  . TRP A 1 55  ? -6.675  -3.254  -7.516  1.00 0.49 ? 563 TRP A HD1  1 
ATOM 794  H HE1  . TRP A 1 55  ? -5.850  -2.929  -9.919  1.00 0.53 ? 563 TRP A HE1  1 
ATOM 795  H HE3  . TRP A 1 55  ? -1.696  -3.736  -6.809  1.00 0.35 ? 563 TRP A HE3  1 
ATOM 796  H HZ2  . TRP A 1 55  ? -3.384  -2.949  -11.402 1.00 0.45 ? 563 TRP A HZ2  1 
ATOM 797  H HZ3  . TRP A 1 55  ? -0.118  -3.589  -8.718  1.00 0.38 ? 563 TRP A HZ3  1 
ATOM 798  H HH2  . TRP A 1 55  ? -0.944  -3.215  -10.980 1.00 0.38 ? 563 TRP A HH2  1 
ATOM 799  N N    . TYR A 1 56  ? -3.031  -4.938  -3.603  1.00 0.51 ? 564 TYR A N    1 
ATOM 800  C CA   . TYR A 1 56  ? -2.468  -4.908  -2.240  1.00 0.77 ? 564 TYR A CA   1 
ATOM 801  C C    . TYR A 1 56  ? -1.015  -5.300  -2.199  1.00 0.54 ? 564 TYR A C    1 
ATOM 802  O O    . TYR A 1 56  ? -0.506  -6.094  -2.977  1.00 0.56 ? 564 TYR A O    1 
ATOM 803  C CB   . TYR A 1 56  ? -3.264  -5.744  -1.224  1.00 1.44 ? 564 TYR A CB   1 
ATOM 804  C CG   . TYR A 1 56  ? -3.323  -7.180  -1.597  1.00 0.82 ? 564 TYR A CG   1 
ATOM 805  C CD1  . TYR A 1 56  ? -2.185  -7.975  -1.512  1.00 1.33 ? 564 TYR A CD1  1 
ATOM 806  C CD2  . TYR A 1 56  ? -4.543  -7.728  -1.974  1.00 1.38 ? 564 TYR A CD2  1 
ATOM 807  C CE1  . TYR A 1 56  ? -2.268  -9.331  -1.809  1.00 1.36 ? 564 TYR A CE1  1 
ATOM 808  C CE2  . TYR A 1 56  ? -4.632  -9.074  -2.280  1.00 1.46 ? 564 TYR A CE2  1 
ATOM 809  C CZ   . TYR A 1 56  ? -3.495  -9.888  -2.196  1.00 0.97 ? 564 TYR A CZ   1 
ATOM 810  O OH   . TYR A 1 56  ? -3.587  -11.234 -2.486  1.00 1.55 ? 564 TYR A OH   1 
ATOM 811  H H    . TYR A 1 56  ? -2.465  -4.707  -4.366  1.00 0.45 ? 564 TYR A H    1 
ATOM 812  H HA   . TYR A 1 56  ? -2.514  -3.885  -1.913  1.00 1.05 ? 564 TYR A HA   1 
ATOM 813  H HB2  . TYR A 1 56  ? -2.788  -5.670  -0.263  1.00 2.12 ? 564 TYR A HB2  1 
ATOM 814  H HB3  . TYR A 1 56  ? -4.266  -5.364  -1.146  1.00 2.14 ? 564 TYR A HB3  1 
ATOM 815  H HD1  . TYR A 1 56  ? -1.241  -7.540  -1.218  1.00 2.24 ? 564 TYR A HD1  1 
ATOM 816  H HD2  . TYR A 1 56  ? -5.421  -7.103  -2.037  1.00 2.28 ? 564 TYR A HD2  1 
ATOM 817  H HE1  . TYR A 1 56  ? -1.390  -9.943  -1.738  1.00 2.25 ? 564 TYR A HE1  1 
ATOM 818  H HE2  . TYR A 1 56  ? -5.574  -9.482  -2.571  1.00 2.38 ? 564 TYR A HE2  1 
ATOM 819  H HH   . TYR A 1 56  ? -4.132  -11.645 -1.812  1.00 1.74 ? 564 TYR A HH   1 
ATOM 820  N N    . VAL A 1 57  ? -0.374  -4.700  -1.256  1.00 0.54 ? 565 VAL A N    1 
ATOM 821  C CA   . VAL A 1 57  ? 1.068   -4.935  -0.993  1.00 0.47 ? 565 VAL A CA   1 
ATOM 822  C C    . VAL A 1 57  ? 1.296   -4.898  0.495   1.00 0.51 ? 565 VAL A C    1 
ATOM 823  O O    . VAL A 1 57  ? 0.861   -3.999  1.185   1.00 0.78 ? 565 VAL A O    1 
ATOM 824  C CB   . VAL A 1 57  ? 1.914   -3.864  -1.633  1.00 0.50 ? 565 VAL A CB   1 
ATOM 825  C CG1  . VAL A 1 57  ? 3.367   -4.019  -1.198  1.00 0.73 ? 565 VAL A CG1  1 
ATOM 826  C CG2  . VAL A 1 57  ? 1.840   -4.058  -3.105  1.00 0.46 ? 565 VAL A CG2  1 
ATOM 827  H H    . VAL A 1 57  ? -0.873  -4.069  -0.701  1.00 0.71 ? 565 VAL A H    1 
ATOM 828  H HA   . VAL A 1 57  ? 1.353   -5.903  -1.380  1.00 0.52 ? 565 VAL A HA   1 
ATOM 829  H HB   . VAL A 1 57  ? 1.546   -2.885  -1.374  1.00 0.63 ? 565 VAL A HB   1 
ATOM 830  H HG11 . VAL A 1 57  ? 3.405   -4.409  -0.193  1.00 1.17 ? 565 VAL A HG11 1 
ATOM 831  H HG12 . VAL A 1 57  ? 3.863   -4.702  -1.871  1.00 1.30 ? 565 VAL A HG12 1 
ATOM 832  H HG13 . VAL A 1 57  ? 3.858   -3.059  -1.234  1.00 1.42 ? 565 VAL A HG13 1 
ATOM 833  H HG21 . VAL A 1 57  ? 2.167   -5.059  -3.339  1.00 1.07 ? 565 VAL A HG21 1 
ATOM 834  H HG22 . VAL A 1 57  ? 0.817   -3.924  -3.417  1.00 1.07 ? 565 VAL A HG22 1 
ATOM 835  H HG23 . VAL A 1 57  ? 2.483   -3.334  -3.581  1.00 1.07 ? 565 VAL A HG23 1 
ATOM 836  N N    . THR A 1 58  ? 1.979   -5.860  0.993   1.00 0.57 ? 566 THR A N    1 
ATOM 837  C CA   . THR A 1 58  ? 2.236   -5.888  2.450   1.00 0.58 ? 566 THR A CA   1 
ATOM 838  C C    . THR A 1 58  ? 3.547   -5.156  2.746   1.00 0.59 ? 566 THR A C    1 
ATOM 839  O O    . THR A 1 58  ? 4.573   -5.757  2.998   1.00 0.76 ? 566 THR A O    1 
ATOM 840  C CB   . THR A 1 58  ? 2.356   -7.334  2.911   1.00 0.64 ? 566 THR A CB   1 
ATOM 841  O OG1  . THR A 1 58  ? 2.392   -7.383  4.330   1.00 0.69 ? 566 THR A OG1  1 
ATOM 842  C CG2  . THR A 1 58  ? 3.644   -7.901  2.336   1.00 0.75 ? 566 THR A CG2  1 
ATOM 843  H H    . THR A 1 58  ? 2.326   -6.565  0.405   1.00 0.80 ? 566 THR A H    1 
ATOM 844  H HA   . THR A 1 58  ? 1.414   -5.400  2.960   1.00 0.55 ? 566 THR A HA   1 
ATOM 845  H HB   . THR A 1 58  ? 1.519   -7.905  2.546   1.00 0.73 ? 566 THR A HB   1 
ATOM 846  H HG1  . THR A 1 58  ? 1.492   -7.301  4.654   1.00 1.08 ? 566 THR A HG1  1 
ATOM 847  H HG21 . THR A 1 58  ? 4.096   -7.152  1.697   1.00 1.29 ? 566 THR A HG21 1 
ATOM 848  H HG22 . THR A 1 58  ? 4.321   -8.145  3.141   1.00 1.32 ? 566 THR A HG22 1 
ATOM 849  H HG23 . THR A 1 58  ? 3.426   -8.787  1.762   1.00 1.27 ? 566 THR A HG23 1 
ATOM 850  N N    . VAL A 1 59  ? 3.524   -3.865  2.728   1.00 0.52 ? 567 VAL A N    1 
ATOM 851  C CA   . VAL A 1 59  ? 4.770   -3.104  3.015   1.00 0.54 ? 567 VAL A CA   1 
ATOM 852  C C    . VAL A 1 59  ? 5.011   -3.112  4.514   1.00 0.56 ? 567 VAL A C    1 
ATOM 853  O O    . VAL A 1 59  ? 4.211   -2.620  5.284   1.00 0.61 ? 567 VAL A O    1 
ATOM 854  C CB   . VAL A 1 59  ? 4.653   -1.640  2.577   1.00 0.51 ? 567 VAL A CB   1 
ATOM 855  C CG1  . VAL A 1 59  ? 5.773   -0.829  3.253   1.00 0.56 ? 567 VAL A CG1  1 
ATOM 856  C CG2  . VAL A 1 59  ? 4.790   -1.538  1.054   1.00 0.54 ? 567 VAL A CG2  1 
ATOM 857  H H    . VAL A 1 59  ? 2.696   -3.407  2.531   1.00 0.55 ? 567 VAL A H    1 
ATOM 858  H HA   . VAL A 1 59  ? 5.601   -3.569  2.506   1.00 0.58 ? 567 VAL A HA   1 
ATOM 859  H HB   . VAL A 1 59  ? 3.698   -1.248  2.889   1.00 0.48 ? 567 VAL A HB   1 
ATOM 860  H HG11 . VAL A 1 59  ? 5.673   -0.907  4.330   1.00 1.20 ? 567 VAL A HG11 1 
ATOM 861  H HG12 . VAL A 1 59  ? 6.735   -1.223  2.957   1.00 1.17 ? 567 VAL A HG12 1 
ATOM 862  H HG13 . VAL A 1 59  ? 5.702   0.211   2.959   1.00 1.13 ? 567 VAL A HG13 1 
ATOM 863  H HG21 . VAL A 1 59  ? 5.722   -1.988  0.747   1.00 1.08 ? 567 VAL A HG21 1 
ATOM 864  H HG22 . VAL A 1 59  ? 3.966   -2.055  0.579   1.00 1.13 ? 567 VAL A HG22 1 
ATOM 865  H HG23 . VAL A 1 59  ? 4.778   -0.498  0.761   1.00 1.20 ? 567 VAL A HG23 1 
ATOM 866  N N    . THR A 1 60  ? 6.110   -3.645  4.937   1.00 0.67 ? 568 THR A N    1 
ATOM 867  C CA   . THR A 1 60  ? 6.395   -3.658  6.385   1.00 0.69 ? 568 THR A CA   1 
ATOM 868  C C    . THR A 1 60  ? 6.282   -2.248  6.953   1.00 0.65 ? 568 THR A C    1 
ATOM 869  O O    . THR A 1 60  ? 6.339   -1.265  6.242   1.00 0.70 ? 568 THR A O    1 
ATOM 870  C CB   . THR A 1 60  ? 7.808   -4.170  6.626   1.00 0.79 ? 568 THR A CB   1 
ATOM 871  O OG1  . THR A 1 60  ? 8.605   -3.923  5.476   1.00 0.84 ? 568 THR A OG1  1 
ATOM 872  C CG2  . THR A 1 60  ? 7.780   -5.662  6.952   1.00 0.86 ? 568 THR A CG2  1 
ATOM 873  H H    . THR A 1 60  ? 6.752   -4.026  4.301   1.00 0.80 ? 568 THR A H    1 
ATOM 874  H HA   . THR A 1 60  ? 5.684   -4.303  6.883   1.00 0.68 ? 568 THR A HA   1 
ATOM 875  H HB   . THR A 1 60  ? 8.227   -3.632  7.455   1.00 0.80 ? 568 THR A HB   1 
ATOM 876  H HG1  . THR A 1 60  ? 9.471   -4.312  5.626   1.00 1.14 ? 568 THR A HG1  1 
ATOM 877  H HG21 . THR A 1 60  ? 6.896   -6.109  6.522   1.00 1.35 ? 568 THR A HG21 1 
ATOM 878  H HG22 . THR A 1 60  ? 8.661   -6.138  6.545   1.00 1.31 ? 568 THR A HG22 1 
ATOM 879  H HG23 . THR A 1 60  ? 7.764   -5.791  8.028   1.00 1.36 ? 568 THR A HG23 1 
ATOM 880  N N    . LEU A 1 61  ? 6.137   -2.153  8.238   1.00 0.63 ? 569 LEU A N    1 
ATOM 881  C CA   . LEU A 1 61  ? 6.032   -0.825  8.890   1.00 0.63 ? 569 LEU A CA   1 
ATOM 882  C C    . LEU A 1 61  ? 6.568   -0.965  10.319  1.00 0.69 ? 569 LEU A C    1 
ATOM 883  O O    . LEU A 1 61  ? 5.852   -1.365  11.214  1.00 0.94 ? 569 LEU A O    1 
ATOM 884  C CB   . LEU A 1 61  ? 4.564   -0.383  8.885   1.00 0.61 ? 569 LEU A CB   1 
ATOM 885  C CG   . LEU A 1 61  ? 4.179   0.036   7.459   1.00 0.59 ? 569 LEU A CG   1 
ATOM 886  C CD1  . LEU A 1 61  ? 2.741   0.577   7.441   1.00 0.62 ? 569 LEU A CD1  1 
ATOM 887  C CD2  . LEU A 1 61  ? 5.144   1.125   6.984   1.00 0.67 ? 569 LEU A CD2  1 
ATOM 888  H H    . LEU A 1 61  ? 6.103   -2.968  8.782   1.00 0.64 ? 569 LEU A H    1 
ATOM 889  H HA   . LEU A 1 61  ? 6.631   -0.108  8.349   1.00 0.65 ? 569 LEU A HA   1 
ATOM 890  H HB2  . LEU A 1 61  ? 3.938   -1.204  9.204   1.00 0.63 ? 569 LEU A HB2  1 
ATOM 891  H HB3  . LEU A 1 61  ? 4.432   0.453   9.553   1.00 0.68 ? 569 LEU A HB3  1 
ATOM 892  H HG   . LEU A 1 61  ? 4.251   -0.819  6.799   1.00 0.59 ? 569 LEU A HG   1 
ATOM 893  H HD11 . LEU A 1 61  ? 2.175   0.118   8.236   1.00 1.18 ? 569 LEU A HD11 1 
ATOM 894  H HD12 . LEU A 1 61  ? 2.757   1.648   7.586   1.00 1.19 ? 569 LEU A HD12 1 
ATOM 895  H HD13 . LEU A 1 61  ? 2.277   0.349   6.486   1.00 1.23 ? 569 LEU A HD13 1 
ATOM 896  H HD21 . LEU A 1 61  ? 5.171   1.924   7.711   1.00 1.30 ? 569 LEU A HD21 1 
ATOM 897  H HD22 . LEU A 1 61  ? 6.133   0.707   6.873   1.00 1.15 ? 569 LEU A HD22 1 
ATOM 898  H HD23 . LEU A 1 61  ? 4.813   1.514   6.035   1.00 1.24 ? 569 LEU A HD23 1 
ATOM 899  N N    . PRO A 1 62  ? 7.838   -0.671  10.469  1.00 0.73 ? 570 PRO A N    1 
ATOM 900  C CA   . PRO A 1 62  ? 8.545   -0.797  11.752  1.00 0.84 ? 570 PRO A CA   1 
ATOM 901  C C    . PRO A 1 62  ? 8.143   0.290   12.738  1.00 0.96 ? 570 PRO A C    1 
ATOM 902  O O    . PRO A 1 62  ? 7.971   1.444   12.399  1.00 1.27 ? 570 PRO A O    1 
ATOM 903  C CB   . PRO A 1 62  ? 10.024  -0.687  11.370  1.00 1.26 ? 570 PRO A CB   1 
ATOM 904  C CG   . PRO A 1 62  ? 10.068  0.031   10.008  1.00 1.44 ? 570 PRO A CG   1 
ATOM 905  C CD   . PRO A 1 62  ? 8.679   -0.162  9.372   1.00 1.00 ? 570 PRO A CD   1 
ATOM 906  H HA   . PRO A 1 62  ? 8.364   -1.764  12.180  1.00 0.96 ? 570 PRO A HA   1 
ATOM 907  H HB2  . PRO A 1 62  ? 10.555  -0.110  12.116  1.00 1.39 ? 570 PRO A HB2  1 
ATOM 908  H HB3  . PRO A 1 62  ? 10.458  -1.669  11.280  1.00 1.48 ? 570 PRO A HB3  1 
ATOM 909  H HG2  . PRO A 1 62  ? 10.272  1.084   10.149  1.00 1.67 ? 570 PRO A HG2  1 
ATOM 910  H HG3  . PRO A 1 62  ? 10.820  -0.416  9.377   1.00 1.80 ? 570 PRO A HG3  1 
ATOM 911  H HD2  . PRO A 1 62  ? 8.297   0.781   9.016   1.00 1.06 ? 570 PRO A HD2  1 
ATOM 912  H HD3  . PRO A 1 62  ? 8.724   -0.885  8.576   1.00 1.07 ? 570 PRO A HD3  1 
ATOM 913  N N    . ALA A 1 63  ? 8.005   -0.102  13.963  1.00 1.12 ? 571 ALA A N    1 
ATOM 914  C CA   . ALA A 1 63  ? 7.624   0.849   15.040  1.00 1.50 ? 571 ALA A CA   1 
ATOM 915  C C    . ALA A 1 63  ? 6.129   1.158   14.965  1.00 1.26 ? 571 ALA A C    1 
ATOM 916  O O    . ALA A 1 63  ? 5.704   1.998   14.198  1.00 1.50 ? 571 ALA A O    1 
ATOM 917  C CB   . ALA A 1 63  ? 8.416   2.146   14.884  1.00 2.02 ? 571 ALA A CB   1 
ATOM 918  H H    . ALA A 1 63  ? 8.160   -1.040  14.177  1.00 1.20 ? 571 ALA A H    1 
ATOM 919  H HA   . ALA A 1 63  ? 7.847   0.409   16.001  1.00 1.93 ? 571 ALA A HA   1 
ATOM 920  H HB1  . ALA A 1 63  ? 9.069   2.069   14.028  1.00 2.34 ? 571 ALA A HB1  1 
ATOM 921  H HB2  . ALA A 1 63  ? 7.733   2.971   14.744  1.00 2.43 ? 571 ALA A HB2  1 
ATOM 922  H HB3  . ALA A 1 63  ? 9.006   2.315   15.773  1.00 2.44 ? 571 ALA A HB3  1 
ATOM 923  N N    . GLY A 1 64  ? 5.335   0.488   15.764  1.00 1.28 ? 572 GLY A N    1 
ATOM 924  C CA   . GLY A 1 64  ? 3.864   0.743   15.767  1.00 1.17 ? 572 GLY A CA   1 
ATOM 925  C C    . GLY A 1 64  ? 3.615   2.187   15.345  1.00 1.03 ? 572 GLY A C    1 
ATOM 926  O O    . GLY A 1 64  ? 4.420   3.058   15.609  1.00 1.14 ? 572 GLY A O    1 
ATOM 927  H H    . GLY A 1 64  ? 5.709   -0.180  16.367  1.00 1.64 ? 572 GLY A H    1 
ATOM 928  H HA2  . GLY A 1 64  ? 3.377   0.071   15.078  1.00 1.31 ? 572 GLY A HA2  1 
ATOM 929  H HA3  . GLY A 1 64  ? 3.469   0.590   16.760  1.00 1.20 ? 572 GLY A HA3  1 
ATOM 930  N N    . GLU A 1 65  ? 2.535   2.463   14.677  1.00 0.83 ? 573 GLU A N    1 
ATOM 931  C CA   . GLU A 1 65  ? 2.319   3.873   14.244  1.00 0.77 ? 573 GLU A CA   1 
ATOM 932  C C    . GLU A 1 65  ? 1.078   4.012   13.365  1.00 0.66 ? 573 GLU A C    1 
ATOM 933  O O    . GLU A 1 65  ? 0.756   3.143   12.585  1.00 0.64 ? 573 GLU A O    1 
ATOM 934  C CB   . GLU A 1 65  ? 3.539   4.311   13.431  1.00 0.83 ? 573 GLU A CB   1 
ATOM 935  C CG   . GLU A 1 65  ? 4.021   5.681   13.911  1.00 1.02 ? 573 GLU A CG   1 
ATOM 936  C CD   . GLU A 1 65  ? 4.970   5.504   15.098  1.00 1.65 ? 573 GLU A CD   1 
ATOM 937  O OE1  . GLU A 1 65  ? 6.036   4.943   14.900  1.00 2.23 ? 573 GLU A OE1  1 
ATOM 938  O OE2  . GLU A 1 65  ? 4.615   5.931   16.183  1.00 2.30 ? 573 GLU A OE2  1 
ATOM 939  H H    . GLU A 1 65  ? 1.888   1.756   14.455  1.00 0.77 ? 573 GLU A H    1 
ATOM 940  H HA   . GLU A 1 65  ? 2.222   4.507   15.104  1.00 0.84 ? 573 GLU A HA   1 
ATOM 941  H HB2  . GLU A 1 65  ? 4.329   3.584   13.554  1.00 1.14 ? 573 GLU A HB2  1 
ATOM 942  H HB3  . GLU A 1 65  ? 3.269   4.371   12.388  1.00 0.96 ? 573 GLU A HB3  1 
ATOM 943  H HG2  . GLU A 1 65  ? 4.542   6.180   13.105  1.00 1.38 ? 573 GLU A HG2  1 
ATOM 944  H HG3  . GLU A 1 65  ? 3.174   6.276   14.215  1.00 1.28 ? 573 GLU A HG3  1 
ATOM 945  N N    . SER A 1 66  ? 0.410   5.135   13.461  1.00 0.64 ? 574 SER A N    1 
ATOM 946  C CA   . SER A 1 66  ? -0.783  5.377   12.603  1.00 0.58 ? 574 SER A CA   1 
ATOM 947  C C    . SER A 1 66  ? -0.285  5.910   11.259  1.00 0.57 ? 574 SER A C    1 
ATOM 948  O O    . SER A 1 66  ? -0.766  6.898   10.742  1.00 0.67 ? 574 SER A O    1 
ATOM 949  C CB   . SER A 1 66  ? -1.694  6.414   13.263  1.00 0.61 ? 574 SER A CB   1 
ATOM 950  O OG   . SER A 1 66  ? -2.539  6.990   12.279  1.00 0.67 ? 574 SER A OG   1 
ATOM 951  H H    . SER A 1 66  ? 0.717   5.832   14.075  1.00 0.70 ? 574 SER A H    1 
ATOM 952  H HA   . SER A 1 66  ? -1.322  4.453   12.456  1.00 0.55 ? 574 SER A HA   1 
ATOM 953  H HB2  . SER A 1 66  ? -2.300  5.935   14.016  1.00 0.65 ? 574 SER A HB2  1 
ATOM 954  H HB3  . SER A 1 66  ? -1.087  7.180   13.726  1.00 0.69 ? 574 SER A HB3  1 
ATOM 955  H HG   . SER A 1 66  ? -3.291  7.385   12.726  1.00 1.08 ? 574 SER A HG   1 
ATOM 956  N N    . PHE A 1 67  ? 0.704   5.257   10.716  1.00 0.55 ? 575 PHE A N    1 
ATOM 957  C CA   . PHE A 1 67  ? 1.304   5.682   9.423   1.00 0.58 ? 575 PHE A CA   1 
ATOM 958  C C    . PHE A 1 67  ? 0.242   6.259   8.484   1.00 0.50 ? 575 PHE A C    1 
ATOM 959  O O    . PHE A 1 67  ? -0.936  6.011   8.627   1.00 0.53 ? 575 PHE A O    1 
ATOM 960  C CB   . PHE A 1 67  ? 1.956   4.464   8.766   1.00 0.67 ? 575 PHE A CB   1 
ATOM 961  C CG   . PHE A 1 67  ? 2.958   3.850   9.719   1.00 0.72 ? 575 PHE A CG   1 
ATOM 962  C CD1  . PHE A 1 67  ? 4.283   4.302   9.710   1.00 1.43 ? 575 PHE A CD1  1 
ATOM 963  C CD2  . PHE A 1 67  ? 2.573   2.832   10.608  1.00 1.57 ? 575 PHE A CD2  1 
ATOM 964  C CE1  . PHE A 1 67  ? 5.223   3.742   10.582  1.00 1.71 ? 575 PHE A CE1  1 
ATOM 965  C CE2  . PHE A 1 67  ? 3.515   2.275   11.481  1.00 1.88 ? 575 PHE A CE2  1 
ATOM 966  C CZ   . PHE A 1 67  ? 4.839   2.730   11.467  1.00 1.57 ? 575 PHE A CZ   1 
ATOM 967  H H    . PHE A 1 67  ? 1.069   4.479   11.176  1.00 0.57 ? 575 PHE A H    1 
ATOM 968  H HA   . PHE A 1 67  ? 2.060   6.430   9.609   1.00 0.66 ? 575 PHE A HA   1 
ATOM 969  H HB2  . PHE A 1 67  ? 1.197   3.735   8.524   1.00 0.97 ? 575 PHE A HB2  1 
ATOM 970  H HB3  . PHE A 1 67  ? 2.463   4.769   7.863   1.00 0.82 ? 575 PHE A HB3  1 
ATOM 971  H HD1  . PHE A 1 67  ? 4.579   5.083   9.027   1.00 2.20 ? 575 PHE A HD1  1 
ATOM 972  H HD2  . PHE A 1 67  ? 1.550   2.474   10.624  1.00 2.35 ? 575 PHE A HD2  1 
ATOM 973  H HE1  . PHE A 1 67  ? 6.243   4.092   10.573  1.00 2.51 ? 575 PHE A HE1  1 
ATOM 974  H HE2  . PHE A 1 67  ? 3.222   1.498   12.165  1.00 2.73 ? 575 PHE A HE2  1 
ATOM 975  H HZ   . PHE A 1 67  ? 5.564   2.298   12.140  1.00 1.96 ? 575 PHE A HZ   1 
ATOM 976  N N    . GLU A 1 68  ? 0.664   7.019   7.510   1.00 0.53 ? 576 GLU A N    1 
ATOM 977  C CA   . GLU A 1 68  ? -0.298  7.606   6.533   1.00 0.49 ? 576 GLU A CA   1 
ATOM 978  C C    . GLU A 1 68  ? 0.185   7.254   5.130   1.00 0.52 ? 576 GLU A C    1 
ATOM 979  O O    . GLU A 1 68  ? 1.152   7.805   4.643   1.00 0.73 ? 576 GLU A O    1 
ATOM 980  C CB   . GLU A 1 68  ? -0.353  9.126   6.688   1.00 0.57 ? 576 GLU A CB   1 
ATOM 981  C CG   . GLU A 1 68  ? 0.267   9.534   8.028   1.00 1.51 ? 576 GLU A CG   1 
ATOM 982  C CD   . GLU A 1 68  ? -0.058  11.000  8.316   1.00 1.72 ? 576 GLU A CD   1 
ATOM 983  O OE1  . GLU A 1 68  ? -1.233  11.324  8.382   1.00 2.17 ? 576 GLU A OE1  1 
ATOM 984  O OE2  . GLU A 1 68  ? 0.873   11.775  8.464   1.00 2.11 ? 576 GLU A OE2  1 
ATOM 985  H H    . GLU A 1 68  ? 1.622   7.193   7.411   1.00 0.66 ? 576 GLU A H    1 
ATOM 986  H HA   . GLU A 1 68  ? -1.280  7.184   6.695   1.00 0.45 ? 576 GLU A HA   1 
ATOM 987  H HB2  . GLU A 1 68  ? 0.195   9.586   5.881   1.00 1.10 ? 576 GLU A HB2  1 
ATOM 988  H HB3  . GLU A 1 68  ? -1.382  9.451   6.657   1.00 1.08 ? 576 GLU A HB3  1 
ATOM 989  H HG2  . GLU A 1 68  ? -0.136  8.913   8.814   1.00 2.09 ? 576 GLU A HG2  1 
ATOM 990  H HG3  . GLU A 1 68  ? 1.337   9.406   7.982   1.00 2.16 ? 576 GLU A HG3  1 
ATOM 991  N N    . TYR A 1 69  ? -0.467  6.328   4.485   1.00 0.46 ? 577 TYR A N    1 
ATOM 992  C CA   . TYR A 1 69  ? -0.026  5.918   3.120   1.00 0.52 ? 577 TYR A CA   1 
ATOM 993  C C    . TYR A 1 69  ? -1.148  6.149   2.113   1.00 0.42 ? 577 TYR A C    1 
ATOM 994  O O    . TYR A 1 69  ? -2.314  6.146   2.453   1.00 0.49 ? 577 TYR A O    1 
ATOM 995  C CB   . TYR A 1 69  ? 0.339   4.428   3.138   1.00 0.73 ? 577 TYR A CB   1 
ATOM 996  C CG   . TYR A 1 69  ? 1.533   4.197   4.041   1.00 0.71 ? 577 TYR A CG   1 
ATOM 997  C CD1  . TYR A 1 69  ? 2.306   5.281   4.476   1.00 1.50 ? 577 TYR A CD1  1 
ATOM 998  C CD2  . TYR A 1 69  ? 1.870   2.898   4.445   1.00 1.51 ? 577 TYR A CD2  1 
ATOM 999  C CE1  . TYR A 1 69  ? 3.412   5.069   5.304   1.00 1.94 ? 577 TYR A CE1  1 
ATOM 1000 C CE2  . TYR A 1 69  ? 2.975   2.690   5.271   1.00 1.96 ? 577 TYR A CE2  1 
ATOM 1001 C CZ   . TYR A 1 69  ? 3.747   3.774   5.700   1.00 1.89 ? 577 TYR A CZ   1 
ATOM 1002 O OH   . TYR A 1 69  ? 4.837   3.564   6.516   1.00 2.57 ? 577 TYR A OH   1 
ATOM 1003 H H    . TYR A 1 69  ? -1.238  5.894   4.901   1.00 0.51 ? 577 TYR A H    1 
ATOM 1004 H HA   . TYR A 1 69  ? 0.836   6.495   2.827   1.00 0.64 ? 577 TYR A HA   1 
ATOM 1005 H HB2  . TYR A 1 69  ? -0.501  3.856   3.502   1.00 1.18 ? 577 TYR A HB2  1 
ATOM 1006 H HB3  . TYR A 1 69  ? 0.585   4.108   2.136   1.00 1.13 ? 577 TYR A HB3  1 
ATOM 1007 H HD1  . TYR A 1 69  ? 2.055   6.278   4.169   1.00 2.21 ? 577 TYR A HD1  1 
ATOM 1008 H HD2  . TYR A 1 69  ? 1.277   2.055   4.124   1.00 2.21 ? 577 TYR A HD2  1 
ATOM 1009 H HE1  . TYR A 1 69  ? 4.008   5.906   5.636   1.00 2.73 ? 577 TYR A HE1  1 
ATOM 1010 H HE2  . TYR A 1 69  ? 3.241   1.694   5.568   1.00 2.78 ? 577 TYR A HE2  1 
ATOM 1011 H HH   . TYR A 1 69  ? 5.559   3.244   5.969   1.00 2.74 ? 577 TYR A HH   1 
ATOM 1012 N N    . LYS A 1 70  ? -0.802  6.344   0.870   1.00 0.41 ? 578 LYS A N    1 
ATOM 1013 C CA   . LYS A 1 70  ? -1.849  6.571   -0.159  1.00 0.44 ? 578 LYS A CA   1 
ATOM 1014 C C    . LYS A 1 70  ? -1.455  5.889   -1.471  1.00 0.36 ? 578 LYS A C    1 
ATOM 1015 O O    . LYS A 1 70  ? -0.344  5.414   -1.635  1.00 0.33 ? 578 LYS A O    1 
ATOM 1016 C CB   . LYS A 1 70  ? -2.027  8.066   -0.388  1.00 0.61 ? 578 LYS A CB   1 
ATOM 1017 C CG   . LYS A 1 70  ? -3.432  8.474   0.053   1.00 1.72 ? 578 LYS A CG   1 
ATOM 1018 C CD   . LYS A 1 70  ? -4.468  7.793   -0.842  1.00 2.67 ? 578 LYS A CD   1 
ATOM 1019 C CE   . LYS A 1 70  ? -5.868  8.268   -0.451  1.00 3.53 ? 578 LYS A CE   1 
ATOM 1020 N NZ   . LYS A 1 70  ? -6.018  9.708   -0.799  1.00 4.34 ? 578 LYS A NZ   1 
ATOM 1021 H H    . LYS A 1 70  ? 0.144   6.340   0.618   1.00 0.50 ? 578 LYS A H    1 
ATOM 1022 H HA   . LYS A 1 70  ? -2.783  6.153   0.189   1.00 0.54 ? 578 LYS A HA   1 
ATOM 1023 H HB2  . LYS A 1 70  ? -1.294  8.611   0.190   1.00 1.12 ? 578 LYS A HB2  1 
ATOM 1024 H HB3  . LYS A 1 70  ? -1.900  8.287   -1.436  1.00 1.08 ? 578 LYS A HB3  1 
ATOM 1025 H HG2  . LYS A 1 70  ? -3.588  8.170   1.078   1.00 2.12 ? 578 LYS A HG2  1 
ATOM 1026 H HG3  . LYS A 1 70  ? -3.538  9.544   -0.026  1.00 2.30 ? 578 LYS A HG3  1 
ATOM 1027 H HD2  . LYS A 1 70  ? -4.275  8.048   -1.874  1.00 3.09 ? 578 LYS A HD2  1 
ATOM 1028 H HD3  . LYS A 1 70  ? -4.405  6.724   -0.718  1.00 3.01 ? 578 LYS A HD3  1 
ATOM 1029 H HE2  . LYS A 1 70  ? -6.607  7.690   -0.984  1.00 3.81 ? 578 LYS A HE2  1 
ATOM 1030 H HE3  . LYS A 1 70  ? -6.007  8.139   0.614   1.00 3.82 ? 578 LYS A HE3  1 
ATOM 1031 H HZ1  . LYS A 1 70  ? -5.194  10.018  -1.353  1.00 4.65 ? 578 LYS A HZ1  1 
ATOM 1032 H HZ2  . LYS A 1 70  ? -6.883  9.842   -1.359  1.00 4.71 ? 578 LYS A HZ2  1 
ATOM 1033 H HZ3  . LYS A 1 70  ? -6.083  10.272  0.071   1.00 4.64 ? 578 LYS A HZ3  1 
ATOM 1034 N N    . PHE A 1 71  ? -2.375  5.812   -2.395  1.00 0.38 ? 579 PHE A N    1 
ATOM 1035 C CA   . PHE A 1 71  ? -2.092  5.131   -3.688  1.00 0.35 ? 579 PHE A CA   1 
ATOM 1036 C C    . PHE A 1 71  ? -1.566  6.120   -4.747  1.00 0.33 ? 579 PHE A C    1 
ATOM 1037 O O    . PHE A 1 71  ? -1.592  7.330   -4.576  1.00 0.39 ? 579 PHE A O    1 
ATOM 1038 C CB   . PHE A 1 71  ? -3.388  4.478   -4.184  1.00 0.42 ? 579 PHE A CB   1 
ATOM 1039 C CG   . PHE A 1 71  ? -4.136  5.434   -5.086  1.00 0.49 ? 579 PHE A CG   1 
ATOM 1040 C CD1  . PHE A 1 71  ? -3.804  5.520   -6.444  1.00 1.38 ? 579 PHE A CD1  1 
ATOM 1041 C CD2  . PHE A 1 71  ? -5.158  6.235   -4.564  1.00 1.26 ? 579 PHE A CD2  1 
ATOM 1042 C CE1  . PHE A 1 71  ? -4.495  6.406   -7.279  1.00 1.43 ? 579 PHE A CE1  1 
ATOM 1043 C CE2  . PHE A 1 71  ? -5.848  7.121   -5.398  1.00 1.29 ? 579 PHE A CE2  1 
ATOM 1044 C CZ   . PHE A 1 71  ? -5.517  7.206   -6.756  1.00 0.68 ? 579 PHE A CZ   1 
ATOM 1045 H H    . PHE A 1 71  ? -3.267  6.184   -2.225  1.00 0.44 ? 579 PHE A H    1 
ATOM 1046 H HA   . PHE A 1 71  ? -1.354  4.361   -3.527  1.00 0.34 ? 579 PHE A HA   1 
ATOM 1047 H HB2  . PHE A 1 71  ? -3.157  3.574   -4.722  1.00 0.41 ? 579 PHE A HB2  1 
ATOM 1048 H HB3  . PHE A 1 71  ? -4.009  4.235   -3.336  1.00 0.46 ? 579 PHE A HB3  1 
ATOM 1049 H HD1  . PHE A 1 71  ? -3.014  4.902   -6.847  1.00 2.26 ? 579 PHE A HD1  1 
ATOM 1050 H HD2  . PHE A 1 71  ? -5.414  6.169   -3.517  1.00 2.14 ? 579 PHE A HD2  1 
ATOM 1051 H HE1  . PHE A 1 71  ? -4.238  6.472   -8.326  1.00 2.33 ? 579 PHE A HE1  1 
ATOM 1052 H HE2  . PHE A 1 71  ? -6.638  7.739   -4.996  1.00 2.16 ? 579 PHE A HE2  1 
ATOM 1053 H HZ   . PHE A 1 71  ? -6.050  7.891   -7.401  1.00 0.77 ? 579 PHE A HZ   1 
ATOM 1054 N N    . ILE A 1 72  ? -1.095  5.579   -5.848  1.00 0.33 ? 580 ILE A N    1 
ATOM 1055 C CA   . ILE A 1 72  ? -0.556  6.410   -6.974  1.00 0.34 ? 580 ILE A CA   1 
ATOM 1056 C C    . ILE A 1 72  ? -0.885  5.701   -8.297  1.00 0.35 ? 580 ILE A C    1 
ATOM 1057 O O    . ILE A 1 72  ? -0.812  4.491   -8.395  1.00 0.38 ? 580 ILE A O    1 
ATOM 1058 C CB   . ILE A 1 72  ? 0.964   6.504   -6.857  1.00 0.33 ? 580 ILE A CB   1 
ATOM 1059 C CG1  . ILE A 1 72  ? 1.476   5.415   -5.924  1.00 0.33 ? 580 ILE A CG1  1 
ATOM 1060 C CG2  . ILE A 1 72  ? 1.375   7.867   -6.317  1.00 0.40 ? 580 ILE A CG2  1 
ATOM 1061 C CD1  . ILE A 1 72  ? 2.987   5.303   -6.088  1.00 0.41 ? 580 ILE A CD1  1 
ATOM 1062 H H    . ILE A 1 72  ? -1.098  4.600   -5.935  1.00 0.37 ? 580 ILE A H    1 
ATOM 1063 H HA   . ILE A 1 72  ? -0.983  7.411   -6.965  1.00 0.41 ? 580 ILE A HA   1 
ATOM 1064 H HB   . ILE A 1 72  ? 1.399   6.373   -7.836  1.00 0.33 ? 580 ILE A HB   1 
ATOM 1065 H HG12 . ILE A 1 72  ? 1.237   5.675   -4.902  1.00 0.40 ? 580 ILE A HG12 1 
ATOM 1066 H HG13 . ILE A 1 72  ? 1.014   4.471   -6.178  1.00 0.30 ? 580 ILE A HG13 1 
ATOM 1067 H HG21 . ILE A 1 72  ? 0.539   8.548   -6.377  1.00 1.09 ? 580 ILE A HG21 1 
ATOM 1068 H HG22 . ILE A 1 72  ? 1.692   7.778   -5.286  1.00 1.12 ? 580 ILE A HG22 1 
ATOM 1069 H HG23 . ILE A 1 72  ? 2.198   8.243   -6.916  1.00 1.06 ? 580 ILE A HG23 1 
ATOM 1070 H HD11 . ILE A 1 72  ? 3.233   5.360   -7.140  1.00 1.09 ? 580 ILE A HD11 1 
ATOM 1071 H HD12 . ILE A 1 72  ? 3.468   6.113   -5.563  1.00 1.09 ? 580 ILE A HD12 1 
ATOM 1072 H HD13 . ILE A 1 72  ? 3.327   4.359   -5.688  1.00 1.12 ? 580 ILE A HD13 1 
ATOM 1073 N N    . ARG A 1 73  ? -1.209  6.440   -9.317  1.00 0.43 ? 581 ARG A N    1 
ATOM 1074 C CA   . ARG A 1 73  ? -1.502  5.815   -10.644 1.00 0.52 ? 581 ARG A CA   1 
ATOM 1075 C C    . ARG A 1 73  ? -0.183  5.723   -11.399 1.00 0.47 ? 581 ARG A C    1 
ATOM 1076 O O    . ARG A 1 73  ? 0.255   6.683   -11.980 1.00 0.51 ? 581 ARG A O    1 
ATOM 1077 C CB   . ARG A 1 73  ? -2.468  6.709   -11.429 1.00 0.70 ? 581 ARG A CB   1 
ATOM 1078 C CG   . ARG A 1 73  ? -2.420  6.344   -12.918 1.00 1.62 ? 581 ARG A CG   1 
ATOM 1079 C CD   . ARG A 1 73  ? -3.232  7.363   -13.718 1.00 1.99 ? 581 ARG A CD   1 
ATOM 1080 N NE   . ARG A 1 73  ? -4.205  6.651   -14.592 1.00 2.43 ? 581 ARG A NE   1 
ATOM 1081 C CZ   . ARG A 1 73  ? -5.198  7.305   -15.129 1.00 2.81 ? 581 ARG A CZ   1 
ATOM 1082 N NH1  . ARG A 1 73  ? -5.875  8.161   -14.415 1.00 3.37 ? 581 ARG A NH1  1 
ATOM 1083 N NH2  . ARG A 1 73  ? -5.511  7.104   -16.380 1.00 3.17 ? 581 ARG A NH2  1 
ATOM 1084 H H    . ARG A 1 73  ? -1.231  7.412   -9.218  1.00 0.49 ? 581 ARG A H    1 
ATOM 1085 H HA   . ARG A 1 73  ? -1.925  4.831   -10.509 1.00 0.55 ? 581 ARG A HA   1 
ATOM 1086 H HB2  . ARG A 1 73  ? -3.473  6.572   -11.055 1.00 1.16 ? 581 ARG A HB2  1 
ATOM 1087 H HB3  . ARG A 1 73  ? -2.177  7.739   -11.308 1.00 1.00 ? 581 ARG A HB3  1 
ATOM 1088 H HG2  . ARG A 1 73  ? -1.395  6.353   -13.257 1.00 2.16 ? 581 ARG A HG2  1 
ATOM 1089 H HG3  . ARG A 1 73  ? -2.840  5.360   -13.063 1.00 2.22 ? 581 ARG A HG3  1 
ATOM 1090 H HD2  . ARG A 1 73  ? -3.766  8.010   -13.039 1.00 2.38 ? 581 ARG A HD2  1 
ATOM 1091 H HD3  . ARG A 1 73  ? -2.564  7.954   -14.328 1.00 2.39 ? 581 ARG A HD3  1 
ATOM 1092 H HE   . ARG A 1 73  ? -4.100  5.692   -14.763 1.00 2.85 ? 581 ARG A HE   1 
ATOM 1093 H HH11 . ARG A 1 73  ? -5.632  8.315   -13.457 1.00 3.64 ? 581 ARG A HH11 1 
ATOM 1094 H HH12 . ARG A 1 73  ? -6.635  8.663   -14.825 1.00 3.80 ? 581 ARG A HH12 1 
ATOM 1095 H HH21 . ARG A 1 73  ? -4.990  6.447   -16.926 1.00 3.31 ? 581 ARG A HH21 1 
ATOM 1096 H HH22 . ARG A 1 73  ? -6.272  7.604   -16.793 1.00 3.63 ? 581 ARG A HH22 1 
ATOM 1097 N N    . ILE A 1 74  ? 0.480   4.603   -11.375 1.00 0.45 ? 582 ILE A N    1 
ATOM 1098 C CA   . ILE A 1 74  ? 1.797   4.540   -12.063 1.00 0.46 ? 582 ILE A CA   1 
ATOM 1099 C C    . ILE A 1 74  ? 1.675   3.901   -13.442 1.00 0.54 ? 582 ILE A C    1 
ATOM 1100 O O    . ILE A 1 74  ? 1.263   2.768   -13.596 1.00 0.56 ? 582 ILE A O    1 
ATOM 1101 C CB   . ILE A 1 74  ? 2.788   3.757   -11.195 1.00 0.47 ? 582 ILE A CB   1 
ATOM 1102 C CG1  . ILE A 1 74  ? 2.970   4.485   -9.853  1.00 0.45 ? 582 ILE A CG1  1 
ATOM 1103 C CG2  . ILE A 1 74  ? 4.142   3.658   -11.909 1.00 0.54 ? 582 ILE A CG2  1 
ATOM 1104 C CD1  . ILE A 1 74  ? 1.625   4.575   -9.133  1.00 0.57 ? 582 ILE A CD1  1 
ATOM 1105 H H    . ILE A 1 74  ? 0.135   3.824   -10.887 1.00 0.48 ? 582 ILE A H    1 
ATOM 1106 H HA   . ILE A 1 74  ? 2.167   5.546   -12.185 1.00 0.46 ? 582 ILE A HA   1 
ATOM 1107 H HB   . ILE A 1 74  ? 2.402   2.765   -11.019 1.00 0.50 ? 582 ILE A HB   1 
ATOM 1108 H HG12 . ILE A 1 74  ? 3.669   3.937   -9.239  1.00 0.63 ? 582 ILE A HG12 1 
ATOM 1109 H HG13 . ILE A 1 74  ? 3.345   5.483   -10.022 1.00 0.58 ? 582 ILE A HG13 1 
ATOM 1110 H HG21 . ILE A 1 74  ? 3.985   3.555   -12.974 1.00 1.08 ? 582 ILE A HG21 1 
ATOM 1111 H HG22 . ILE A 1 74  ? 4.724   4.551   -11.719 1.00 1.14 ? 582 ILE A HG22 1 
ATOM 1112 H HG23 . ILE A 1 74  ? 4.675   2.796   -11.536 1.00 1.25 ? 582 ILE A HG23 1 
ATOM 1113 H HD11 . ILE A 1 74  ? 1.024   3.715   -9.382  1.00 1.16 ? 582 ILE A HD11 1 
ATOM 1114 H HD12 . ILE A 1 74  ? 1.788   4.607   -8.067  1.00 1.27 ? 582 ILE A HD12 1 
ATOM 1115 H HD13 . ILE A 1 74  ? 1.112   5.474   -9.445  1.00 1.17 ? 582 ILE A HD13 1 
ATOM 1116 N N    . GLU A 1 75  ? 2.059   4.641   -14.440 1.00 0.60 ? 583 GLU A N    1 
ATOM 1117 C CA   . GLU A 1 75  ? 2.018   4.146   -15.837 1.00 0.68 ? 583 GLU A CA   1 
ATOM 1118 C C    . GLU A 1 75  ? 3.124   3.115   -16.039 1.00 0.72 ? 583 GLU A C    1 
ATOM 1119 O O    . GLU A 1 75  ? 3.768   2.692   -15.101 1.00 0.70 ? 583 GLU A O    1 
ATOM 1120 C CB   . GLU A 1 75  ? 2.255   5.334   -16.771 1.00 0.70 ? 583 GLU A CB   1 
ATOM 1121 C CG   . GLU A 1 75  ? 0.927   5.785   -17.381 1.00 0.77 ? 583 GLU A CG   1 
ATOM 1122 C CD   . GLU A 1 75  ? 1.186   6.881   -18.416 1.00 1.43 ? 583 GLU A CD   1 
ATOM 1123 O OE1  . GLU A 1 75  ? 2.108   7.653   -18.214 1.00 2.12 ? 583 GLU A OE1  1 
ATOM 1124 O OE2  . GLU A 1 75  ? 0.456   6.930   -19.394 1.00 2.11 ? 583 GLU A OE2  1 
ATOM 1125 H H    . GLU A 1 75  ? 2.397   5.540   -14.264 1.00 0.59 ? 583 GLU A H    1 
ATOM 1126 H HA   . GLU A 1 75  ? 1.057   3.701   -16.048 1.00 0.73 ? 583 GLU A HA   1 
ATOM 1127 H HB2  . GLU A 1 75  ? 2.678   6.149   -16.200 1.00 0.65 ? 583 GLU A HB2  1 
ATOM 1128 H HB3  . GLU A 1 75  ? 2.944   5.056   -17.551 1.00 0.74 ? 583 GLU A HB3  1 
ATOM 1129 H HG2  . GLU A 1 75  ? 0.446   4.943   -17.858 1.00 1.24 ? 583 GLU A HG2  1 
ATOM 1130 H HG3  . GLU A 1 75  ? 0.285   6.172   -16.603 1.00 1.12 ? 583 GLU A HG3  1 
ATOM 1131 N N    . SER A 1 76  ? 3.373   2.727   -17.258 1.00 0.79 ? 584 SER A N    1 
ATOM 1132 C CA   . SER A 1 76  ? 4.464   1.748   -17.504 1.00 0.85 ? 584 SER A CA   1 
ATOM 1133 C C    . SER A 1 76  ? 5.776   2.374   -17.041 1.00 0.82 ? 584 SER A C    1 
ATOM 1134 O O    . SER A 1 76  ? 6.823   1.755   -17.056 1.00 0.88 ? 584 SER A O    1 
ATOM 1135 C CB   . SER A 1 76  ? 4.542   1.416   -18.994 1.00 0.94 ? 584 SER A CB   1 
ATOM 1136 O OG   . SER A 1 76  ? 3.303   0.867   -19.418 1.00 1.05 ? 584 SER A OG   1 
ATOM 1137 H H    . SER A 1 76  ? 2.859   3.092   -18.008 1.00 0.82 ? 584 SER A H    1 
ATOM 1138 H HA   . SER A 1 76  ? 4.276   0.856   -16.935 1.00 0.88 ? 584 SER A HA   1 
ATOM 1139 H HB2  . SER A 1 76  ? 4.744   2.313   -19.554 1.00 0.94 ? 584 SER A HB2  1 
ATOM 1140 H HB3  . SER A 1 76  ? 5.340   0.703   -19.161 1.00 1.07 ? 584 SER A HB3  1 
ATOM 1141 H HG   . SER A 1 76  ? 3.318   0.803   -20.376 1.00 1.39 ? 584 SER A HG   1 
ATOM 1142 N N    . ASP A 1 77  ? 5.708   3.602   -16.620 1.00 0.76 ? 585 ASP A N    1 
ATOM 1143 C CA   . ASP A 1 77  ? 6.919   4.310   -16.135 1.00 0.76 ? 585 ASP A CA   1 
ATOM 1144 C C    . ASP A 1 77  ? 6.610   4.951   -14.780 1.00 0.69 ? 585 ASP A C    1 
ATOM 1145 O O    . ASP A 1 77  ? 5.618   4.648   -14.148 1.00 0.64 ? 585 ASP A O    1 
ATOM 1146 C CB   . ASP A 1 77  ? 7.309   5.399   -17.140 1.00 0.79 ? 585 ASP A CB   1 
ATOM 1147 C CG   . ASP A 1 77  ? 6.045   6.040   -17.716 1.00 0.83 ? 585 ASP A CG   1 
ATOM 1148 O OD1  . ASP A 1 77  ? 5.509   5.497   -18.667 1.00 1.45 ? 585 ASP A OD1  1 
ATOM 1149 O OD2  . ASP A 1 77  ? 5.634   7.063   -17.194 1.00 1.32 ? 585 ASP A OD2  1 
ATOM 1150 H H    . ASP A 1 77  ? 4.849   4.060   -16.620 1.00 0.74 ? 585 ASP A H    1 
ATOM 1151 H HA   . ASP A 1 77  ? 7.733   3.610   -16.027 1.00 0.82 ? 585 ASP A HA   1 
ATOM 1152 H HB2  . ASP A 1 77  ? 7.903   6.151   -16.643 1.00 0.83 ? 585 ASP A HB2  1 
ATOM 1153 H HB3  . ASP A 1 77  ? 7.883   4.959   -17.942 1.00 0.84 ? 585 ASP A HB3  1 
ATOM 1154 N N    . ASP A 1 78  ? 7.463   5.819   -14.329 1.00 0.70 ? 586 ASP A N    1 
ATOM 1155 C CA   . ASP A 1 78  ? 7.250   6.479   -13.013 1.00 0.65 ? 586 ASP A CA   1 
ATOM 1156 C C    . ASP A 1 78  ? 6.255   7.633   -13.137 1.00 0.60 ? 586 ASP A C    1 
ATOM 1157 O O    . ASP A 1 78  ? 6.083   8.405   -12.215 1.00 0.59 ? 586 ASP A O    1 
ATOM 1158 C CB   . ASP A 1 78  ? 8.584   7.017   -12.493 1.00 0.74 ? 586 ASP A CB   1 
ATOM 1159 C CG   . ASP A 1 78  ? 9.189   7.968   -13.528 1.00 0.83 ? 586 ASP A CG   1 
ATOM 1160 O OD1  . ASP A 1 78  ? 9.846   7.485   -14.434 1.00 1.29 ? 586 ASP A OD1  1 
ATOM 1161 O OD2  . ASP A 1 78  ? 8.986   9.163   -13.393 1.00 1.48 ? 586 ASP A OD2  1 
ATOM 1162 H H    . ASP A 1 78  ? 8.252   6.029   -14.850 1.00 0.75 ? 586 ASP A H    1 
ATOM 1163 H HA   . ASP A 1 78  ? 6.861   5.756   -12.318 1.00 0.62 ? 586 ASP A HA   1 
ATOM 1164 H HB2  . ASP A 1 78  ? 8.421   7.546   -11.567 1.00 0.75 ? 586 ASP A HB2  1 
ATOM 1165 H HB3  . ASP A 1 78  ? 9.262   6.194   -12.322 1.00 0.81 ? 586 ASP A HB3  1 
ATOM 1166 N N    . SER A 1 79  ? 5.568   7.751   -14.241 1.00 0.61 ? 587 SER A N    1 
ATOM 1167 C CA   . SER A 1 79  ? 4.568   8.851   -14.346 1.00 0.61 ? 587 SER A CA   1 
ATOM 1168 C C    . SER A 1 79  ? 3.349   8.389   -13.570 1.00 0.55 ? 587 SER A C    1 
ATOM 1169 O O    . SER A 1 79  ? 2.940   7.255   -13.701 1.00 0.54 ? 587 SER A O    1 
ATOM 1170 C CB   . SER A 1 79  ? 4.190   9.092   -15.805 1.00 0.67 ? 587 SER A CB   1 
ATOM 1171 O OG   . SER A 1 79  ? 5.351   9.459   -16.538 1.00 1.24 ? 587 SER A OG   1 
ATOM 1172 H H    . SER A 1 79  ? 5.682   7.105   -14.975 1.00 0.63 ? 587 SER A H    1 
ATOM 1173 H HA   . SER A 1 79  ? 4.966   9.755   -13.907 1.00 0.64 ? 587 SER A HA   1 
ATOM 1174 H HB2  . SER A 1 79  ? 3.772   8.194   -16.225 1.00 0.95 ? 587 SER A HB2  1 
ATOM 1175 H HB3  . SER A 1 79  ? 3.454   9.885   -15.852 1.00 0.98 ? 587 SER A HB3  1 
ATOM 1176 H HG   . SER A 1 79  ? 5.080   10.042  -17.251 1.00 1.73 ? 587 SER A HG   1 
ATOM 1177 N N    . VAL A 1 80  ? 2.769   9.197   -12.731 1.00 0.55 ? 588 VAL A N    1 
ATOM 1178 C CA   . VAL A 1 80  ? 1.616   8.648   -11.977 1.00 0.52 ? 588 VAL A CA   1 
ATOM 1179 C C    . VAL A 1 80  ? 0.669   9.719   -11.461 1.00 0.59 ? 588 VAL A C    1 
ATOM 1180 O O    . VAL A 1 80  ? 0.853   10.910  -11.630 1.00 0.69 ? 588 VAL A O    1 
ATOM 1181 C CB   . VAL A 1 80  ? 2.131   7.877   -10.749 1.00 0.44 ? 588 VAL A CB   1 
ATOM 1182 C CG1  . VAL A 1 80  ? 3.528   7.360   -10.978 1.00 0.43 ? 588 VAL A CG1  1 
ATOM 1183 C CG2  . VAL A 1 80  ? 2.177   8.768   -9.528  1.00 0.46 ? 588 VAL A CG2  1 
ATOM 1184 H H    . VAL A 1 80  ? 3.099   10.108  -12.584 1.00 0.58 ? 588 VAL A H    1 
ATOM 1185 H HA   . VAL A 1 80  ? 1.074   7.971   -12.612 1.00 0.55 ? 588 VAL A HA   1 
ATOM 1186 H HB   . VAL A 1 80  ? 1.481   7.050   -10.541 1.00 0.44 ? 588 VAL A HB   1 
ATOM 1187 H HG11 . VAL A 1 80  ? 4.114   8.116   -11.470 1.00 1.12 ? 588 VAL A HG11 1 
ATOM 1188 H HG12 . VAL A 1 80  ? 3.966   7.139   -10.013 1.00 1.05 ? 588 VAL A HG12 1 
ATOM 1189 H HG13 . VAL A 1 80  ? 3.491   6.470   -11.580 1.00 1.10 ? 588 VAL A HG13 1 
ATOM 1190 H HG21 . VAL A 1 80  ? 2.556   9.741   -9.803  1.00 1.11 ? 588 VAL A HG21 1 
ATOM 1191 H HG22 . VAL A 1 80  ? 1.186   8.860   -9.123  1.00 1.14 ? 588 VAL A HG22 1 
ATOM 1192 H HG23 . VAL A 1 80  ? 2.828   8.310   -8.799  1.00 1.06 ? 588 VAL A HG23 1 
ATOM 1193 N N    . GLU A 1 81  ? -0.314  9.242   -10.758 1.00 0.58 ? 589 GLU A N    1 
ATOM 1194 C CA   . GLU A 1 81  ? -1.312  10.115  -10.092 1.00 0.67 ? 589 GLU A CA   1 
ATOM 1195 C C    . GLU A 1 81  ? -1.224  9.778   -8.637  1.00 0.55 ? 589 GLU A C    1 
ATOM 1196 O O    . GLU A 1 81  ? -0.444  8.934   -8.244  1.00 0.85 ? 589 GLU A O    1 
ATOM 1197 C CB   . GLU A 1 81  ? -2.724  9.872   -10.627 1.00 0.99 ? 589 GLU A CB   1 
ATOM 1198 C CG   . GLU A 1 81  ? -2.733  10.052  -12.144 1.00 1.34 ? 589 GLU A CG   1 
ATOM 1199 C CD   . GLU A 1 81  ? -4.167  10.280  -12.623 1.00 1.82 ? 589 GLU A CD   1 
ATOM 1200 O OE1  . GLU A 1 81  ? -5.077  9.939   -11.887 1.00 2.20 ? 589 GLU A OE1  1 
ATOM 1201 O OE2  . GLU A 1 81  ? -4.332  10.795  -13.718 1.00 2.44 ? 589 GLU A OE2  1 
ATOM 1202 H H    . GLU A 1 81  ? -0.358  8.273   -10.622 1.00 0.53 ? 589 GLU A H    1 
ATOM 1203 H HA   . GLU A 1 81  ? -1.034  11.151  -10.194 1.00 0.78 ? 589 GLU A HA   1 
ATOM 1204 H HB2  . GLU A 1 81  ? -3.036  8.869   -10.378 1.00 1.07 ? 589 GLU A HB2  1 
ATOM 1205 H HB3  . GLU A 1 81  ? -3.404  10.579  -10.178 1.00 1.12 ? 589 GLU A HB3  1 
ATOM 1206 H HG2  . GLU A 1 81  ? -2.124  10.906  -12.408 1.00 1.46 ? 589 GLU A HG2  1 
ATOM 1207 H HG3  . GLU A 1 81  ? -2.334  9.168   -12.616 1.00 1.55 ? 589 GLU A HG3  1 
ATOM 1208 N N    . TRP A 1 82  ? -1.892  10.476  -7.804  1.00 0.56 ? 590 TRP A N    1 
ATOM 1209 C CA   . TRP A 1 82  ? -1.658  10.204  -6.407  1.00 0.54 ? 590 TRP A CA   1 
ATOM 1210 C C    . TRP A 1 82  ? -2.858  10.400  -5.505  1.00 0.58 ? 590 TRP A C    1 
ATOM 1211 O O    . TRP A 1 82  ? -3.953  10.742  -5.901  1.00 0.75 ? 590 TRP A O    1 
ATOM 1212 C CB   . TRP A 1 82  ? -0.648  11.233  -6.022  1.00 0.86 ? 590 TRP A CB   1 
ATOM 1213 C CG   . TRP A 1 82  ? 0.735   10.727  -6.163  1.00 0.63 ? 590 TRP A CG   1 
ATOM 1214 C CD1  . TRP A 1 82  ? 1.340   10.423  -7.328  1.00 0.55 ? 590 TRP A CD1  1 
ATOM 1215 C CD2  . TRP A 1 82  ? 1.700   10.480  -5.114  1.00 0.56 ? 590 TRP A CD2  1 
ATOM 1216 N NE1  . TRP A 1 82  ? 2.640   10.047  -7.066  1.00 0.51 ? 590 TRP A NE1  1 
ATOM 1217 C CE2  . TRP A 1 82  ? 2.912   10.064  -5.706  1.00 0.52 ? 590 TRP A CE2  1 
ATOM 1218 C CE3  . TRP A 1 82  ? 1.638   10.590  -3.716  1.00 0.60 ? 590 TRP A CE3  1 
ATOM 1219 C CZ2  . TRP A 1 82  ? 4.034   9.773   -4.932  1.00 0.59 ? 590 TRP A CZ2  1 
ATOM 1220 C CZ3  . TRP A 1 82  ? 2.766   10.294  -2.933  1.00 0.58 ? 590 TRP A CZ3  1 
ATOM 1221 C CH2  . TRP A 1 82  ? 3.963   9.893   -3.543  1.00 0.60 ? 590 TRP A CH2  1 
ATOM 1222 H H    . TRP A 1 82  ? -2.444  11.225  -8.080  1.00 0.84 ? 590 TRP A H    1 
ATOM 1223 H HA   . TRP A 1 82  ? -1.232  9.228   -6.273  1.00 0.68 ? 590 TRP A HA   1 
ATOM 1224 H HB2  . TRP A 1 82  ? -0.768  12.093  -6.665  1.00 1.27 ? 590 TRP A HB2  1 
ATOM 1225 H HB3  . TRP A 1 82  ? -0.831  11.524  -5.038  1.00 1.23 ? 590 TRP A HB3  1 
ATOM 1226 H HD1  . TRP A 1 82  ? 0.881   10.471  -8.305  1.00 0.58 ? 590 TRP A HD1  1 
ATOM 1227 H HE1  . TRP A 1 82  ? 3.296   9.789   -7.744  1.00 0.53 ? 590 TRP A HE1  1 
ATOM 1228 H HE3  . TRP A 1 82  ? 0.707   10.878  -3.242  1.00 0.70 ? 590 TRP A HE3  1 
ATOM 1229 H HZ2  . TRP A 1 82  ? 4.954   9.467   -5.401  1.00 0.68 ? 590 TRP A HZ2  1 
ATOM 1230 H HZ3  . TRP A 1 82  ? 2.712   10.386  -1.859  1.00 0.62 ? 590 TRP A HZ3  1 
ATOM 1231 H HH2  . TRP A 1 82  ? 4.828   9.667   -2.936  1.00 0.68 ? 590 TRP A HH2  1 
ATOM 1232 N N    . GLU A 1 83  ? -2.575  10.202  -4.256  1.00 0.62 ? 591 GLU A N    1 
ATOM 1233 C CA   . GLU A 1 83  ? -3.568  10.373  -3.168  1.00 0.68 ? 591 GLU A CA   1 
ATOM 1234 C C    . GLU A 1 83  ? -4.488  11.545  -3.442  1.00 0.72 ? 591 GLU A C    1 
ATOM 1235 O O    . GLU A 1 83  ? -4.035  12.631  -3.746  1.00 0.70 ? 591 GLU A O    1 
ATOM 1236 C CB   . GLU A 1 83  ? -2.822  10.753  -1.884  1.00 0.74 ? 591 GLU A CB   1 
ATOM 1237 C CG   . GLU A 1 83  ? -1.674  11.703  -2.228  1.00 0.75 ? 591 GLU A CG   1 
ATOM 1238 C CD   . GLU A 1 83  ? -1.714  12.911  -1.291  1.00 1.12 ? 591 GLU A CD   1 
ATOM 1239 O OE1  . GLU A 1 83  ? -2.584  13.748  -1.470  1.00 1.67 ? 591 GLU A OE1  1 
ATOM 1240 O OE2  . GLU A 1 83  ? -0.875  12.979  -0.407  1.00 1.71 ? 591 GLU A OE2  1 
ATOM 1241 H H    . GLU A 1 83  ? -1.658  9.947   -4.026  1.00 0.73 ? 591 GLU A H    1 
ATOM 1242 H HA   . GLU A 1 83  ? -4.131  9.469   -3.014  1.00 0.78 ? 591 GLU A HA   1 
ATOM 1243 H HB2  . GLU A 1 83  ? -3.502  11.253  -1.219  1.00 0.83 ? 591 GLU A HB2  1 
ATOM 1244 H HB3  . GLU A 1 83  ? -2.430  9.893   -1.399  1.00 0.80 ? 591 GLU A HB3  1 
ATOM 1245 H HG2  . GLU A 1 83  ? -0.733  11.186  -2.111  1.00 0.94 ? 591 GLU A HG2  1 
ATOM 1246 H HG3  . GLU A 1 83  ? -1.778  12.038  -3.249  1.00 0.94 ? 591 GLU A HG3  1 
ATOM 1247 N N    . SER A 1 84  ? -5.753  11.389  -3.211  1.00 0.94 ? 592 SER A N    1 
ATOM 1248 C CA   . SER A 1 84  ? -6.620  12.574  -3.328  1.00 1.14 ? 592 SER A CA   1 
ATOM 1249 C C    . SER A 1 84  ? -6.134  13.440  -2.177  1.00 1.30 ? 592 SER A C    1 
ATOM 1250 O O    . SER A 1 84  ? -4.947  13.536  -1.941  1.00 1.75 ? 592 SER A O    1 
ATOM 1251 C CB   . SER A 1 84  ? -8.088  12.188  -3.130  1.00 1.51 ? 592 SER A CB   1 
ATOM 1252 O OG   . SER A 1 84  ? -8.917  13.227  -3.636  1.00 1.83 ? 592 SER A OG   1 
ATOM 1253 H H    . SER A 1 84  ? -6.104  10.540  -2.873  1.00 1.05 ? 592 SER A H    1 
ATOM 1254 H HA   . SER A 1 84  ? -6.468  13.075  -4.270  1.00 1.01 ? 592 SER A HA   1 
ATOM 1255 H HB2  . SER A 1 84  ? -8.298  11.277  -3.664  1.00 1.52 ? 592 SER A HB2  1 
ATOM 1256 H HB3  . SER A 1 84  ? -8.282  12.040  -2.077  1.00 1.63 ? 592 SER A HB3  1 
ATOM 1257 H HG   . SER A 1 84  ? -9.562  12.831  -4.228  1.00 1.96 ? 592 SER A HG   1 
ATOM 1258 N N    . ASP A 1 85  ? -6.985  14.024  -1.413  1.00 1.49 ? 593 ASP A N    1 
ATOM 1259 C CA   . ASP A 1 85  ? -6.452  14.795  -0.266  1.00 1.70 ? 593 ASP A CA   1 
ATOM 1260 C C    . ASP A 1 85  ? -6.376  13.908  0.968   1.00 1.22 ? 593 ASP A C    1 
ATOM 1261 O O    . ASP A 1 85  ? -5.340  13.819  1.597   1.00 1.61 ? 593 ASP A O    1 
ATOM 1262 C CB   . ASP A 1 85  ? -7.332  15.980  0.067   1.00 2.61 ? 593 ASP A CB   1 
ATOM 1263 C CG   . ASP A 1 85  ? -6.855  17.218  -0.694  1.00 3.66 ? 593 ASP A CG   1 
ATOM 1264 O OD1  . ASP A 1 85  ? -5.801  17.144  -1.302  1.00 4.29 ? 593 ASP A OD1  1 
ATOM 1265 O OD2  . ASP A 1 85  ? -7.552  18.218  -0.655  1.00 4.12 ? 593 ASP A OD2  1 
ATOM 1266 H H    . ASP A 1 85  ? -7.946  13.929  -1.561  1.00 1.82 ? 593 ASP A H    1 
ATOM 1267 H HA   . ASP A 1 85  ? -5.452  15.130  -0.508  1.00 1.99 ? 593 ASP A HA   1 
ATOM 1268 H HB2  . ASP A 1 85  ? -8.353  15.755  -0.204  1.00 2.79 ? 593 ASP A HB2  1 
ATOM 1269 H HB3  . ASP A 1 85  ? -7.270  16.154  1.131   1.00 2.63 ? 593 ASP A HB3  1 
ATOM 1270 N N    . PRO A 1 86  ? -7.478  13.292  1.297   1.00 1.01 ? 594 PRO A N    1 
ATOM 1271 C CA   . PRO A 1 86  ? -7.549  12.430  2.471   1.00 1.47 ? 594 PRO A CA   1 
ATOM 1272 C C    . PRO A 1 86  ? -6.813  11.133  2.205   1.00 1.44 ? 594 PRO A C    1 
ATOM 1273 O O    . PRO A 1 86  ? -7.362  10.166  1.716   1.00 2.10 ? 594 PRO A O    1 
ATOM 1274 C CB   . PRO A 1 86  ? -9.037  12.198  2.678   1.00 1.94 ? 594 PRO A CB   1 
ATOM 1275 C CG   . PRO A 1 86  ? -9.714  12.481  1.319   1.00 1.79 ? 594 PRO A CG   1 
ATOM 1276 C CD   . PRO A 1 86  ? -8.738  13.376  0.529   1.00 1.24 ? 594 PRO A CD   1 
ATOM 1277 H HA   . PRO A 1 86  ? -7.133  12.930  3.329   1.00 1.84 ? 594 PRO A HA   1 
ATOM 1278 H HB2  . PRO A 1 86  ? -9.201  11.173  2.979   1.00 2.41 ? 594 PRO A HB2  1 
ATOM 1279 H HB3  . PRO A 1 86  ? -9.414  12.872  3.426   1.00 2.17 ? 594 PRO A HB3  1 
ATOM 1280 H HG2  . PRO A 1 86  ? -9.884  11.552  0.789   1.00 2.17 ? 594 PRO A HG2  1 
ATOM 1281 H HG3  . PRO A 1 86  ? -10.646 13.002  1.468   1.00 2.00 ? 594 PRO A HG3  1 
ATOM 1282 H HD2  . PRO A 1 86  ? -8.604  12.988  -0.469  1.00 1.55 ? 594 PRO A HD2  1 
ATOM 1283 H HD3  . PRO A 1 86  ? -9.094  14.391  0.503   1.00 1.23 ? 594 PRO A HD3  1 
ATOM 1284 N N    . ASN A 1 87  ? -5.564  11.126  2.525   1.00 0.82 ? 595 ASN A N    1 
ATOM 1285 C CA   . ASN A 1 87  ? -4.747  9.895   2.296   1.00 0.79 ? 595 ASN A CA   1 
ATOM 1286 C C    . ASN A 1 87  ? -5.257  8.785   3.215   1.00 0.73 ? 595 ASN A C    1 
ATOM 1287 O O    . ASN A 1 87  ? -6.331  8.878   3.774   1.00 1.01 ? 595 ASN A O    1 
ATOM 1288 C CB   . ASN A 1 87  ? -3.267  10.150  2.618   1.00 0.80 ? 595 ASN A CB   1 
ATOM 1289 C CG   . ASN A 1 87  ? -2.836  11.531  2.125   1.00 0.92 ? 595 ASN A CG   1 
ATOM 1290 O OD1  . ASN A 1 87  ? -3.626  12.266  1.566   1.00 1.31 ? 595 ASN A OD1  1 
ATOM 1291 N ND2  . ASN A 1 87  ? -1.599  11.916  2.309   1.00 0.85 ? 595 ASN A ND2  1 
ATOM 1292 H H    . ASN A 1 87  ? -5.170  11.940  2.905   1.00 0.69 ? 595 ASN A H    1 
ATOM 1293 H HA   . ASN A 1 87  ? -4.845  9.585   1.267   1.00 0.90 ? 595 ASN A HA   1 
ATOM 1294 H HB2  . ASN A 1 87  ? -3.117  10.088  3.685   1.00 0.76 ? 595 ASN A HB2  1 
ATOM 1295 H HB3  . ASN A 1 87  ? -2.664  9.398   2.132   1.00 0.88 ? 595 ASN A HB3  1 
ATOM 1296 H HD21 . ASN A 1 87  ? -0.960  11.319  2.760   1.00 0.91 ? 595 ASN A HD21 1 
ATOM 1297 H HD22 . ASN A 1 87  ? -1.310  12.800  2.000   1.00 0.94 ? 595 ASN A HD22 1 
ATOM 1298 N N    . ARG A 1 88  ? -4.501  7.735   3.377   1.00 0.56 ? 596 ARG A N    1 
ATOM 1299 C CA   . ARG A 1 88  ? -4.954  6.627   4.260   1.00 0.57 ? 596 ARG A CA   1 
ATOM 1300 C C    . ARG A 1 88  ? -3.991  6.509   5.436   1.00 0.51 ? 596 ARG A C    1 
ATOM 1301 O O    . ARG A 1 88  ? -2.944  7.124   5.454   1.00 0.72 ? 596 ARG A O    1 
ATOM 1302 C CB   . ARG A 1 88  ? -4.968  5.314   3.474   1.00 0.68 ? 596 ARG A CB   1 
ATOM 1303 C CG   . ARG A 1 88  ? -5.913  5.446   2.276   1.00 0.88 ? 596 ARG A CG   1 
ATOM 1304 C CD   . ARG A 1 88  ? -7.237  4.746   2.591   1.00 1.45 ? 596 ARG A CD   1 
ATOM 1305 N NE   . ARG A 1 88  ? -8.352  5.731   2.510   1.00 1.98 ? 596 ARG A NE   1 
ATOM 1306 C CZ   . ARG A 1 88  ? -9.547  5.400   2.918   1.00 2.32 ? 596 ARG A CZ   1 
ATOM 1307 N NH1  . ARG A 1 88  ? -9.742  5.062   4.163   1.00 2.88 ? 596 ARG A NH1  1 
ATOM 1308 N NH2  . ARG A 1 88  ? -10.546 5.405   2.079   1.00 2.79 ? 596 ARG A NH2  1 
ATOM 1309 H H    . ARG A 1 88  ? -3.633  7.674   2.921   1.00 0.64 ? 596 ARG A H    1 
ATOM 1310 H HA   . ARG A 1 88  ? -5.946  6.842   4.626   1.00 0.64 ? 596 ARG A HA   1 
ATOM 1311 H HB2  . ARG A 1 88  ? -3.971  5.092   3.124   1.00 0.78 ? 596 ARG A HB2  1 
ATOM 1312 H HB3  . ARG A 1 88  ? -5.310  4.516   4.114   1.00 0.80 ? 596 ARG A HB3  1 
ATOM 1313 H HG2  . ARG A 1 88  ? -6.095  6.491   2.075   1.00 1.25 ? 596 ARG A HG2  1 
ATOM 1314 H HG3  . ARG A 1 88  ? -5.462  4.984   1.411   1.00 1.39 ? 596 ARG A HG3  1 
ATOM 1315 H HD2  . ARG A 1 88  ? -7.403  3.954   1.875   1.00 1.98 ? 596 ARG A HD2  1 
ATOM 1316 H HD3  . ARG A 1 88  ? -7.196  4.328   3.587   1.00 1.93 ? 596 ARG A HD3  1 
ATOM 1317 H HE   . ARG A 1 88  ? -8.189  6.628   2.151   1.00 2.53 ? 596 ARG A HE   1 
ATOM 1318 H HH11 . ARG A 1 88  ? -8.976  5.058   4.806   1.00 3.16 ? 596 ARG A HH11 1 
ATOM 1319 H HH12 . ARG A 1 88  ? -10.658 4.809   4.475   1.00 3.38 ? 596 ARG A HH12 1 
ATOM 1320 H HH21 . ARG A 1 88  ? -10.397 5.664   1.125   1.00 3.05 ? 596 ARG A HH21 1 
ATOM 1321 H HH22 . ARG A 1 88  ? -11.462 5.151   2.391   1.00 3.26 ? 596 ARG A HH22 1 
ATOM 1322 N N    . GLU A 1 89  ? -4.330  5.729   6.421   1.00 0.52 ? 597 GLU A N    1 
ATOM 1323 C CA   . GLU A 1 89  ? -3.423  5.591   7.588   1.00 0.49 ? 597 GLU A CA   1 
ATOM 1324 C C    . GLU A 1 89  ? -3.496  4.168   8.137   1.00 0.46 ? 597 GLU A C    1 
ATOM 1325 O O    . GLU A 1 89  ? -4.456  3.455   7.922   1.00 0.52 ? 597 GLU A O    1 
ATOM 1326 C CB   . GLU A 1 89  ? -3.842  6.578   8.679   1.00 0.56 ? 597 GLU A CB   1 
ATOM 1327 C CG   . GLU A 1 89  ? -5.201  6.164   9.247   1.00 0.58 ? 597 GLU A CG   1 
ATOM 1328 C CD   . GLU A 1 89  ? -5.877  7.376   9.888   1.00 0.87 ? 597 GLU A CD   1 
ATOM 1329 O OE1  . GLU A 1 89  ? -5.193  8.360   10.114  1.00 1.47 ? 597 GLU A OE1  1 
ATOM 1330 O OE2  . GLU A 1 89  ? -7.068  7.301   10.140  1.00 1.46 ? 597 GLU A OE2  1 
ATOM 1331 H H    . GLU A 1 89  ? -5.180  5.241   6.396   1.00 0.72 ? 597 GLU A H    1 
ATOM 1332 H HA   . GLU A 1 89  ? -2.411  5.803   7.280   1.00 0.51 ? 597 GLU A HA   1 
ATOM 1333 H HB2  . GLU A 1 89  ? -3.105  6.577   9.469   1.00 0.58 ? 597 GLU A HB2  1 
ATOM 1334 H HB3  . GLU A 1 89  ? -3.917  7.569   8.258   1.00 0.67 ? 597 GLU A HB3  1 
ATOM 1335 H HG2  . GLU A 1 89  ? -5.822  5.783   8.449   1.00 0.71 ? 597 GLU A HG2  1 
ATOM 1336 H HG3  . GLU A 1 89  ? -5.060  5.397   9.993   1.00 0.62 ? 597 GLU A HG3  1 
ATOM 1337 N N    . TYR A 1 90  ? -2.494  3.760   8.859   1.00 0.48 ? 598 TYR A N    1 
ATOM 1338 C CA   . TYR A 1 90  ? -2.502  2.395   9.441   1.00 0.48 ? 598 TYR A CA   1 
ATOM 1339 C C    . TYR A 1 90  ? -1.830  2.424   10.805  1.00 0.49 ? 598 TYR A C    1 
ATOM 1340 O O    . TYR A 1 90  ? -0.901  3.172   11.030  1.00 0.50 ? 598 TYR A O    1 
ATOM 1341 C CB   . TYR A 1 90  ? -1.745  1.420   8.560   1.00 0.50 ? 598 TYR A CB   1 
ATOM 1342 C CG   . TYR A 1 90  ? -1.949  0.038   9.121   1.00 0.50 ? 598 TYR A CG   1 
ATOM 1343 C CD1  . TYR A 1 90  ? -3.178  -0.619  8.967   1.00 1.29 ? 598 TYR A CD1  1 
ATOM 1344 C CD2  . TYR A 1 90  ? -0.912  -0.577  9.829   1.00 1.32 ? 598 TYR A CD2  1 
ATOM 1345 C CE1  . TYR A 1 90  ? -3.360  -1.887  9.516   1.00 1.28 ? 598 TYR A CE1  1 
ATOM 1346 C CE2  . TYR A 1 90  ? -1.102  -1.845  10.382  1.00 1.35 ? 598 TYR A CE2  1 
ATOM 1347 C CZ   . TYR A 1 90  ? -2.324  -2.501  10.227  1.00 0.55 ? 598 TYR A CZ   1 
ATOM 1348 O OH   . TYR A 1 90  ? -2.513  -3.751  10.776  1.00 0.60 ? 598 TYR A OH   1 
ATOM 1349 H H    . TYR A 1 90  ? -1.737  4.359   9.032   1.00 0.57 ? 598 TYR A H    1 
ATOM 1350 H HA   . TYR A 1 90  ? -3.511  2.057   9.548   1.00 0.48 ? 598 TYR A HA   1 
ATOM 1351 H HB2  . TYR A 1 90  ? -2.104  1.474   7.545   1.00 0.52 ? 598 TYR A HB2  1 
ATOM 1352 H HB3  . TYR A 1 90  ? -0.706  1.660   8.586   1.00 0.53 ? 598 TYR A HB3  1 
ATOM 1353 H HD1  . TYR A 1 90  ? -3.985  -0.157  8.417   1.00 2.18 ? 598 TYR A HD1  1 
ATOM 1354 H HD2  . TYR A 1 90  ? 0.033   -0.071  9.949   1.00 2.20 ? 598 TYR A HD2  1 
ATOM 1355 H HE1  . TYR A 1 90  ? -4.302  -2.394  9.392   1.00 2.15 ? 598 TYR A HE1  1 
ATOM 1356 H HE2  . TYR A 1 90  ? -0.301  -2.321  10.924  1.00 2.24 ? 598 TYR A HE2  1 
ATOM 1357 H HH   . TYR A 1 90  ? -2.786  -3.635  11.689  1.00 0.84 ? 598 TYR A HH   1 
ATOM 1358 N N    . THR A 1 91  ? -2.277  1.607   11.713  1.00 0.54 ? 599 THR A N    1 
ATOM 1359 C CA   . THR A 1 91  ? -1.644  1.588   13.055  1.00 0.59 ? 599 THR A CA   1 
ATOM 1360 C C    . THR A 1 91  ? -0.894  0.284   13.263  1.00 0.64 ? 599 THR A C    1 
ATOM 1361 O O    . THR A 1 91  ? -1.477  -0.756  13.497  1.00 0.68 ? 599 THR A O    1 
ATOM 1362 C CB   . THR A 1 91  ? -2.704  1.758   14.137  1.00 0.63 ? 599 THR A CB   1 
ATOM 1363 O OG1  . THR A 1 91  ? -3.949  1.254   13.675  1.00 0.63 ? 599 THR A OG1  1 
ATOM 1364 C CG2  . THR A 1 91  ? -2.816  3.241   14.471  1.00 0.62 ? 599 THR A CG2  1 
ATOM 1365 H H    . THR A 1 91  ? -3.020  1.002   11.508  1.00 0.58 ? 599 THR A H    1 
ATOM 1366 H HA   . THR A 1 91  ? -0.945  2.406   13.121  1.00 0.59 ? 599 THR A HA   1 
ATOM 1367 H HB   . THR A 1 91  ? -2.404  1.219   15.022  1.00 0.68 ? 599 THR A HB   1 
ATOM 1368 H HG1  . THR A 1 91  ? -4.560  1.250   14.415  1.00 1.04 ? 599 THR A HG1  1 
ATOM 1369 H HG21 . THR A 1 91  ? -1.870  3.720   14.253  1.00 1.20 ? 599 THR A HG21 1 
ATOM 1370 H HG22 . THR A 1 91  ? -3.595  3.687   13.871  1.00 1.20 ? 599 THR A HG22 1 
ATOM 1371 H HG23 . THR A 1 91  ? -3.049  3.359   15.517  1.00 1.17 ? 599 THR A HG23 1 
ATOM 1372 N N    . VAL A 1 92  ? 0.401   0.339   13.192  1.00 0.67 ? 600 VAL A N    1 
ATOM 1373 C CA   . VAL A 1 92  ? 1.206   -0.893  13.403  1.00 0.73 ? 600 VAL A CA   1 
ATOM 1374 C C    . VAL A 1 92  ? 1.095   -1.283  14.874  1.00 0.78 ? 600 VAL A C    1 
ATOM 1375 O O    . VAL A 1 92  ? 1.530   -0.542  15.736  1.00 0.83 ? 600 VAL A O    1 
ATOM 1376 C CB   . VAL A 1 92  ? 2.676   -0.639  13.055  1.00 0.75 ? 600 VAL A CB   1 
ATOM 1377 C CG1  . VAL A 1 92  ? 3.556   -1.730  13.661  1.00 0.83 ? 600 VAL A CG1  1 
ATOM 1378 C CG2  . VAL A 1 92  ? 2.862   -0.668  11.547  1.00 0.71 ? 600 VAL A CG2  1 
ATOM 1379 H H    . VAL A 1 92  ? 0.841   1.195   13.018  1.00 0.67 ? 600 VAL A H    1 
ATOM 1380 H HA   . VAL A 1 92  ? 0.819   -1.684  12.781  1.00 0.75 ? 600 VAL A HA   1 
ATOM 1381 H HB   . VAL A 1 92  ? 2.976   0.325   13.438  1.00 0.76 ? 600 VAL A HB   1 
ATOM 1382 H HG11 . VAL A 1 92  ? 3.181   -2.000  14.634  1.00 1.25 ? 600 VAL A HG11 1 
ATOM 1383 H HG12 . VAL A 1 92  ? 3.548   -2.600  13.014  1.00 1.25 ? 600 VAL A HG12 1 
ATOM 1384 H HG13 . VAL A 1 92  ? 4.565   -1.360  13.751  1.00 1.45 ? 600 VAL A HG13 1 
ATOM 1385 H HG21 . VAL A 1 92  ? 1.966   -0.308  11.066  1.00 1.27 ? 600 VAL A HG21 1 
ATOM 1386 H HG22 . VAL A 1 92  ? 3.699   -0.039  11.283  1.00 1.23 ? 600 VAL A HG22 1 
ATOM 1387 H HG23 . VAL A 1 92  ? 3.061   -1.688  11.235  1.00 1.23 ? 600 VAL A HG23 1 
ATOM 1388 N N    . PRO A 1 93  ? 0.509   -2.427  15.113  1.00 0.82 ? 601 PRO A N    1 
ATOM 1389 C CA   . PRO A 1 93  ? 0.314   -2.955  16.475  1.00 0.89 ? 601 PRO A CA   1 
ATOM 1390 C C    . PRO A 1 93  ? 1.620   -3.546  17.016  1.00 0.90 ? 601 PRO A C    1 
ATOM 1391 O O    . PRO A 1 93  ? 2.608   -3.637  16.316  1.00 1.22 ? 601 PRO A O    1 
ATOM 1392 C CB   . PRO A 1 93  ? -0.741  -4.049  16.289  1.00 0.96 ? 601 PRO A CB   1 
ATOM 1393 C CG   . PRO A 1 93  ? -0.669  -4.471  14.802  1.00 0.94 ? 601 PRO A CG   1 
ATOM 1394 C CD   . PRO A 1 93  ? -0.017  -3.299  14.044  1.00 0.84 ? 601 PRO A CD   1 
ATOM 1395 H HA   . PRO A 1 93  ? -0.063  -2.188  17.134  1.00 0.95 ? 601 PRO A HA   1 
ATOM 1396 H HB2  . PRO A 1 93  ? -0.518  -4.891  16.929  1.00 1.00 ? 601 PRO A HB2  1 
ATOM 1397 H HB3  . PRO A 1 93  ? -1.723  -3.661  16.510  1.00 1.03 ? 601 PRO A HB3  1 
ATOM 1398 H HG2  . PRO A 1 93  ? -0.067  -5.364  14.699  1.00 0.95 ? 601 PRO A HG2  1 
ATOM 1399 H HG3  . PRO A 1 93  ? -1.661  -4.645  14.416  1.00 1.04 ? 601 PRO A HG3  1 
ATOM 1400 H HD2  . PRO A 1 93  ? 0.785   -3.655  13.411  1.00 0.81 ? 601 PRO A HD2  1 
ATOM 1401 H HD3  . PRO A 1 93  ? -0.754  -2.770  13.461  1.00 0.89 ? 601 PRO A HD3  1 
ATOM 1402 N N    . GLN A 1 94  ? 1.628   -3.948  18.258  1.00 1.06 ? 602 GLN A N    1 
ATOM 1403 C CA   . GLN A 1 94  ? 2.865   -4.534  18.846  1.00 1.18 ? 602 GLN A CA   1 
ATOM 1404 C C    . GLN A 1 94  ? 2.637   -6.020  19.125  1.00 1.35 ? 602 GLN A C    1 
ATOM 1405 O O    . GLN A 1 94  ? 2.712   -6.470  20.250  1.00 1.96 ? 602 GLN A O    1 
ATOM 1406 C CB   . GLN A 1 94  ? 3.200   -3.814  20.154  1.00 1.63 ? 602 GLN A CB   1 
ATOM 1407 C CG   . GLN A 1 94  ? 3.015   -2.307  19.970  1.00 2.32 ? 602 GLN A CG   1 
ATOM 1408 C CD   . GLN A 1 94  ? 3.280   -1.595  21.297  1.00 2.76 ? 602 GLN A CD   1 
ATOM 1409 O OE1  . GLN A 1 94  ? 3.450   -2.231  22.318  1.00 3.32 ? 602 GLN A OE1  1 
ATOM 1410 N NE2  . GLN A 1 94  ? 3.324   -0.291  21.326  1.00 3.09 ? 602 GLN A NE2  1 
ATOM 1411 H H    . GLN A 1 94  ? 0.818   -3.865  18.803  1.00 1.36 ? 602 GLN A H    1 
ATOM 1412 H HA   . GLN A 1 94  ? 3.683   -4.420  18.151  1.00 1.20 ? 602 GLN A HA   1 
ATOM 1413 H HB2  . GLN A 1 94  ? 2.543   -4.166  20.936  1.00 2.09 ? 602 GLN A HB2  1 
ATOM 1414 H HB3  . GLN A 1 94  ? 4.225   -4.017  20.425  1.00 1.91 ? 602 GLN A HB3  1 
ATOM 1415 H HG2  . GLN A 1 94  ? 3.706   -1.948  19.221  1.00 2.77 ? 602 GLN A HG2  1 
ATOM 1416 H HG3  . GLN A 1 94  ? 2.003   -2.105  19.653  1.00 2.83 ? 602 GLN A HG3  1 
ATOM 1417 H HE21 . GLN A 1 94  ? 3.187   0.221   20.503  1.00 3.18 ? 602 GLN A HE21 1 
ATOM 1418 H HE22 . GLN A 1 94  ? 3.493   0.174   22.171  1.00 3.55 ? 602 GLN A HE22 1 
ATOM 1419 N N    . ALA A 1 95  ? 2.354   -6.787  18.108  1.00 1.50 ? 603 ALA A N    1 
ATOM 1420 C CA   . ALA A 1 95  ? 2.119   -8.243  18.316  1.00 1.93 ? 603 ALA A CA   1 
ATOM 1421 C C    . ALA A 1 95  ? 3.329   -9.034  17.821  1.00 1.85 ? 603 ALA A C    1 
ATOM 1422 O O    . ALA A 1 95  ? 3.822   -8.817  16.730  1.00 2.33 ? 603 ALA A O    1 
ATOM 1423 C CB   . ALA A 1 95  ? 0.874   -8.674  17.536  1.00 2.88 ? 603 ALA A CB   1 
ATOM 1424 H H    . ALA A 1 95  ? 2.295   -6.406  17.207  1.00 1.76 ? 603 ALA A H    1 
ATOM 1425 H HA   . ALA A 1 95  ? 1.969   -8.437  19.368  1.00 2.27 ? 603 ALA A HA   1 
ATOM 1426 H HB1  . ALA A 1 95  ? 1.002   -8.436  16.492  1.00 3.33 ? 603 ALA A HB1  1 
ATOM 1427 H HB2  . ALA A 1 95  ? 0.729   -9.739  17.648  1.00 3.25 ? 603 ALA A HB2  1 
ATOM 1428 H HB3  . ALA A 1 95  ? 0.010   -8.151  17.921  1.00 3.34 ? 603 ALA A HB3  1 
ATOM 1429 N N    . CYS A 1 96  ? 3.814   -9.951  18.611  1.00 2.08 ? 604 CYS A N    1 
ATOM 1430 C CA   . CYS A 1 96  ? 4.993   -10.757 18.185  1.00 2.56 ? 604 CYS A CA   1 
ATOM 1431 C C    . CYS A 1 96  ? 4.510   -12.041 17.507  1.00 2.60 ? 604 CYS A C    1 
ATOM 1432 O O    . CYS A 1 96  ? 3.694   -12.765 18.040  1.00 3.06 ? 604 CYS A O    1 
ATOM 1433 C CB   . CYS A 1 96  ? 5.837   -11.112 19.410  1.00 3.04 ? 604 CYS A CB   1 
ATOM 1434 S SG   . CYS A 1 96  ? 7.583   -10.790 19.053  1.00 3.97 ? 604 CYS A SG   1 
ATOM 1435 H H    . CYS A 1 96  ? 3.403   -10.112 19.485  1.00 2.41 ? 604 CYS A H    1 
ATOM 1436 H HA   . CYS A 1 96  ? 5.588   -10.185 17.490  1.00 3.02 ? 604 CYS A HA   1 
ATOM 1437 H HB2  . CYS A 1 96  ? 5.525   -10.510 20.250  1.00 3.13 ? 604 CYS A HB2  1 
ATOM 1438 H HB3  . CYS A 1 96  ? 5.706   -12.158 19.647  1.00 3.22 ? 604 CYS A HB3  1 
ATOM 1439 N N    . GLY A 1 97  ? 5.007   -12.328 16.335  1.00 2.60 ? 605 GLY A N    1 
ATOM 1440 C CA   . GLY A 1 97  ? 4.573   -13.563 15.625  1.00 2.90 ? 605 GLY A CA   1 
ATOM 1441 C C    . GLY A 1 97  ? 3.584   -13.188 14.519  1.00 2.48 ? 605 GLY A C    1 
ATOM 1442 O O    . GLY A 1 97  ? 3.864   -13.340 13.346  1.00 2.79 ? 605 GLY A O    1 
ATOM 1443 H H    . GLY A 1 97  ? 5.663   -11.728 15.922  1.00 2.71 ? 605 GLY A H    1 
ATOM 1444 H HA2  . GLY A 1 97  ? 5.434   -14.051 15.192  1.00 3.40 ? 605 GLY A HA2  1 
ATOM 1445 H HA3  . GLY A 1 97  ? 4.091   -14.231 16.322  1.00 3.17 ? 605 GLY A HA3  1 
ATOM 1446 N N    . THR A 1 98  ? 2.432   -12.696 14.883  1.00 2.10 ? 606 THR A N    1 
ATOM 1447 C CA   . THR A 1 98  ? 1.429   -12.308 13.851  1.00 1.98 ? 606 THR A CA   1 
ATOM 1448 C C    . THR A 1 98  ? 1.727   -10.888 13.367  1.00 1.47 ? 606 THR A C    1 
ATOM 1449 O O    . THR A 1 98  ? 1.031   -9.949  13.701  1.00 1.95 ? 606 THR A O    1 
ATOM 1450 C CB   . THR A 1 98  ? 0.025   -12.358 14.457  1.00 2.47 ? 606 THR A CB   1 
ATOM 1451 O OG1  . THR A 1 98  ? -0.910  -11.837 13.524  1.00 2.73 ? 606 THR A OG1  1 
ATOM 1452 C CG2  . THR A 1 98  ? -0.009  -11.523 15.739  1.00 2.59 ? 606 THR A CG2  1 
ATOM 1453 H H    . THR A 1 98  ? 2.227   -12.579 15.833  1.00 2.17 ? 606 THR A H    1 
ATOM 1454 H HA   . THR A 1 98  ? 1.487   -12.991 13.017  1.00 2.27 ? 606 THR A HA   1 
ATOM 1455 H HB   . THR A 1 98  ? -0.230  -13.380 14.691  1.00 2.88 ? 606 THR A HB   1 
ATOM 1456 H HG1  . THR A 1 98  ? -1.575  -12.510 13.363  1.00 3.07 ? 606 THR A HG1  1 
ATOM 1457 H HG21 . THR A 1 98  ? 0.652   -10.676 15.634  1.00 2.86 ? 606 THR A HG21 1 
ATOM 1458 H HG22 . THR A 1 98  ? -1.017  -11.175 15.914  1.00 2.79 ? 606 THR A HG22 1 
ATOM 1459 H HG23 . THR A 1 98  ? 0.312   -12.130 16.572  1.00 2.87 ? 606 THR A HG23 1 
ATOM 1460 N N    . SER A 1 99  ? 2.758   -10.722 12.584  1.00 1.01 ? 607 SER A N    1 
ATOM 1461 C CA   . SER A 1 99  ? 3.100   -9.363  12.081  1.00 1.05 ? 607 SER A CA   1 
ATOM 1462 C C    . SER A 1 99  ? 2.283   -9.063  10.822  1.00 0.99 ? 607 SER A C    1 
ATOM 1463 O O    . SER A 1 99  ? 2.824   -8.847  9.756   1.00 1.38 ? 607 SER A O    1 
ATOM 1464 C CB   . SER A 1 99  ? 4.590   -9.304  11.746  1.00 1.59 ? 607 SER A CB   1 
ATOM 1465 O OG   . SER A 1 99  ? 5.236   -10.453 12.278  1.00 1.95 ? 607 SER A OG   1 
ATOM 1466 H H    . SER A 1 99  ? 3.308   -11.492 12.329  1.00 1.28 ? 607 SER A H    1 
ATOM 1467 H HA   . SER A 1 99  ? 2.872   -8.629  12.840  1.00 1.25 ? 607 SER A HA   1 
ATOM 1468 H HB2  . SER A 1 99  ? 4.721   -9.286  10.677  1.00 2.09 ? 607 SER A HB2  1 
ATOM 1469 H HB3  . SER A 1 99  ? 5.019   -8.407  12.173  1.00 2.07 ? 607 SER A HB3  1 
ATOM 1470 H HG   . SER A 1 99  ? 6.014   -10.629 11.741  1.00 2.25 ? 607 SER A HG   1 
ATOM 1471 N N    . THR A 1 100 ? 0.983   -9.048  10.935  1.00 0.72 ? 608 THR A N    1 
ATOM 1472 C CA   . THR A 1 100 ? 0.139   -8.761  9.745   1.00 0.78 ? 608 THR A CA   1 
ATOM 1473 C C    . THR A 1 100 ? -0.588  -7.433  9.944   1.00 0.70 ? 608 THR A C    1 
ATOM 1474 O O    . THR A 1 100 ? -0.747  -6.959  11.052  1.00 0.73 ? 608 THR A O    1 
ATOM 1475 C CB   . THR A 1 100 ? -0.889  -9.881  9.562   1.00 0.90 ? 608 THR A CB   1 
ATOM 1476 O OG1  . THR A 1 100 ? -1.282  -10.373 10.835  1.00 0.89 ? 608 THR A OG1  1 
ATOM 1477 C CG2  . THR A 1 100 ? -0.273  -11.017 8.742   1.00 1.04 ? 608 THR A CG2  1 
ATOM 1478 H H    . THR A 1 100 ? 0.565   -9.225  11.804  1.00 0.77 ? 608 THR A H    1 
ATOM 1479 H HA   . THR A 1 100 ? 0.765   -8.698  8.869   1.00 0.92 ? 608 THR A HA   1 
ATOM 1480 H HB   . THR A 1 100 ? -1.754  -9.496  9.043   1.00 1.04 ? 608 THR A HB   1 
ATOM 1481 H HG1  . THR A 1 100 ? -2.240  -10.433 10.848  1.00 1.22 ? 608 THR A HG1  1 
ATOM 1482 H HG21 . THR A 1 100 ? 0.522   -10.624 8.127   1.00 1.38 ? 608 THR A HG21 1 
ATOM 1483 H HG22 . THR A 1 100 ? 0.123   -11.767 9.408   1.00 1.54 ? 608 THR A HG22 1 
ATOM 1484 H HG23 . THR A 1 100 ? -1.032  -11.457 8.112   1.00 1.48 ? 608 THR A HG23 1 
ATOM 1485 N N    . ALA A 1 101 ? -1.031  -6.824  8.878   1.00 0.64 ? 609 ALA A N    1 
ATOM 1486 C CA   . ALA A 1 101 ? -1.745  -5.526  9.010   1.00 0.60 ? 609 ALA A CA   1 
ATOM 1487 C C    . ALA A 1 101 ? -2.704  -5.343  7.832   1.00 0.57 ? 609 ALA A C    1 
ATOM 1488 O O    . ALA A 1 101 ? -2.745  -6.146  6.919   1.00 0.58 ? 609 ALA A O    1 
ATOM 1489 C CB   . ALA A 1 101 ? -0.730  -4.384  9.037   1.00 0.57 ? 609 ALA A CB   1 
ATOM 1490 H H    . ALA A 1 101 ? -0.893  -7.220  7.992   1.00 0.66 ? 609 ALA A H    1 
ATOM 1491 H HA   . ALA A 1 101 ? -2.307  -5.526  9.931   1.00 0.62 ? 609 ALA A HA   1 
ATOM 1492 H HB1  . ALA A 1 101 ? 0.185   -4.703  8.565   1.00 1.17 ? 609 ALA A HB1  1 
ATOM 1493 H HB2  . ALA A 1 101 ? -1.131  -3.538  8.508   1.00 1.18 ? 609 ALA A HB2  1 
ATOM 1494 H HB3  . ALA A 1 101 ? -0.530  -4.105  10.060  1.00 1.13 ? 609 ALA A HB3  1 
ATOM 1495 N N    . THR A 1 102 ? -3.499  -4.306  7.860   1.00 0.59 ? 610 THR A N    1 
ATOM 1496 C CA   . THR A 1 102 ? -4.481  -4.094  6.761   1.00 0.59 ? 610 THR A CA   1 
ATOM 1497 C C    . THR A 1 102 ? -4.608  -2.614  6.386   1.00 0.52 ? 610 THR A C    1 
ATOM 1498 O O    . THR A 1 102 ? -4.595  -1.738  7.224   1.00 0.55 ? 610 THR A O    1 
ATOM 1499 C CB   . THR A 1 102 ? -5.848  -4.559  7.242   1.00 0.64 ? 610 THR A CB   1 
ATOM 1500 O OG1  . THR A 1 102 ? -5.703  -5.743  8.015   1.00 0.71 ? 610 THR A OG1  1 
ATOM 1501 C CG2  . THR A 1 102 ? -6.755  -4.834  6.040   1.00 0.70 ? 610 THR A CG2  1 
ATOM 1502 H H    . THR A 1 102 ? -3.465  -3.690  8.611   1.00 0.64 ? 610 THR A H    1 
ATOM 1503 H HA   . THR A 1 102 ? -4.194  -4.668  5.895   1.00 0.61 ? 610 THR A HA   1 
ATOM 1504 H HB   . THR A 1 102 ? -6.286  -3.778  7.849   1.00 0.63 ? 610 THR A HB   1 
ATOM 1505 H HG1  . THR A 1 102 ? -6.480  -5.833  8.570   1.00 1.09 ? 610 THR A HG1  1 
ATOM 1506 H HG21 . THR A 1 102 ? -6.364  -4.325  5.171   1.00 1.28 ? 610 THR A HG21 1 
ATOM 1507 H HG22 . THR A 1 102 ? -6.788  -5.897  5.849   1.00 1.18 ? 610 THR A HG22 1 
ATOM 1508 H HG23 . THR A 1 102 ? -7.751  -4.475  6.250   1.00 1.25 ? 610 THR A HG23 1 
ATOM 1509 N N    . VAL A 1 103 ? -4.794  -2.353  5.123   1.00 0.49 ? 611 VAL A N    1 
ATOM 1510 C CA   . VAL A 1 103 ? -4.995  -0.956  4.639   1.00 0.46 ? 611 VAL A CA   1 
ATOM 1511 C C    . VAL A 1 103 ? -5.804  -1.036  3.343   1.00 0.46 ? 611 VAL A C    1 
ATOM 1512 O O    . VAL A 1 103 ? -5.294  -1.400  2.304   1.00 0.52 ? 611 VAL A O    1 
ATOM 1513 C CB   . VAL A 1 103 ? -3.653  -0.275  4.375   1.00 0.47 ? 611 VAL A CB   1 
ATOM 1514 C CG1  . VAL A 1 103 ? -3.882  0.978   3.527   1.00 0.53 ? 611 VAL A CG1  1 
ATOM 1515 C CG2  . VAL A 1 103 ? -3.019  0.128   5.709   1.00 0.54 ? 611 VAL A CG2  1 
ATOM 1516 H H    . VAL A 1 103 ? -4.839  -3.093  4.485   1.00 0.52 ? 611 VAL A H    1 
ATOM 1517 H HA   . VAL A 1 103 ? -5.553  -0.396  5.378   1.00 0.48 ? 611 VAL A HA   1 
ATOM 1518 H HB   . VAL A 1 103 ? -2.996  -0.953  3.851   1.00 0.50 ? 611 VAL A HB   1 
ATOM 1519 H HG11 . VAL A 1 103 ? -4.847  1.402   3.767   1.00 1.13 ? 611 VAL A HG11 1 
ATOM 1520 H HG12 . VAL A 1 103 ? -3.110  1.702   3.738   1.00 1.19 ? 611 VAL A HG12 1 
ATOM 1521 H HG13 . VAL A 1 103 ? -3.856  0.715   2.480   1.00 1.16 ? 611 VAL A HG13 1 
ATOM 1522 H HG21 . VAL A 1 103 ? -3.007  -0.722  6.374   1.00 1.13 ? 611 VAL A HG21 1 
ATOM 1523 H HG22 . VAL A 1 103 ? -2.008  0.468   5.539   1.00 1.15 ? 611 VAL A HG22 1 
ATOM 1524 H HG23 . VAL A 1 103 ? -3.596  0.924   6.155   1.00 1.18 ? 611 VAL A HG23 1 
ATOM 1525 N N    . THR A 1 104 ? -7.075  -0.743  3.403   1.00 0.49 ? 612 THR A N    1 
ATOM 1526 C CA   . THR A 1 104 ? -7.920  -0.853  2.180   1.00 0.51 ? 612 THR A CA   1 
ATOM 1527 C C    . THR A 1 104 ? -7.741  0.357   1.266   1.00 0.47 ? 612 THR A C    1 
ATOM 1528 O O    . THR A 1 104 ? -8.391  1.372   1.419   1.00 0.52 ? 612 THR A O    1 
ATOM 1529 C CB   . THR A 1 104 ? -9.390  -0.966  2.585   1.00 0.59 ? 612 THR A CB   1 
ATOM 1530 O OG1  . THR A 1 104 ? -9.476  -1.316  3.960   1.00 0.72 ? 612 THR A OG1  1 
ATOM 1531 C CG2  . THR A 1 104 ? -10.066 -2.045  1.738   1.00 0.63 ? 612 THR A CG2  1 
ATOM 1532 H H    . THR A 1 104 ? -7.477  -0.483  4.258   1.00 0.55 ? 612 THR A H    1 
ATOM 1533 H HA   . THR A 1 104 ? -7.638  -1.740  1.637   1.00 0.52 ? 612 THR A HA   1 
ATOM 1534 H HB   . THR A 1 104 ? -9.885  -0.022  2.421   1.00 0.58 ? 612 THR A HB   1 
ATOM 1535 H HG1  . THR A 1 104 ? -10.404 -1.329  4.205   1.00 1.17 ? 612 THR A HG1  1 
ATOM 1536 H HG21 . THR A 1 104 ? -9.350  -2.458  1.040   1.00 1.22 ? 612 THR A HG21 1 
ATOM 1537 H HG22 . THR A 1 104 ? -10.436 -2.830  2.381   1.00 1.24 ? 612 THR A HG22 1 
ATOM 1538 H HG23 . THR A 1 104 ? -10.890 -1.610  1.191   1.00 1.15 ? 612 THR A HG23 1 
ATOM 1539 N N    . ASP A 1 105 ? -6.891  0.234   0.285   1.00 0.42 ? 613 ASP A N    1 
ATOM 1540 C CA   . ASP A 1 105 ? -6.695  1.346   -0.680  1.00 0.39 ? 613 ASP A CA   1 
ATOM 1541 C C    . ASP A 1 105 ? -7.719  1.187   -1.802  1.00 0.38 ? 613 ASP A C    1 
ATOM 1542 O O    . ASP A 1 105 ? -7.868  0.130   -2.378  1.00 0.43 ? 613 ASP A O    1 
ATOM 1543 C CB   . ASP A 1 105 ? -5.286  1.282   -1.267  1.00 0.39 ? 613 ASP A CB   1 
ATOM 1544 C CG   . ASP A 1 105 ? -4.264  1.645   -0.189  1.00 0.73 ? 613 ASP A CG   1 
ATOM 1545 O OD1  . ASP A 1 105 ? -4.676  1.869   0.938   1.00 1.39 ? 613 ASP A OD1  1 
ATOM 1546 O OD2  . ASP A 1 105 ? -3.088  1.690   -0.507  1.00 1.46 ? 613 ASP A OD2  1 
ATOM 1547 H H    . ASP A 1 105 ? -6.402  -0.607  0.165   1.00 0.45 ? 613 ASP A H    1 
ATOM 1548 H HA   . ASP A 1 105 ? -6.836  2.298   -0.191  1.00 0.41 ? 613 ASP A HA   1 
ATOM 1549 H HB2  . ASP A 1 105 ? -5.092  0.283   -1.629  1.00 0.64 ? 613 ASP A HB2  1 
ATOM 1550 H HB3  . ASP A 1 105 ? -5.211  1.985   -2.083  1.00 0.57 ? 613 ASP A HB3  1 
ATOM 1551 N N    . THR A 1 106 ? -8.433  2.215   -2.122  1.00 0.39 ? 614 THR A N    1 
ATOM 1552 C CA   . THR A 1 106 ? -9.434  2.084   -3.213  1.00 0.39 ? 614 THR A CA   1 
ATOM 1553 C C    . THR A 1 106 ? -8.882  2.740   -4.469  1.00 0.37 ? 614 THR A C    1 
ATOM 1554 O O    . THR A 1 106 ? -8.287  3.798   -4.409  1.00 0.41 ? 614 THR A O    1 
ATOM 1555 C CB   . THR A 1 106 ? -10.741 2.769   -2.828  1.00 0.46 ? 614 THR A CB   1 
ATOM 1556 O OG1  . THR A 1 106 ? -11.368 2.045   -1.778  1.00 0.50 ? 614 THR A OG1  1 
ATOM 1557 C CG2  . THR A 1 106 ? -11.653 2.796   -4.053  1.00 0.48 ? 614 THR A CG2  1 
ATOM 1558 H H    . THR A 1 106 ? -8.310  3.064   -1.654  1.00 0.44 ? 614 THR A H    1 
ATOM 1559 H HA   . THR A 1 106 ? -9.619  1.038   -3.408  1.00 0.38 ? 614 THR A HA   1 
ATOM 1560 H HB   . THR A 1 106 ? -10.543 3.780   -2.508  1.00 0.49 ? 614 THR A HB   1 
ATOM 1561 H HG1  . THR A 1 106 ? -10.820 2.128   -0.993  1.00 0.99 ? 614 THR A HG1  1 
ATOM 1562 H HG21 . THR A 1 106 ? -11.136 2.347   -4.894  1.00 1.11 ? 614 THR A HG21 1 
ATOM 1563 H HG22 . THR A 1 106 ? -12.554 2.238   -3.846  1.00 1.16 ? 614 THR A HG22 1 
ATOM 1564 H HG23 . THR A 1 106 ? -11.908 3.817   -4.293  1.00 1.11 ? 614 THR A HG23 1 
ATOM 1565 N N    . TRP A 1 107 ? -9.061  2.135   -5.608  1.00 0.35 ? 615 TRP A N    1 
ATOM 1566 C CA   . TRP A 1 107 ? -8.518  2.771   -6.837  1.00 0.36 ? 615 TRP A CA   1 
ATOM 1567 C C    . TRP A 1 107 ? -9.656  3.113   -7.802  1.00 0.41 ? 615 TRP A C    1 
ATOM 1568 O O    . TRP A 1 107 ? -9.559  4.039   -8.582  1.00 0.54 ? 615 TRP A O    1 
ATOM 1569 C CB   . TRP A 1 107 ? -7.526  1.829   -7.511  1.00 0.34 ? 615 TRP A CB   1 
ATOM 1570 C CG   . TRP A 1 107 ? -7.284  2.266   -8.910  1.00 0.41 ? 615 TRP A CG   1 
ATOM 1571 C CD1  . TRP A 1 107 ? -8.116  2.072   -9.958  1.00 0.46 ? 615 TRP A CD1  1 
ATOM 1572 C CD2  . TRP A 1 107 ? -6.131  2.965   -9.423  1.00 0.49 ? 615 TRP A CD2  1 
ATOM 1573 N NE1  . TRP A 1 107 ? -7.538  2.622   -11.088 1.00 0.55 ? 615 TRP A NE1  1 
ATOM 1574 C CE2  . TRP A 1 107 ? -6.308  3.185   -10.806 1.00 0.58 ? 615 TRP A CE2  1 
ATOM 1575 C CE3  . TRP A 1 107 ? -4.959  3.426   -8.814  1.00 0.54 ? 615 TRP A CE3  1 
ATOM 1576 C CZ2  . TRP A 1 107 ? -5.346  3.845   -11.565 1.00 0.71 ? 615 TRP A CZ2  1 
ATOM 1577 C CZ3  . TRP A 1 107 ? -3.983  4.088   -9.570  1.00 0.67 ? 615 TRP A CZ3  1 
ATOM 1578 C CH2  . TRP A 1 107 ? -4.179  4.300   -10.943 1.00 0.75 ? 615 TRP A CH2  1 
ATOM 1579 H H    . TRP A 1 107 ? -9.540  1.276   -5.652  1.00 0.35 ? 615 TRP A H    1 
ATOM 1580 H HA   . TRP A 1 107 ? -8.001  3.672   -6.552  1.00 0.39 ? 615 TRP A HA   1 
ATOM 1581 H HB2  . TRP A 1 107 ? -6.593  1.857   -6.972  1.00 0.34 ? 615 TRP A HB2  1 
ATOM 1582 H HB3  . TRP A 1 107 ? -7.912  0.829   -7.503  1.00 0.34 ? 615 TRP A HB3  1 
ATOM 1583 H HD1  . TRP A 1 107 ? -9.072  1.572   -9.918  1.00 0.46 ? 615 TRP A HD1  1 
ATOM 1584 H HE1  . TRP A 1 107 ? -7.934  2.620   -11.985 1.00 0.61 ? 615 TRP A HE1  1 
ATOM 1585 H HE3  . TRP A 1 107 ? -4.805  3.251   -7.755  1.00 0.48 ? 615 TRP A HE3  1 
ATOM 1586 H HZ2  . TRP A 1 107 ? -5.499  4.004   -12.621 1.00 0.78 ? 615 TRP A HZ2  1 
ATOM 1587 H HZ3  . TRP A 1 107 ? -3.081  4.442   -9.092  1.00 0.72 ? 615 TRP A HZ3  1 
ATOM 1588 H HH2  . TRP A 1 107 ? -3.428  4.804   -11.523 1.00 0.86 ? 615 TRP A HH2  1 
ATOM 1589 N N    . ARG A 1 108 ? -10.730 2.376   -7.761  1.00 0.51 ? 616 ARG A N    1 
ATOM 1590 C CA   . ARG A 1 108 ? -11.863 2.670   -8.684  1.00 0.57 ? 616 ARG A CA   1 
ATOM 1591 C C    . ARG A 1 108 ? -12.579 3.941   -8.221  1.00 0.68 ? 616 ARG A C    1 
ATOM 1592 O O    . ARG A 1 108 ? -13.682 3.824   -7.714  1.00 1.29 ? 616 ARG A O    1 
ATOM 1593 C CB   . ARG A 1 108 ? -12.847 1.501   -8.676  1.00 0.82 ? 616 ARG A CB   1 
ATOM 1594 C CG   . ARG A 1 108 ? -14.103 1.887   -9.459  1.00 0.93 ? 616 ARG A CG   1 
ATOM 1595 C CD   . ARG A 1 108 ? -14.633 0.661   -10.202 1.00 1.50 ? 616 ARG A CD   1 
ATOM 1596 N NE   . ARG A 1 108 ? -16.117 0.618   -10.098 1.00 2.00 ? 616 ARG A NE   1 
ATOM 1597 C CZ   . ARG A 1 108 ? -16.828 1.649   -10.466 1.00 2.55 ? 616 ARG A CZ   1 
ATOM 1598 N NH1  . ARG A 1 108 ? -16.911 1.968   -11.729 1.00 3.07 ? 616 ARG A NH1  1 
ATOM 1599 N NH2  . ARG A 1 108 ? -17.454 2.364   -9.568  1.00 3.18 ? 616 ARG A NH2  1 
ATOM 1600 O OXT  . ARG A 1 108 ? -12.011 5.009   -8.382  1.00 1.34 ? 616 ARG A OXT  1 
ATOM 1601 H H    . ARG A 1 108 ? -10.793 1.631   -7.128  1.00 0.64 ? 616 ARG A H    1 
ATOM 1602 H HA   . ARG A 1 108 ? -11.482 2.814   -9.684  1.00 0.56 ? 616 ARG A HA   1 
ATOM 1603 H HB2  . ARG A 1 108 ? -12.387 0.641   -9.137  1.00 0.96 ? 616 ARG A HB2  1 
ATOM 1604 H HB3  . ARG A 1 108 ? -13.119 1.264   -7.659  1.00 0.98 ? 616 ARG A HB3  1 
ATOM 1605 H HG2  . ARG A 1 108 ? -14.857 2.251   -8.775  1.00 1.47 ? 616 ARG A HG2  1 
ATOM 1606 H HG3  . ARG A 1 108 ? -13.860 2.660   -10.173 1.00 1.26 ? 616 ARG A HG3  1 
ATOM 1607 H HD2  . ARG A 1 108 ? -14.345 0.716   -11.241 1.00 2.02 ? 616 ARG A HD2  1 
ATOM 1608 H HD3  . ARG A 1 108 ? -14.217 -0.233  -9.761  1.00 2.06 ? 616 ARG A HD3  1 
ATOM 1609 H HE   . ARG A 1 108 ? -16.562 -0.185  -9.755  1.00 2.43 ? 616 ARG A HE   1 
ATOM 1610 H HH11 . ARG A 1 108 ? -16.431 1.423   -12.414 1.00 3.17 ? 616 ARG A HH11 1 
ATOM 1611 H HH12 . ARG A 1 108 ? -17.455 2.760   -12.010 1.00 3.71 ? 616 ARG A HH12 1 
ATOM 1612 H HH21 . ARG A 1 108 ? -17.389 2.118   -8.600  1.00 3.38 ? 616 ARG A HH21 1 
ATOM 1613 H HH22 . ARG A 1 108 ? -17.999 3.154   -9.849  1.00 3.77 ? 616 ARG A HH22 1 
# 
